data_2ICW
#
_entry.id   2ICW
#
_cell.length_a   61.516
_cell.length_b   86.822
_cell.length_c   116.981
_cell.angle_alpha   110.270
_cell.angle_beta   92.320
_cell.angle_gamma   107.870
#
_symmetry.space_group_name_H-M   'P 1'
#
loop_
_entity.id
_entity.type
_entity.pdbx_description
1 polymer 'HLA class II histocompatibility antigen, DR alpha chain'
2 polymer 'HLA class II histocompatibility antigen, DRB1-1 beta chain'
3 polymer 'haemagglutinin peptide'
4 polymer 'Mycoplasma arthritidis mitogen'
5 polymer 'T-cell receptor alpha chain V'
6 polymer 'T-cell receptor beta chain V'
7 water water
#
loop_
_entity_poly.entity_id
_entity_poly.type
_entity_poly.pdbx_seq_one_letter_code
_entity_poly.pdbx_strand_id
1 'polypeptide(L)'
;EEHVIIQAEFYLNPDQSGEF(MSE)FDFDGDEIFHVD(MSE)AKKETVWRLEEFGRFASFEAQGALANIAVDKANLEI
(MSE)TKRSNYTPITNVPPEVTVLTNSPVELREPNVLICFIDKFTPPVVNVTWLRNGKPVTTGVSETVFLPREDHLFRKF
HYLPFLPSTEDVYDCRVEHWGLDEPLLKHWEFD
;
A,D
2 'polypeptide(L)'
;GDTRPRFLWQLKFECHFFNGTERVRLLERCIYNQEESVRFDSDVGEYRAVTELGRPDAEYWNSQKDLLEQRRAAVDTYCR
HNYGVGESFTVQRRVEPKVTVYPSKTQPLQHHNLLVCSVSGFYPGSIEVRWFRNGQEEKAGVVSTGLIQNGDWTFQTLVM
LETVPRSGEVYTCQVEHPSVTSPLTVEWRA
;
B,E
3 'polypeptide(L)' PKYVKQNTLKLAT C,F
4 'polypeptide(L)'
;MKLRVENPKKAQKHFVQNLNNVVFTNKELEDIYNLSNKEETKEVLKLFKLKVNQFYRHAFGIVNDYNGLLEYKEIFNMMF
LKLSVVFDTQRKEANNVEQIKRNIAILDEIMAKADNDLSYFISQNKNFQELWDKAVKLTKEMKIKLKGQKLDLRDGEVAI
NKVRELFGSDKNVKELWWFRSLLVKGVYLIKRYYEGDIELKTTSDFAKAVFED
;
G,H
5 'polypeptide(L)'
;QSVTQPDARVTVSEGASLQLRCKYSYSATPYLFWYVQYPRQGPQLLLKYYSGDPVVQGVNGFEAEFSKSNSSFHLRKASV
HRSDSAVYFCAVSGFASALTFGSGTKVIVL
;
I,K
6 'polypeptide(L)'
;EAAVTQSPRNKVAVTGEKVTLSCNQTNNHNNMYWYRQDTGHELRLIHYSYGAGSTEKGDIPDGYKASRPSQENFSLILES
ATPSQTSVYFCASGGGGTLYFGAGTRLSVLSSA
;
J,L
#
# COMPACT_ATOMS: atom_id res chain seq x y z
N GLU A 1 34.76 -21.29 -13.46
CA GLU A 1 33.48 -20.61 -13.07
C GLU A 1 32.71 -20.13 -14.29
N GLU A 2 31.40 -20.00 -14.15
CA GLU A 2 30.57 -19.58 -15.25
C GLU A 2 29.73 -18.34 -14.91
N HIS A 3 29.09 -18.34 -13.76
CA HIS A 3 28.25 -17.21 -13.37
C HIS A 3 28.31 -16.90 -11.89
N VAL A 4 28.06 -15.64 -11.55
CA VAL A 4 28.08 -15.21 -10.18
C VAL A 4 26.93 -14.25 -9.91
N ILE A 5 26.13 -14.56 -8.92
CA ILE A 5 25.05 -13.67 -8.55
C ILE A 5 25.40 -13.16 -7.18
N ILE A 6 25.38 -11.85 -7.02
CA ILE A 6 25.72 -11.27 -5.73
C ILE A 6 24.64 -10.35 -5.19
N GLN A 7 24.32 -10.58 -3.92
CA GLN A 7 23.35 -9.75 -3.20
C GLN A 7 24.32 -8.86 -2.41
N ALA A 8 24.37 -7.58 -2.74
CA ALA A 8 25.27 -6.67 -2.05
C ALA A 8 24.51 -5.58 -1.31
N GLU A 9 24.87 -5.38 -0.05
CA GLU A 9 24.25 -4.38 0.82
C GLU A 9 25.33 -3.60 1.57
N PHE A 10 25.07 -2.33 1.84
CA PHE A 10 26.00 -1.56 2.65
C PHE A 10 25.26 -0.45 3.41
N TYR A 11 25.86 0.00 4.50
CA TYR A 11 25.31 1.09 5.25
C TYR A 11 26.54 1.92 5.62
N LEU A 12 26.44 3.23 5.44
CA LEU A 12 27.55 4.15 5.70
C LEU A 12 27.25 5.30 6.67
N ASN A 13 28.09 5.45 7.69
CA ASN A 13 27.94 6.55 8.66
C ASN A 13 29.10 7.52 8.42
N PRO A 14 28.89 8.81 8.73
CA PRO A 14 27.68 9.41 9.28
C PRO A 14 26.68 9.86 8.23
N ASP A 15 26.88 9.44 7.00
CA ASP A 15 25.97 9.87 5.95
C ASP A 15 24.60 9.19 6.06
N GLN A 16 24.54 8.10 6.81
CA GLN A 16 23.32 7.34 6.95
C GLN A 16 22.79 6.97 5.58
N SER A 17 23.65 6.38 4.77
CA SER A 17 23.31 5.95 3.43
C SER A 17 23.36 4.45 3.37
N GLY A 18 22.37 3.86 2.73
CA GLY A 18 22.35 2.42 2.64
C GLY A 18 21.95 1.99 1.25
N GLU A 19 22.29 0.78 0.89
CA GLU A 19 21.96 0.29 -0.43
C GLU A 19 21.73 -1.21 -0.41
N PHE A 20 20.81 -1.65 -1.26
CA PHE A 20 20.48 -3.06 -1.36
C PHE A 20 20.38 -3.36 -2.85
N MSE A 21 21.13 -4.34 -3.32
CA MSE A 21 21.10 -4.63 -4.75
C MSE A 21 21.57 -6.05 -5.11
O MSE A 21 22.24 -6.71 -4.34
CB MSE A 21 21.92 -3.57 -5.46
CG MSE A 21 22.57 -3.99 -6.74
SE MSE A 21 24.41 -4.47 -6.45
CE MSE A 21 25.19 -2.80 -7.02
N PHE A 22 21.17 -6.49 -6.30
CA PHE A 22 21.56 -7.81 -6.79
C PHE A 22 22.43 -7.63 -8.03
N ASP A 23 23.48 -8.42 -8.09
CA ASP A 23 24.45 -8.36 -9.18
C ASP A 23 24.54 -9.68 -9.92
N PHE A 24 24.62 -9.60 -11.25
CA PHE A 24 24.80 -10.80 -12.08
C PHE A 24 26.00 -10.55 -12.99
N ASP A 25 27.06 -11.34 -12.81
CA ASP A 25 28.27 -11.19 -13.62
C ASP A 25 28.68 -9.72 -13.79
N GLY A 26 28.66 -8.96 -12.71
CA GLY A 26 29.05 -7.57 -12.78
C GLY A 26 27.99 -6.58 -13.20
N ASP A 27 26.84 -7.06 -13.65
CA ASP A 27 25.78 -6.15 -14.05
C ASP A 27 24.67 -6.14 -13.01
N GLU A 28 24.05 -4.99 -12.84
CA GLU A 28 22.99 -4.86 -11.85
C GLU A 28 21.63 -5.37 -12.34
N ILE A 29 21.02 -6.27 -11.56
CA ILE A 29 19.70 -6.78 -11.94
C ILE A 29 18.70 -5.76 -11.40
N PHE A 30 18.95 -5.29 -10.18
CA PHE A 30 18.07 -4.31 -9.58
C PHE A 30 18.63 -3.84 -8.23
N HIS A 31 17.96 -2.86 -7.64
CA HIS A 31 18.31 -2.36 -6.32
C HIS A 31 17.01 -1.80 -5.79
N VAL A 32 16.87 -1.64 -4.48
CA VAL A 32 15.63 -1.05 -4.02
C VAL A 32 15.98 0.32 -3.47
N ASP A 33 15.22 1.33 -3.90
CA ASP A 33 15.42 2.71 -3.50
C ASP A 33 15.27 2.96 -2.00
N MSE A 34 16.32 3.54 -1.42
CA MSE A 34 16.37 3.88 0.01
C MSE A 34 15.04 4.51 0.45
O MSE A 34 14.26 3.91 1.20
CB MSE A 34 17.47 4.92 0.28
CG MSE A 34 18.92 4.50 0.06
SE MSE A 34 20.18 5.90 0.72
CE MSE A 34 20.91 6.51 -0.99
N ALA A 35 14.83 5.74 -0.03
CA ALA A 35 13.67 6.55 0.28
C ALA A 35 12.31 6.05 -0.20
N LYS A 36 12.19 5.80 -1.50
CA LYS A 36 10.91 5.34 -2.03
C LYS A 36 10.57 3.92 -1.59
N LYS A 37 11.59 3.17 -1.18
CA LYS A 37 11.39 1.79 -0.75
C LYS A 37 10.62 0.98 -1.80
N GLU A 38 11.14 0.99 -3.04
CA GLU A 38 10.55 0.25 -4.14
C GLU A 38 11.65 -0.38 -4.99
N THR A 39 11.33 -1.51 -5.60
CA THR A 39 12.28 -2.24 -6.44
C THR A 39 12.45 -1.55 -7.79
N VAL A 40 13.68 -1.24 -8.14
CA VAL A 40 14.00 -0.56 -9.39
C VAL A 40 14.84 -1.48 -10.29
N TRP A 41 14.25 -1.94 -11.39
CA TRP A 41 14.95 -2.84 -12.31
C TRP A 41 15.93 -2.10 -13.22
N ARG A 42 17.14 -2.62 -13.34
CA ARG A 42 18.16 -2.00 -14.18
C ARG A 42 17.66 -1.85 -15.62
N LEU A 43 17.01 -2.90 -16.10
CA LEU A 43 16.41 -2.91 -17.44
C LEU A 43 14.91 -3.14 -17.23
N GLU A 44 14.10 -2.19 -17.70
CA GLU A 44 12.64 -2.24 -17.58
C GLU A 44 12.09 -3.64 -17.77
N GLU A 45 12.63 -4.35 -18.75
CA GLU A 45 12.21 -5.69 -19.08
C GLU A 45 12.22 -6.65 -17.89
N PHE A 46 13.33 -6.68 -17.16
CA PHE A 46 13.48 -7.57 -16.01
C PHE A 46 12.22 -7.63 -15.14
N GLY A 47 11.65 -6.47 -14.84
CA GLY A 47 10.46 -6.42 -14.02
C GLY A 47 9.26 -7.16 -14.61
N ARG A 48 9.27 -7.35 -15.92
CA ARG A 48 8.21 -8.06 -16.62
C ARG A 48 8.32 -9.55 -16.33
N PHE A 49 9.51 -9.99 -15.96
CA PHE A 49 9.77 -11.42 -15.72
C PHE A 49 10.05 -11.83 -14.29
N ALA A 50 10.40 -10.88 -13.44
CA ALA A 50 10.70 -11.21 -12.05
C ALA A 50 10.14 -10.19 -11.08
N SER A 51 10.26 -10.47 -9.79
CA SER A 51 9.76 -9.53 -8.80
C SER A 51 10.52 -9.66 -7.49
N PHE A 52 10.50 -8.59 -6.71
CA PHE A 52 11.14 -8.58 -5.41
C PHE A 52 10.33 -7.75 -4.40
N GLU A 53 10.17 -8.30 -3.20
CA GLU A 53 9.44 -7.58 -2.16
C GLU A 53 10.40 -6.57 -1.53
N ALA A 54 10.28 -5.31 -1.93
CA ALA A 54 11.14 -4.25 -1.42
C ALA A 54 11.28 -4.28 0.11
N GLN A 55 10.17 -4.55 0.79
CA GLN A 55 10.16 -4.60 2.25
C GLN A 55 11.29 -5.45 2.83
N GLY A 56 11.74 -6.44 2.07
CA GLY A 56 12.81 -7.30 2.56
C GLY A 56 14.11 -6.53 2.68
N ALA A 57 14.33 -5.60 1.77
CA ALA A 57 15.55 -4.77 1.77
C ALA A 57 15.55 -3.90 3.02
N LEU A 58 14.38 -3.39 3.34
CA LEU A 58 14.21 -2.54 4.51
C LEU A 58 14.62 -3.29 5.78
N ALA A 59 14.13 -4.50 5.94
CA ALA A 59 14.50 -5.26 7.14
C ALA A 59 16.00 -5.41 7.21
N ASN A 60 16.59 -5.86 6.10
CA ASN A 60 18.05 -6.07 6.00
C ASN A 60 18.89 -4.83 6.25
N ILE A 61 18.62 -3.76 5.52
CA ILE A 61 19.35 -2.53 5.71
C ILE A 61 19.23 -2.11 7.18
N ALA A 62 18.04 -2.27 7.77
CA ALA A 62 17.84 -1.89 9.17
C ALA A 62 18.82 -2.63 10.06
N VAL A 63 19.00 -3.92 9.83
CA VAL A 63 19.94 -4.67 10.66
C VAL A 63 21.37 -4.26 10.28
N ASP A 64 21.59 -3.95 9.01
CA ASP A 64 22.91 -3.53 8.54
C ASP A 64 23.32 -2.29 9.31
N LYS A 65 22.40 -1.32 9.45
CA LYS A 65 22.69 -0.09 10.20
C LYS A 65 23.03 -0.42 11.65
N ALA A 66 22.25 -1.29 12.27
CA ALA A 66 22.52 -1.67 13.66
C ALA A 66 23.90 -2.28 13.75
N ASN A 67 24.27 -3.09 12.74
CA ASN A 67 25.58 -3.73 12.76
C ASN A 67 26.74 -2.75 12.53
N LEU A 68 26.53 -1.70 11.74
CA LEU A 68 27.60 -0.74 11.49
C LEU A 68 27.96 -0.11 12.84
N GLU A 69 26.92 0.13 13.64
CA GLU A 69 27.11 0.71 14.95
C GLU A 69 27.93 -0.22 15.84
N ILE A 70 27.48 -1.47 15.92
CA ILE A 70 28.14 -2.46 16.75
C ILE A 70 29.59 -2.58 16.33
N MSE A 71 29.80 -2.72 15.02
CA MSE A 71 31.13 -2.87 14.44
C MSE A 71 32.04 -1.66 14.63
O MSE A 71 33.22 -1.79 15.02
CB MSE A 71 31.01 -3.20 12.96
CG MSE A 71 32.22 -3.85 12.37
SE MSE A 71 32.64 -5.44 13.37
CE MSE A 71 34.14 -4.77 14.39
N THR A 72 31.52 -0.47 14.35
CA THR A 72 32.30 0.73 14.53
C THR A 72 32.85 0.74 15.95
N LYS A 73 31.97 0.49 16.93
CA LYS A 73 32.38 0.50 18.33
C LYS A 73 33.36 -0.63 18.66
N ARG A 74 33.07 -1.84 18.23
CA ARG A 74 33.95 -2.96 18.51
C ARG A 74 35.36 -2.67 17.95
N SER A 75 35.41 -1.94 16.84
CA SER A 75 36.68 -1.62 16.18
C SER A 75 37.34 -0.45 16.84
N ASN A 76 36.69 0.11 17.86
CA ASN A 76 37.29 1.23 18.55
C ASN A 76 37.27 2.48 17.68
N TYR A 77 36.17 2.66 16.96
CA TYR A 77 36.01 3.82 16.10
C TYR A 77 37.11 4.00 15.07
N THR A 78 37.53 2.88 14.49
CA THR A 78 38.55 2.91 13.45
C THR A 78 37.85 3.32 12.17
N PRO A 79 38.18 4.50 11.64
CA PRO A 79 37.56 5.00 10.41
C PRO A 79 38.10 4.32 9.14
N ILE A 80 37.37 4.48 8.05
CA ILE A 80 37.78 3.88 6.77
C ILE A 80 38.83 4.76 6.08
N THR A 81 39.77 4.12 5.39
CA THR A 81 40.79 4.86 4.66
C THR A 81 40.22 5.14 3.27
N ASN A 82 40.29 6.40 2.84
CA ASN A 82 39.78 6.78 1.54
C ASN A 82 40.63 6.20 0.40
N VAL A 83 39.98 5.70 -0.64
CA VAL A 83 40.70 5.18 -1.78
C VAL A 83 40.11 5.94 -2.97
N PRO A 84 40.93 6.77 -3.64
CA PRO A 84 40.49 7.57 -4.78
C PRO A 84 39.99 6.71 -5.93
N PRO A 85 39.07 7.24 -6.73
CA PRO A 85 38.52 6.52 -7.87
C PRO A 85 39.44 6.68 -9.09
N GLU A 86 39.16 5.87 -10.12
CA GLU A 86 39.90 5.90 -11.37
C GLU A 86 38.79 6.28 -12.34
N VAL A 87 38.94 7.42 -13.01
CA VAL A 87 37.93 7.88 -13.93
C VAL A 87 38.32 7.76 -15.39
N THR A 88 37.42 7.21 -16.18
CA THR A 88 37.62 7.04 -17.60
C THR A 88 36.32 7.46 -18.27
N VAL A 89 36.46 8.12 -19.42
CA VAL A 89 35.29 8.56 -20.16
C VAL A 89 35.36 8.06 -21.59
N LEU A 90 34.26 7.51 -22.09
CA LEU A 90 34.23 7.04 -23.45
C LEU A 90 32.79 6.89 -23.92
N THR A 91 32.62 6.83 -25.23
CA THR A 91 31.29 6.74 -25.84
C THR A 91 30.71 5.33 -25.90
N ASN A 92 29.40 5.27 -26.04
CA ASN A 92 28.67 4.01 -26.12
C ASN A 92 29.03 3.24 -27.39
N SER A 93 29.35 3.99 -28.45
CA SER A 93 29.72 3.42 -29.74
C SER A 93 30.51 4.47 -30.51
N PRO A 94 31.15 4.09 -31.63
CA PRO A 94 31.93 5.04 -32.44
C PRO A 94 31.12 6.27 -32.83
N VAL A 95 31.71 7.44 -32.63
CA VAL A 95 31.02 8.70 -32.92
C VAL A 95 30.99 9.13 -34.38
N GLU A 96 29.99 9.95 -34.69
CA GLU A 96 29.77 10.49 -36.03
C GLU A 96 28.86 11.70 -35.86
N LEU A 97 29.36 12.87 -36.23
CA LEU A 97 28.56 14.09 -36.11
C LEU A 97 27.13 13.84 -36.58
N ARG A 98 26.17 14.51 -35.95
CA ARG A 98 24.76 14.33 -36.32
C ARG A 98 24.23 12.96 -35.92
N GLU A 99 25.04 12.18 -35.21
CA GLU A 99 24.63 10.83 -34.78
C GLU A 99 24.52 10.72 -33.26
N PRO A 100 23.28 10.60 -32.74
CA PRO A 100 23.02 10.48 -31.30
C PRO A 100 23.90 9.41 -30.67
N ASN A 101 24.64 9.79 -29.64
CA ASN A 101 25.52 8.84 -28.96
C ASN A 101 25.38 9.06 -27.44
N VAL A 102 26.09 8.26 -26.67
CA VAL A 102 26.05 8.36 -25.21
C VAL A 102 27.45 8.41 -24.61
N LEU A 103 27.68 9.39 -23.76
CA LEU A 103 28.97 9.54 -23.10
C LEU A 103 28.88 8.79 -21.77
N ILE A 104 29.84 7.91 -21.50
CA ILE A 104 29.85 7.11 -20.26
C ILE A 104 31.01 7.49 -19.36
N CYS A 105 30.71 7.78 -18.10
CA CYS A 105 31.76 8.12 -17.16
C CYS A 105 31.92 6.98 -16.15
N PHE A 106 33.06 6.28 -16.23
CA PHE A 106 33.35 5.14 -15.35
C PHE A 106 34.08 5.60 -14.09
N ILE A 107 33.48 5.34 -12.92
CA ILE A 107 34.12 5.68 -11.67
C ILE A 107 34.40 4.29 -11.10
N ASP A 108 35.66 4.01 -10.84
CA ASP A 108 36.02 2.66 -10.42
C ASP A 108 37.04 2.63 -9.29
N LYS A 109 37.14 1.47 -8.64
CA LYS A 109 38.08 1.23 -7.57
C LYS A 109 38.15 2.31 -6.47
N PHE A 110 37.03 2.69 -5.89
CA PHE A 110 37.06 3.71 -4.84
C PHE A 110 36.20 3.32 -3.66
N THR A 111 36.39 4.06 -2.56
CA THR A 111 35.61 3.89 -1.34
C THR A 111 36.01 5.04 -0.42
N PRO A 112 35.09 5.48 0.48
CA PRO A 112 33.74 4.97 0.69
C PRO A 112 32.82 5.27 -0.47
N PRO A 113 31.62 4.65 -0.50
CA PRO A 113 30.64 4.86 -1.56
C PRO A 113 29.93 6.21 -1.57
N VAL A 114 30.70 7.29 -1.74
CA VAL A 114 30.13 8.65 -1.80
C VAL A 114 30.92 9.47 -2.81
N VAL A 115 30.23 10.00 -3.80
CA VAL A 115 30.92 10.76 -4.83
C VAL A 115 29.97 11.79 -5.47
N ASN A 116 30.51 12.91 -5.92
CA ASN A 116 29.68 13.91 -6.59
C ASN A 116 30.13 13.96 -8.05
N VAL A 117 29.21 13.73 -8.96
CA VAL A 117 29.56 13.73 -10.36
C VAL A 117 28.73 14.73 -11.16
N THR A 118 29.41 15.62 -11.88
CA THR A 118 28.69 16.59 -12.70
C THR A 118 29.29 16.60 -14.10
N TRP A 119 28.43 16.69 -15.12
CA TRP A 119 28.85 16.73 -16.51
C TRP A 119 29.05 18.19 -16.97
N LEU A 120 30.13 18.45 -17.68
CA LEU A 120 30.41 19.79 -18.18
C LEU A 120 30.53 19.86 -19.70
N ARG A 121 29.84 20.82 -20.30
CA ARG A 121 29.92 21.01 -21.75
C ARG A 121 30.49 22.40 -21.97
N ASN A 122 31.74 22.46 -22.39
CA ASN A 122 32.41 23.73 -22.62
C ASN A 122 32.52 24.48 -21.30
N GLY A 123 32.62 23.73 -20.20
CA GLY A 123 32.74 24.36 -18.90
C GLY A 123 31.39 24.59 -18.23
N LYS A 124 30.32 24.42 -18.98
CA LYS A 124 28.99 24.62 -18.42
C LYS A 124 28.29 23.31 -18.09
N PRO A 125 27.75 23.21 -16.87
CA PRO A 125 27.04 22.01 -16.39
C PRO A 125 25.89 21.58 -17.30
N VAL A 126 25.81 20.28 -17.55
CA VAL A 126 24.74 19.74 -18.39
C VAL A 126 24.00 18.68 -17.59
N THR A 127 22.67 18.79 -17.56
CA THR A 127 21.85 17.84 -16.82
C THR A 127 20.85 17.15 -17.72
N THR A 128 20.56 17.78 -18.86
CA THR A 128 19.59 17.22 -19.79
C THR A 128 19.86 15.78 -20.20
N GLY A 129 18.96 14.90 -19.77
CA GLY A 129 19.07 13.49 -20.09
C GLY A 129 20.12 12.69 -19.34
N VAL A 130 20.89 13.33 -18.48
CA VAL A 130 21.91 12.59 -17.75
C VAL A 130 21.27 11.47 -16.96
N SER A 131 22.07 10.46 -16.66
CA SER A 131 21.58 9.30 -15.94
C SER A 131 22.70 8.71 -15.12
N GLU A 132 22.37 7.90 -14.13
CA GLU A 132 23.41 7.30 -13.32
C GLU A 132 23.02 5.96 -12.73
N THR A 133 24.03 5.31 -12.19
CA THR A 133 23.91 3.99 -11.62
C THR A 133 24.12 4.07 -10.11
N VAL A 134 23.75 3.03 -9.38
CA VAL A 134 23.99 3.03 -7.94
C VAL A 134 25.34 2.37 -7.72
N PHE A 135 25.92 2.52 -6.54
CA PHE A 135 27.22 1.93 -6.27
C PHE A 135 27.25 0.40 -6.47
N LEU A 136 28.03 -0.05 -7.45
CA LEU A 136 28.17 -1.48 -7.79
C LEU A 136 29.34 -2.08 -7.03
N PRO A 137 29.23 -3.35 -6.63
CA PRO A 137 30.29 -4.04 -5.88
C PRO A 137 31.52 -4.50 -6.67
N ARG A 138 32.61 -4.78 -5.97
CA ARG A 138 33.85 -5.25 -6.55
C ARG A 138 34.42 -6.31 -5.62
N GLU A 139 35.19 -7.23 -6.18
CA GLU A 139 35.76 -8.31 -5.38
C GLU A 139 36.70 -7.78 -4.32
N ASP A 140 37.36 -6.64 -4.58
CA ASP A 140 38.29 -6.12 -3.57
C ASP A 140 37.56 -5.28 -2.53
N HIS A 141 36.23 -5.28 -2.63
CA HIS A 141 35.32 -4.56 -1.74
C HIS A 141 35.25 -3.06 -1.92
N LEU A 142 35.74 -2.60 -3.08
CA LEU A 142 35.72 -1.20 -3.47
C LEU A 142 34.46 -1.07 -4.36
N PHE A 143 34.16 0.12 -4.86
CA PHE A 143 32.96 0.28 -5.70
C PHE A 143 33.22 0.79 -7.12
N ARG A 144 32.18 0.71 -7.94
CA ARG A 144 32.14 1.14 -9.33
C ARG A 144 30.84 1.90 -9.49
N LYS A 145 30.82 2.87 -10.39
CA LYS A 145 29.62 3.66 -10.64
C LYS A 145 29.67 4.21 -12.06
N PHE A 146 28.55 4.16 -12.77
CA PHE A 146 28.47 4.71 -14.13
C PHE A 146 27.55 5.94 -14.19
N HIS A 147 27.95 6.88 -15.04
CA HIS A 147 27.17 8.10 -15.27
C HIS A 147 27.11 8.25 -16.80
N TYR A 148 25.94 8.58 -17.32
CA TYR A 148 25.77 8.70 -18.75
C TYR A 148 25.28 10.09 -19.16
N LEU A 149 25.65 10.50 -20.38
CA LEU A 149 25.26 11.80 -20.91
C LEU A 149 24.89 11.69 -22.38
N PRO A 150 23.59 11.53 -22.69
CA PRO A 150 23.26 11.44 -24.12
C PRO A 150 23.70 12.76 -24.75
N PHE A 151 24.16 12.72 -26.00
CA PHE A 151 24.61 13.94 -26.66
C PHE A 151 24.63 13.86 -28.18
N LEU A 152 24.83 15.00 -28.80
CA LEU A 152 24.92 15.10 -30.25
C LEU A 152 26.37 15.42 -30.58
N PRO A 153 27.06 14.48 -31.24
CA PRO A 153 28.46 14.70 -31.60
C PRO A 153 28.66 16.02 -32.35
N SER A 154 29.71 16.74 -31.98
CA SER A 154 30.02 18.00 -32.61
C SER A 154 31.51 18.24 -32.52
N THR A 155 32.02 19.13 -33.36
CA THR A 155 33.45 19.43 -33.40
C THR A 155 33.80 20.58 -32.46
N GLU A 156 32.80 21.35 -32.08
CA GLU A 156 32.98 22.49 -31.19
C GLU A 156 32.84 22.15 -29.71
N ASP A 157 32.00 21.15 -29.41
CA ASP A 157 31.76 20.74 -28.03
C ASP A 157 32.96 20.01 -27.39
N VAL A 158 33.21 20.30 -26.12
CA VAL A 158 34.28 19.67 -25.36
C VAL A 158 33.75 19.30 -23.97
N TYR A 159 33.54 18.02 -23.73
CA TYR A 159 32.99 17.54 -22.46
C TYR A 159 33.97 17.27 -21.33
N ASP A 160 33.44 17.23 -20.11
CA ASP A 160 34.20 16.98 -18.90
C ASP A 160 33.33 16.20 -17.93
N CYS A 161 33.90 15.17 -17.30
CA CYS A 161 33.17 14.42 -16.28
C CYS A 161 33.89 14.87 -15.02
N ARG A 162 33.24 15.73 -14.24
CA ARG A 162 33.82 16.26 -13.01
C ARG A 162 33.47 15.34 -11.85
N VAL A 163 34.49 14.79 -11.22
CA VAL A 163 34.29 13.87 -10.10
C VAL A 163 34.91 14.35 -8.81
N GLU A 164 34.14 14.23 -7.74
CA GLU A 164 34.60 14.62 -6.42
C GLU A 164 34.57 13.41 -5.51
N HIS A 165 35.58 13.25 -4.67
CA HIS A 165 35.65 12.13 -3.75
C HIS A 165 36.73 12.40 -2.74
N TRP A 166 36.45 12.10 -1.47
CA TRP A 166 37.41 12.37 -0.41
C TRP A 166 38.77 11.77 -0.67
N GLY A 167 38.83 10.79 -1.57
CA GLY A 167 40.08 10.13 -1.89
C GLY A 167 41.00 11.00 -2.74
N LEU A 168 40.40 11.90 -3.52
CA LEU A 168 41.13 12.79 -4.40
C LEU A 168 41.76 13.95 -3.63
N ASP A 169 42.61 14.73 -4.31
CA ASP A 169 43.24 15.88 -3.67
C ASP A 169 42.53 17.11 -4.17
N GLU A 170 41.70 16.90 -5.19
CA GLU A 170 40.93 17.97 -5.79
C GLU A 170 39.98 17.33 -6.79
N PRO A 171 38.90 18.04 -7.13
CA PRO A 171 37.97 17.47 -8.09
C PRO A 171 38.77 16.98 -9.30
N LEU A 172 38.28 15.94 -9.97
CA LEU A 172 38.96 15.41 -11.13
C LEU A 172 38.07 15.63 -12.35
N LEU A 173 38.61 16.27 -13.38
CA LEU A 173 37.86 16.51 -14.61
C LEU A 173 38.45 15.66 -15.73
N LYS A 174 37.63 14.81 -16.35
CA LYS A 174 38.13 14.01 -17.45
C LYS A 174 37.58 14.55 -18.75
N HIS A 175 38.50 15.03 -19.60
CA HIS A 175 38.18 15.60 -20.89
C HIS A 175 37.71 14.59 -21.91
N TRP A 176 37.02 15.09 -22.92
CA TRP A 176 36.54 14.27 -24.02
C TRP A 176 35.99 15.18 -25.10
N GLU A 177 36.34 14.87 -26.35
CA GLU A 177 35.84 15.66 -27.46
C GLU A 177 36.03 14.92 -28.77
N PHE A 178 35.17 15.22 -29.73
CA PHE A 178 35.23 14.59 -31.04
C PHE A 178 36.65 14.74 -31.57
N ASP A 179 37.22 13.63 -32.03
CA ASP A 179 38.58 13.64 -32.56
C ASP A 179 39.57 13.89 -31.43
N GLY B 1 34.11 22.72 6.06
CA GLY B 1 34.07 21.57 5.09
C GLY B 1 33.87 20.25 5.81
N ASP B 2 33.12 19.33 5.18
CA ASP B 2 32.87 18.03 5.80
C ASP B 2 34.09 17.12 5.74
N THR B 3 34.70 16.88 6.90
CA THR B 3 35.84 16.00 6.99
C THR B 3 35.66 15.00 8.13
N ARG B 4 34.42 14.67 8.43
CA ARG B 4 34.14 13.71 9.48
C ARG B 4 34.52 12.33 8.97
N PRO B 5 35.15 11.52 9.84
CA PRO B 5 35.56 10.17 9.47
C PRO B 5 34.36 9.33 9.08
N ARG B 6 34.59 8.35 8.18
CA ARG B 6 33.52 7.46 7.72
C ARG B 6 33.65 6.05 8.26
N PHE B 7 32.51 5.37 8.41
CA PHE B 7 32.47 3.99 8.90
C PHE B 7 31.49 3.29 7.97
N LEU B 8 31.97 2.23 7.34
CA LEU B 8 31.17 1.51 6.39
C LEU B 8 31.07 0.04 6.74
N TRP B 9 29.92 -0.54 6.40
CA TRP B 9 29.66 -1.93 6.66
C TRP B 9 29.04 -2.48 5.37
N GLN B 10 29.58 -3.58 4.88
CA GLN B 10 29.03 -4.18 3.67
C GLN B 10 28.75 -5.63 3.94
N LEU B 11 27.73 -6.15 3.28
CA LEU B 11 27.36 -7.54 3.46
C LEU B 11 27.20 -8.08 2.05
N LYS B 12 27.79 -9.23 1.78
CA LYS B 12 27.64 -9.82 0.45
C LYS B 12 27.29 -11.30 0.54
N PHE B 13 26.36 -11.69 -0.31
CA PHE B 13 25.95 -13.09 -0.41
C PHE B 13 26.24 -13.46 -1.87
N GLU B 14 27.31 -14.21 -2.08
CA GLU B 14 27.75 -14.61 -3.42
C GLU B 14 27.41 -16.02 -3.81
N CYS B 15 26.68 -16.15 -4.92
CA CYS B 15 26.33 -17.46 -5.43
C CYS B 15 27.18 -17.71 -6.69
N HIS B 16 28.10 -18.66 -6.59
CA HIS B 16 28.97 -19.00 -7.71
C HIS B 16 28.49 -20.30 -8.37
N PHE B 17 28.22 -20.19 -9.67
CA PHE B 17 27.71 -21.30 -10.47
C PHE B 17 28.72 -21.87 -11.47
N PHE B 18 28.84 -23.19 -11.50
CA PHE B 18 29.74 -23.87 -12.43
C PHE B 18 28.97 -24.90 -13.26
N ASN B 19 29.08 -24.78 -14.59
CA ASN B 19 28.39 -25.67 -15.53
C ASN B 19 26.89 -25.72 -15.20
N GLY B 20 26.17 -24.67 -15.58
CA GLY B 20 24.76 -24.59 -15.28
C GLY B 20 24.66 -24.38 -13.78
N THR B 21 24.01 -25.30 -13.08
CA THR B 21 23.90 -25.22 -11.64
C THR B 21 24.29 -26.57 -11.05
N GLU B 22 25.15 -27.29 -11.76
CA GLU B 22 25.60 -28.59 -11.31
C GLU B 22 26.44 -28.42 -10.05
N ARG B 23 27.26 -27.37 -10.03
CA ARG B 23 28.08 -27.10 -8.86
C ARG B 23 27.77 -25.67 -8.42
N VAL B 24 27.41 -25.52 -7.15
CA VAL B 24 27.06 -24.23 -6.59
C VAL B 24 27.80 -23.94 -5.29
N ARG B 25 28.46 -22.79 -5.22
CA ARG B 25 29.16 -22.40 -4.00
C ARG B 25 28.63 -21.07 -3.50
N LEU B 26 28.26 -21.04 -2.22
CA LEU B 26 27.73 -19.84 -1.60
C LEU B 26 28.73 -19.25 -0.61
N LEU B 27 29.05 -17.98 -0.81
CA LEU B 27 30.00 -17.28 0.05
C LEU B 27 29.30 -16.07 0.64
N GLU B 28 29.11 -16.09 1.95
CA GLU B 28 28.47 -14.97 2.64
C GLU B 28 29.60 -14.27 3.34
N ARG B 29 29.72 -12.97 3.13
CA ARG B 29 30.80 -12.25 3.78
C ARG B 29 30.42 -10.89 4.37
N CYS B 30 31.04 -10.56 5.51
CA CYS B 30 30.80 -9.31 6.21
C CYS B 30 32.07 -8.46 6.11
N ILE B 31 31.93 -7.23 5.64
CA ILE B 31 33.07 -6.36 5.48
C ILE B 31 32.98 -5.03 6.21
N TYR B 32 33.92 -4.78 7.11
CA TYR B 32 33.97 -3.53 7.85
C TYR B 32 35.04 -2.63 7.22
N ASN B 33 34.59 -1.50 6.68
CA ASN B 33 35.46 -0.54 5.99
C ASN B 33 35.95 -1.24 4.71
N GLN B 34 37.15 -1.78 4.68
CA GLN B 34 37.54 -2.47 3.46
C GLN B 34 38.11 -3.84 3.81
N GLU B 35 37.83 -4.27 5.04
CA GLU B 35 38.34 -5.52 5.57
C GLU B 35 37.28 -6.59 5.90
N GLU B 36 37.36 -7.72 5.21
CA GLU B 36 36.42 -8.80 5.48
C GLU B 36 36.72 -9.35 6.89
N SER B 37 35.69 -9.42 7.73
CA SER B 37 35.86 -9.90 9.11
C SER B 37 35.37 -11.31 9.38
N VAL B 38 34.31 -11.72 8.70
CA VAL B 38 33.75 -13.05 8.92
C VAL B 38 33.09 -13.54 7.66
N ARG B 39 33.01 -14.86 7.53
CA ARG B 39 32.33 -15.42 6.37
C ARG B 39 31.79 -16.82 6.62
N PHE B 40 30.94 -17.23 5.69
CA PHE B 40 30.37 -18.58 5.66
C PHE B 40 30.59 -19.05 4.22
N ASP B 41 31.42 -20.07 4.08
CA ASP B 41 31.73 -20.67 2.78
C ASP B 41 30.99 -22.03 2.78
N SER B 42 30.02 -22.20 1.89
CA SER B 42 29.29 -23.46 1.84
C SER B 42 30.23 -24.66 1.68
N ASP B 43 31.45 -24.41 1.22
CA ASP B 43 32.44 -25.48 1.05
C ASP B 43 33.01 -25.86 2.40
N VAL B 44 32.76 -25.00 3.38
CA VAL B 44 33.25 -25.23 4.72
C VAL B 44 32.11 -25.70 5.62
N GLY B 45 30.94 -25.07 5.51
CA GLY B 45 29.81 -25.48 6.31
C GLY B 45 29.49 -24.69 7.58
N GLU B 46 30.44 -23.90 8.07
CA GLU B 46 30.24 -23.08 9.27
C GLU B 46 30.87 -21.71 9.02
N TYR B 47 30.54 -20.74 9.86
CA TYR B 47 31.10 -19.41 9.74
C TYR B 47 32.57 -19.47 10.16
N ARG B 48 33.40 -18.59 9.60
CA ARG B 48 34.82 -18.58 9.98
C ARG B 48 35.26 -17.14 10.10
N ALA B 49 35.95 -16.83 11.17
CA ALA B 49 36.43 -15.48 11.36
C ALA B 49 37.58 -15.30 10.36
N VAL B 50 37.54 -14.23 9.60
CA VAL B 50 38.59 -13.95 8.65
C VAL B 50 39.56 -13.03 9.37
N THR B 51 39.04 -12.36 10.39
CA THR B 51 39.80 -11.41 11.17
C THR B 51 39.45 -11.53 12.64
N GLU B 52 40.34 -11.08 13.52
CA GLU B 52 40.08 -11.15 14.96
C GLU B 52 38.77 -10.43 15.31
N LEU B 53 38.49 -9.34 14.62
CA LEU B 53 37.27 -8.59 14.84
C LEU B 53 36.03 -9.45 14.64
N GLY B 54 36.16 -10.45 13.77
CA GLY B 54 35.03 -11.29 13.45
C GLY B 54 34.84 -12.56 14.26
N ARG B 55 35.78 -12.89 15.13
CA ARG B 55 35.66 -14.11 15.92
C ARG B 55 34.36 -14.24 16.71
N PRO B 56 33.93 -13.18 17.42
CA PRO B 56 32.69 -13.21 18.20
C PRO B 56 31.47 -13.62 17.36
N ASP B 57 31.47 -13.19 16.11
CA ASP B 57 30.38 -13.47 15.19
C ASP B 57 30.37 -14.92 14.72
N ALA B 58 31.54 -15.48 14.47
CA ALA B 58 31.62 -16.86 14.05
C ALA B 58 31.13 -17.74 15.21
N GLU B 59 31.59 -17.46 16.43
CA GLU B 59 31.17 -18.24 17.59
C GLU B 59 29.66 -18.10 17.81
N TYR B 60 29.17 -16.88 17.80
CA TYR B 60 27.76 -16.67 18.03
C TYR B 60 26.88 -17.34 16.97
N TRP B 61 27.15 -17.07 15.69
CA TRP B 61 26.33 -17.64 14.63
C TRP B 61 26.38 -19.16 14.52
N ASN B 62 27.55 -19.75 14.76
CA ASN B 62 27.66 -21.18 14.65
C ASN B 62 26.95 -21.89 15.81
N SER B 63 26.56 -21.13 16.83
CA SER B 63 25.86 -21.68 17.97
C SER B 63 24.36 -21.76 17.68
N GLN B 64 23.97 -21.32 16.50
CA GLN B 64 22.56 -21.33 16.12
C GLN B 64 22.24 -22.44 15.13
N LYS B 65 21.84 -23.59 15.68
CA LYS B 65 21.50 -24.75 14.87
C LYS B 65 20.59 -24.42 13.69
N ASP B 66 19.48 -23.73 13.94
CA ASP B 66 18.58 -23.41 12.84
C ASP B 66 19.23 -22.53 11.76
N LEU B 67 20.19 -21.69 12.15
CA LEU B 67 20.86 -20.81 11.20
C LEU B 67 21.80 -21.58 10.28
N LEU B 68 22.68 -22.39 10.85
CA LEU B 68 23.61 -23.20 10.05
C LEU B 68 22.80 -24.07 9.10
N GLU B 69 21.64 -24.51 9.59
CA GLU B 69 20.79 -25.34 8.78
C GLU B 69 20.33 -24.58 7.55
N GLN B 70 19.78 -23.38 7.74
CA GLN B 70 19.31 -22.62 6.59
C GLN B 70 20.45 -22.30 5.63
N ARG B 71 21.60 -21.88 6.18
CA ARG B 71 22.75 -21.54 5.33
C ARG B 71 23.22 -22.74 4.53
N ARG B 72 23.39 -23.89 5.19
CA ARG B 72 23.84 -25.09 4.50
C ARG B 72 22.91 -25.57 3.39
N ALA B 73 21.70 -25.03 3.35
CA ALA B 73 20.73 -25.42 2.33
C ALA B 73 20.42 -24.26 1.40
N ALA B 74 21.12 -23.15 1.62
CA ALA B 74 20.87 -21.98 0.80
C ALA B 74 21.34 -22.14 -0.64
N VAL B 75 22.30 -23.04 -0.90
CA VAL B 75 22.76 -23.25 -2.28
C VAL B 75 21.55 -23.62 -3.14
N ASP B 76 20.59 -24.29 -2.51
CA ASP B 76 19.36 -24.69 -3.20
C ASP B 76 18.27 -23.66 -3.07
N THR B 77 17.85 -23.37 -1.84
CA THR B 77 16.76 -22.42 -1.61
C THR B 77 16.99 -20.98 -2.04
N TYR B 78 18.25 -20.57 -2.10
CA TYR B 78 18.60 -19.21 -2.46
C TYR B 78 19.31 -19.11 -3.82
N CYS B 79 20.50 -19.72 -3.90
CA CYS B 79 21.31 -19.70 -5.12
C CYS B 79 20.63 -20.30 -6.34
N ARG B 80 20.40 -21.61 -6.32
CA ARG B 80 19.75 -22.26 -7.46
C ARG B 80 18.39 -21.60 -7.74
N HIS B 81 17.66 -21.26 -6.70
CA HIS B 81 16.35 -20.61 -6.87
C HIS B 81 16.45 -19.31 -7.66
N ASN B 82 17.32 -18.41 -7.23
CA ASN B 82 17.45 -17.14 -7.93
C ASN B 82 17.99 -17.29 -9.34
N TYR B 83 18.80 -18.32 -9.56
CA TYR B 83 19.37 -18.57 -10.88
C TYR B 83 18.23 -18.83 -11.84
N GLY B 84 17.34 -19.74 -11.44
CA GLY B 84 16.20 -20.07 -12.28
C GLY B 84 15.32 -18.86 -12.51
N VAL B 85 15.06 -18.12 -11.44
CA VAL B 85 14.20 -16.95 -11.53
C VAL B 85 14.54 -16.02 -12.69
N GLY B 86 15.82 -15.69 -12.85
CA GLY B 86 16.18 -14.77 -13.91
C GLY B 86 16.97 -15.32 -15.09
N GLU B 87 17.14 -16.63 -15.14
CA GLU B 87 17.89 -17.25 -16.23
C GLU B 87 17.55 -16.76 -17.63
N SER B 88 16.26 -16.66 -17.93
CA SER B 88 15.79 -16.25 -19.25
C SER B 88 16.27 -14.89 -19.76
N PHE B 89 16.52 -13.94 -18.85
CA PHE B 89 16.96 -12.61 -19.29
C PHE B 89 18.37 -12.23 -18.84
N THR B 90 19.09 -13.22 -18.28
CA THR B 90 20.46 -13.01 -17.83
C THR B 90 21.40 -14.01 -18.48
N VAL B 91 21.27 -15.26 -18.07
CA VAL B 91 22.09 -16.36 -18.59
C VAL B 91 21.86 -16.53 -20.09
N GLN B 92 20.58 -16.48 -20.48
CA GLN B 92 20.20 -16.63 -21.86
C GLN B 92 20.08 -15.31 -22.61
N ARG B 93 20.60 -14.23 -22.03
CA ARG B 93 20.56 -12.95 -22.70
C ARG B 93 21.60 -12.93 -23.81
N ARG B 94 21.24 -12.38 -24.97
CA ARG B 94 22.16 -12.29 -26.12
C ARG B 94 21.84 -11.09 -27.00
N VAL B 95 22.82 -10.21 -27.17
CA VAL B 95 22.63 -9.02 -27.99
C VAL B 95 23.78 -8.99 -28.99
N GLU B 96 23.41 -9.00 -30.28
CA GLU B 96 24.36 -9.01 -31.37
C GLU B 96 25.29 -7.80 -31.38
N PRO B 97 26.60 -8.03 -31.59
CA PRO B 97 27.57 -6.95 -31.62
C PRO B 97 27.55 -6.13 -32.89
N LYS B 98 27.74 -4.82 -32.73
CA LYS B 98 27.76 -3.89 -33.85
C LYS B 98 29.24 -3.74 -34.18
N VAL B 99 29.62 -4.08 -35.41
CA VAL B 99 31.02 -3.98 -35.80
C VAL B 99 31.20 -2.98 -36.93
N THR B 100 32.19 -2.11 -36.80
CA THR B 100 32.49 -1.09 -37.80
C THR B 100 33.94 -0.65 -37.65
N VAL B 101 34.74 -0.83 -38.70
CA VAL B 101 36.15 -0.46 -38.67
C VAL B 101 36.43 0.95 -39.23
N TYR B 102 37.53 1.53 -38.80
CA TYR B 102 37.92 2.88 -39.22
C TYR B 102 39.35 3.17 -38.74
N PRO B 103 40.08 4.06 -39.44
CA PRO B 103 41.45 4.42 -39.07
C PRO B 103 41.53 5.52 -38.02
N SER B 104 42.67 5.66 -37.37
CA SER B 104 42.86 6.68 -36.35
C SER B 104 44.22 7.36 -36.41
N LYS B 105 44.34 8.50 -35.73
CA LYS B 105 45.58 9.27 -35.69
C LYS B 105 46.53 8.83 -34.58
N THR B 106 47.83 8.82 -34.88
CA THR B 106 48.87 8.45 -33.92
C THR B 106 50.26 8.82 -34.43
N ASN B 113 50.84 3.90 -39.65
CA ASN B 113 49.41 4.11 -39.47
C ASN B 113 48.84 3.31 -38.32
N LEU B 114 47.52 3.41 -38.14
CA LEU B 114 46.82 2.69 -37.09
C LEU B 114 45.35 2.50 -37.44
N LEU B 115 44.88 1.26 -37.33
CA LEU B 115 43.50 0.91 -37.63
C LEU B 115 42.79 0.41 -36.37
N VAL B 116 41.47 0.51 -36.33
CA VAL B 116 40.69 0.05 -35.18
C VAL B 116 39.38 -0.62 -35.59
N CYS B 117 39.12 -1.82 -35.07
CA CYS B 117 37.90 -2.54 -35.44
C CYS B 117 36.63 -2.05 -34.74
N SER B 118 36.62 -2.06 -33.41
CA SER B 118 35.48 -1.57 -32.63
C SER B 118 34.16 -2.34 -32.72
N VAL B 119 33.93 -3.21 -31.74
CA VAL B 119 32.69 -3.98 -31.69
C VAL B 119 31.95 -3.51 -30.43
N SER B 120 30.69 -3.08 -30.60
CA SER B 120 29.94 -2.55 -29.47
C SER B 120 28.51 -3.04 -29.27
N GLY B 121 28.00 -2.80 -28.06
CA GLY B 121 26.65 -3.17 -27.70
C GLY B 121 26.35 -4.64 -27.58
N PHE B 122 27.36 -5.46 -27.33
CA PHE B 122 27.13 -6.90 -27.24
C PHE B 122 27.06 -7.51 -25.85
N TYR B 123 26.33 -8.63 -25.76
CA TYR B 123 26.16 -9.35 -24.51
C TYR B 123 25.84 -10.82 -24.83
N PRO B 124 26.49 -11.79 -24.16
CA PRO B 124 27.53 -11.69 -23.12
C PRO B 124 28.83 -11.03 -23.56
N GLY B 125 29.86 -11.15 -22.74
CA GLY B 125 31.14 -10.54 -23.03
C GLY B 125 32.16 -11.45 -23.70
N SER B 126 31.82 -12.72 -23.83
CA SER B 126 32.71 -13.68 -24.48
C SER B 126 32.71 -13.41 -25.98
N ILE B 127 33.84 -12.93 -26.49
CA ILE B 127 33.91 -12.63 -27.91
C ILE B 127 35.33 -12.81 -28.43
N GLU B 128 35.44 -13.05 -29.73
CA GLU B 128 36.72 -13.23 -30.40
C GLU B 128 36.80 -12.25 -31.55
N VAL B 129 37.87 -11.47 -31.60
CA VAL B 129 38.04 -10.50 -32.68
C VAL B 129 39.29 -10.85 -33.47
N ARG B 130 39.12 -11.13 -34.75
CA ARG B 130 40.25 -11.46 -35.60
C ARG B 130 40.50 -10.45 -36.71
N TRP B 131 41.75 -10.02 -36.81
CA TRP B 131 42.19 -9.04 -37.81
C TRP B 131 42.74 -9.74 -39.05
N PHE B 132 42.09 -9.51 -40.19
CA PHE B 132 42.49 -10.13 -41.45
C PHE B 132 42.91 -9.16 -42.54
N ARG B 133 43.94 -9.56 -43.28
CA ARG B 133 44.45 -8.78 -44.41
C ARG B 133 44.22 -9.69 -45.63
N ASN B 134 43.03 -9.58 -46.20
CA ASN B 134 42.62 -10.38 -47.35
C ASN B 134 43.30 -11.75 -47.42
N GLY B 135 42.89 -12.66 -46.54
CA GLY B 135 43.47 -13.98 -46.52
C GLY B 135 44.22 -14.32 -45.26
N GLN B 136 45.29 -13.58 -44.98
CA GLN B 136 46.10 -13.83 -43.79
C GLN B 136 45.47 -13.28 -42.52
N GLU B 137 46.22 -13.35 -41.42
CA GLU B 137 45.74 -12.87 -40.14
C GLU B 137 46.86 -12.25 -39.32
N GLU B 138 46.95 -10.93 -39.35
CA GLU B 138 47.99 -10.22 -38.59
C GLU B 138 47.85 -10.59 -37.12
N LYS B 139 48.94 -10.43 -36.37
CA LYS B 139 48.93 -10.74 -34.95
C LYS B 139 49.94 -9.94 -34.15
N ALA B 140 50.94 -9.39 -34.83
CA ALA B 140 51.97 -8.60 -34.16
C ALA B 140 51.54 -7.17 -33.85
N GLY B 141 50.78 -6.59 -34.77
CA GLY B 141 50.33 -5.21 -34.58
C GLY B 141 48.99 -5.10 -33.87
N VAL B 142 48.37 -6.25 -33.58
CA VAL B 142 47.08 -6.27 -32.90
C VAL B 142 47.21 -5.91 -31.44
N VAL B 143 46.41 -4.94 -31.01
CA VAL B 143 46.41 -4.50 -29.62
C VAL B 143 44.95 -4.26 -29.21
N SER B 144 44.55 -4.84 -28.08
CA SER B 144 43.18 -4.70 -27.61
C SER B 144 43.06 -3.90 -26.32
N THR B 145 41.96 -3.17 -26.17
CA THR B 145 41.73 -2.37 -24.97
C THR B 145 41.15 -3.30 -23.90
N GLY B 146 40.82 -4.51 -24.32
CA GLY B 146 40.24 -5.46 -23.39
C GLY B 146 38.73 -5.29 -23.37
N LEU B 147 38.04 -6.23 -22.75
CA LEU B 147 36.59 -6.19 -22.67
C LEU B 147 36.17 -4.99 -21.82
N ILE B 148 35.15 -4.26 -22.25
CA ILE B 148 34.69 -3.10 -21.49
C ILE B 148 33.20 -3.16 -21.16
N GLN B 149 32.90 -3.32 -19.88
CA GLN B 149 31.52 -3.40 -19.37
C GLN B 149 30.96 -1.99 -19.30
N ASN B 150 29.89 -1.73 -20.05
CA ASN B 150 29.29 -0.38 -20.07
C ASN B 150 28.35 -0.03 -18.91
N GLY B 151 27.95 -1.05 -18.16
CA GLY B 151 27.07 -0.82 -17.02
C GLY B 151 25.61 -1.02 -17.33
N ASP B 152 25.28 -1.05 -18.62
CA ASP B 152 23.89 -1.22 -19.04
C ASP B 152 23.63 -2.60 -19.62
N TRP B 153 24.38 -3.60 -19.17
CA TRP B 153 24.20 -4.95 -19.68
C TRP B 153 24.67 -5.15 -21.13
N THR B 154 25.72 -4.43 -21.52
CA THR B 154 26.30 -4.54 -22.84
C THR B 154 27.80 -4.34 -22.68
N PHE B 155 28.56 -4.84 -23.64
CA PHE B 155 30.03 -4.73 -23.63
C PHE B 155 30.49 -4.06 -24.91
N GLN B 156 31.77 -3.67 -24.91
CA GLN B 156 32.39 -3.05 -26.06
C GLN B 156 33.89 -3.23 -25.91
N THR B 157 34.58 -3.46 -27.01
CA THR B 157 36.03 -3.62 -26.98
C THR B 157 36.59 -3.12 -28.30
N LEU B 158 37.80 -2.57 -28.25
CA LEU B 158 38.46 -2.05 -29.44
C LEU B 158 39.75 -2.77 -29.73
N VAL B 159 39.76 -3.50 -30.85
CA VAL B 159 40.93 -4.25 -31.29
C VAL B 159 41.59 -3.44 -32.40
N MET B 160 42.74 -2.83 -32.09
CA MET B 160 43.45 -2.01 -33.05
C MET B 160 44.40 -2.84 -33.90
N LEU B 161 45.04 -2.19 -34.87
CA LEU B 161 45.97 -2.87 -35.77
C LEU B 161 47.02 -1.94 -36.37
N GLU B 162 48.30 -2.27 -36.13
CA GLU B 162 49.40 -1.49 -36.70
C GLU B 162 49.27 -1.74 -38.20
N THR B 163 49.43 -0.71 -39.03
CA THR B 163 49.30 -0.94 -40.45
C THR B 163 50.15 -0.08 -41.38
N VAL B 164 50.59 -0.71 -42.46
CA VAL B 164 51.40 -0.09 -43.50
C VAL B 164 50.70 -0.53 -44.80
N PRO B 165 49.50 0.03 -45.06
CA PRO B 165 48.69 -0.29 -46.24
C PRO B 165 49.14 0.27 -47.60
N ARG B 166 48.67 -0.39 -48.65
CA ARG B 166 48.93 0.00 -50.03
C ARG B 166 47.54 -0.01 -50.66
N SER B 167 47.30 0.88 -51.62
CA SER B 167 46.00 0.94 -52.27
C SER B 167 45.60 -0.44 -52.80
N GLY B 168 44.30 -0.71 -52.84
CA GLY B 168 43.84 -2.00 -53.34
C GLY B 168 43.75 -3.09 -52.30
N GLU B 169 44.45 -2.93 -51.17
CA GLU B 169 44.43 -3.93 -50.11
C GLU B 169 43.05 -4.06 -49.49
N VAL B 170 42.77 -5.24 -48.94
CA VAL B 170 41.49 -5.52 -48.32
C VAL B 170 41.61 -5.97 -46.86
N TYR B 171 41.64 -5.01 -45.94
CA TYR B 171 41.72 -5.33 -44.51
C TYR B 171 40.32 -5.63 -44.01
N THR B 172 40.17 -6.73 -43.28
CA THR B 172 38.87 -7.13 -42.77
C THR B 172 38.90 -7.54 -41.30
N CYS B 173 37.87 -7.12 -40.55
CA CYS B 173 37.76 -7.47 -39.15
C CYS B 173 36.65 -8.49 -38.98
N GLN B 174 36.95 -9.56 -38.26
CA GLN B 174 35.96 -10.60 -38.03
C GLN B 174 35.82 -10.86 -36.55
N VAL B 175 34.58 -11.15 -36.13
CA VAL B 175 34.30 -11.44 -34.75
C VAL B 175 33.24 -12.52 -34.61
N GLU B 176 33.41 -13.36 -33.61
CA GLU B 176 32.43 -14.42 -33.34
C GLU B 176 31.95 -14.25 -31.92
N HIS B 177 30.63 -14.25 -31.78
CA HIS B 177 30.00 -14.05 -30.50
C HIS B 177 28.73 -14.89 -30.40
N PRO B 178 28.44 -15.46 -29.23
CA PRO B 178 27.25 -16.29 -28.99
C PRO B 178 25.93 -15.79 -29.58
N SER B 179 25.88 -14.52 -29.96
CA SER B 179 24.66 -13.97 -30.55
C SER B 179 24.45 -14.43 -31.98
N VAL B 180 25.54 -14.78 -32.67
CA VAL B 180 25.45 -15.23 -34.06
C VAL B 180 26.24 -16.50 -34.34
N THR B 181 25.68 -17.35 -35.20
CA THR B 181 26.30 -18.62 -35.57
C THR B 181 27.47 -18.46 -36.55
N SER B 182 27.31 -17.58 -37.53
CA SER B 182 28.34 -17.34 -38.52
C SER B 182 29.12 -16.06 -38.19
N PRO B 183 30.45 -16.15 -38.15
CA PRO B 183 31.34 -15.03 -37.85
C PRO B 183 31.12 -13.74 -38.64
N LEU B 184 30.83 -12.65 -37.93
CA LEU B 184 30.62 -11.36 -38.57
C LEU B 184 31.92 -10.91 -39.22
N THR B 185 31.80 -10.07 -40.25
CA THR B 185 32.96 -9.57 -40.96
C THR B 185 32.71 -8.19 -41.53
N VAL B 186 33.71 -7.33 -41.43
CA VAL B 186 33.61 -5.97 -41.93
C VAL B 186 34.90 -5.63 -42.68
N GLU B 187 34.78 -5.40 -43.99
CA GLU B 187 35.93 -5.09 -44.82
C GLU B 187 36.33 -3.61 -44.82
N TRP B 188 37.60 -3.37 -45.09
CA TRP B 188 38.15 -2.02 -45.12
C TRP B 188 38.90 -1.87 -46.45
N ARG B 189 38.73 -0.74 -47.12
CA ARG B 189 39.39 -0.54 -48.40
C ARG B 189 40.39 0.61 -48.44
N ALA B 190 41.67 0.24 -48.50
CA ALA B 190 42.79 1.18 -48.55
C ALA B 190 44.06 0.42 -48.18
N PRO C 1 7.49 -15.54 -10.40
CA PRO C 1 8.94 -15.75 -10.10
C PRO C 1 9.44 -14.61 -9.23
N LYS C 2 9.71 -14.91 -7.96
CA LYS C 2 10.19 -13.87 -7.06
C LYS C 2 11.62 -14.14 -6.60
N TYR C 3 12.44 -13.09 -6.61
CA TYR C 3 13.82 -13.20 -6.16
C TYR C 3 13.78 -13.36 -4.66
N VAL C 4 14.67 -14.18 -4.14
CA VAL C 4 14.74 -14.43 -2.71
C VAL C 4 16.07 -13.87 -2.18
N LYS C 5 16.11 -13.41 -0.93
CA LYS C 5 17.35 -12.89 -0.38
C LYS C 5 17.67 -13.52 0.96
N GLN C 6 18.94 -13.44 1.35
CA GLN C 6 19.36 -13.97 2.62
C GLN C 6 19.17 -12.88 3.66
N ASN C 7 18.72 -13.28 4.85
CA ASN C 7 18.48 -12.33 5.91
C ASN C 7 19.78 -11.85 6.56
N THR C 8 19.83 -10.55 6.82
CA THR C 8 20.97 -9.96 7.47
C THR C 8 20.87 -10.42 8.92
N LEU C 9 21.99 -10.73 9.54
CA LEU C 9 22.00 -11.20 10.91
C LEU C 9 22.70 -10.21 11.83
N LYS C 10 22.21 -10.09 13.06
CA LYS C 10 22.82 -9.20 14.03
C LYS C 10 24.12 -9.78 14.53
N LEU C 11 25.15 -8.94 14.61
CA LEU C 11 26.47 -9.34 15.09
C LEU C 11 26.40 -9.68 16.58
N ALA C 12 27.43 -10.36 17.07
CA ALA C 12 27.49 -10.76 18.47
C ALA C 12 27.41 -9.60 19.46
N THR C 13 26.55 -9.81 20.45
CA THR C 13 26.27 -8.90 21.57
C THR C 13 25.65 -7.57 21.18
N GLU D 1 -38.65 10.24 17.04
CA GLU D 1 -37.34 9.70 16.56
C GLU D 1 -36.20 10.21 17.44
N GLU D 2 -35.11 9.44 17.49
CA GLU D 2 -33.96 9.81 18.31
C GLU D 2 -32.66 9.93 17.52
N HIS D 3 -32.37 8.95 16.68
CA HIS D 3 -31.15 8.98 15.87
C HIS D 3 -31.35 8.43 14.47
N VAL D 4 -30.49 8.89 13.56
CA VAL D 4 -30.54 8.46 12.18
C VAL D 4 -29.14 8.24 11.64
N ILE D 5 -28.87 7.03 11.17
CA ILE D 5 -27.56 6.78 10.58
C ILE D 5 -27.83 6.59 9.10
N ILE D 6 -27.13 7.34 8.27
CA ILE D 6 -27.31 7.25 6.83
C ILE D 6 -26.03 6.89 6.07
N GLN D 7 -26.16 5.90 5.19
CA GLN D 7 -25.07 5.46 4.31
C GLN D 7 -25.51 6.14 3.04
N ALA D 8 -24.76 7.16 2.61
CA ALA D 8 -25.13 7.87 1.39
C ALA D 8 -24.03 7.74 0.34
N GLU D 9 -24.45 7.44 -0.88
CA GLU D 9 -23.57 7.24 -2.02
C GLU D 9 -24.13 7.94 -3.24
N PHE D 10 -23.26 8.40 -4.12
CA PHE D 10 -23.73 8.98 -5.37
C PHE D 10 -22.66 8.88 -6.46
N TYR D 11 -23.10 8.92 -7.72
CA TYR D 11 -22.18 8.91 -8.83
C TYR D 11 -22.77 9.94 -9.79
N LEU D 12 -21.92 10.82 -10.30
CA LEU D 12 -22.34 11.90 -11.18
C LEU D 12 -21.64 11.87 -12.56
N ASN D 13 -22.41 11.96 -13.64
CA ASN D 13 -21.88 12.01 -15.00
C ASN D 13 -22.22 13.40 -15.54
N PRO D 14 -21.39 13.94 -16.46
CA PRO D 14 -20.19 13.32 -17.03
C PRO D 14 -18.94 13.59 -16.24
N ASP D 15 -19.10 14.09 -15.02
CA ASP D 15 -17.96 14.41 -14.18
C ASP D 15 -17.25 13.15 -13.69
N GLN D 16 -17.97 12.04 -13.73
CA GLN D 16 -17.41 10.78 -13.26
C GLN D 16 -16.94 10.95 -11.82
N SER D 17 -17.80 11.53 -10.98
CA SER D 17 -17.50 11.76 -9.57
C SER D 17 -18.37 10.88 -8.71
N GLY D 18 -17.77 10.26 -7.71
CA GLY D 18 -18.53 9.39 -6.85
C GLY D 18 -18.18 9.63 -5.40
N GLU D 19 -19.08 9.25 -4.51
CA GLU D 19 -18.81 9.46 -3.10
C GLU D 19 -19.50 8.40 -2.29
N PHE D 20 -18.86 8.01 -1.19
CA PHE D 20 -19.41 7.03 -0.27
C PHE D 20 -19.16 7.56 1.12
N MSE D 21 -20.22 7.67 1.91
CA MSE D 21 -20.07 8.19 3.26
C MSE D 21 -21.17 7.75 4.23
O MSE D 21 -22.22 7.28 3.82
CB MSE D 21 -20.06 9.72 3.18
CG MSE D 21 -20.63 10.43 4.40
SE MSE D 21 -22.40 11.19 4.12
CE MSE D 21 -23.51 9.70 4.59
N PHE D 22 -20.89 7.87 5.52
CA PHE D 22 -21.84 7.52 6.56
C PHE D 22 -22.17 8.77 7.34
N ASP D 23 -23.45 8.94 7.62
CA ASP D 23 -23.93 10.11 8.32
C ASP D 23 -24.64 9.74 9.62
N PHE D 24 -24.39 10.52 10.67
CA PHE D 24 -25.05 10.32 11.96
C PHE D 24 -25.67 11.66 12.36
N ASP D 25 -27.00 11.67 12.49
CA ASP D 25 -27.73 12.89 12.85
C ASP D 25 -27.20 14.13 12.14
N GLY D 26 -26.95 14.03 10.84
CA GLY D 26 -26.48 15.17 10.10
C GLY D 26 -24.98 15.40 10.10
N ASP D 27 -24.23 14.68 10.92
CA ASP D 27 -22.79 14.86 10.91
C ASP D 27 -22.13 13.66 10.27
N GLU D 28 -21.00 13.90 9.61
CA GLU D 28 -20.28 12.87 8.91
C GLU D 28 -19.40 12.03 9.81
N ILE D 29 -19.56 10.72 9.76
CA ILE D 29 -18.72 9.83 10.57
C ILE D 29 -17.45 9.62 9.75
N PHE D 30 -17.62 9.40 8.46
CA PHE D 30 -16.47 9.19 7.57
C PHE D 30 -16.93 9.08 6.12
N HIS D 31 -15.96 9.00 5.23
CA HIS D 31 -16.21 8.83 3.81
C HIS D 31 -14.97 8.12 3.30
N VAL D 32 -15.04 7.48 2.15
CA VAL D 32 -13.81 6.87 1.65
C VAL D 32 -13.40 7.67 0.41
N ASP D 33 -12.14 8.08 0.37
CA ASP D 33 -11.62 8.86 -0.74
C ASP D 33 -11.66 8.12 -2.09
N MSE D 34 -12.28 8.78 -3.07
CA MSE D 34 -12.42 8.27 -4.44
C MSE D 34 -11.09 7.67 -4.92
O MSE D 34 -10.96 6.45 -5.08
CB MSE D 34 -12.78 9.41 -5.41
CG MSE D 34 -14.19 10.04 -5.32
SE MSE D 34 -14.66 11.23 -6.87
CE MSE D 34 -15.04 12.87 -5.92
N ALA D 35 -10.13 8.57 -5.13
CA ALA D 35 -8.80 8.26 -5.63
C ALA D 35 -7.91 7.40 -4.73
N LYS D 36 -7.68 7.86 -3.51
CA LYS D 36 -6.83 7.12 -2.57
C LYS D 36 -7.46 5.80 -2.15
N LYS D 37 -8.78 5.72 -2.23
CA LYS D 37 -9.50 4.52 -1.83
C LYS D 37 -9.11 4.11 -0.40
N GLU D 38 -9.30 5.05 0.52
CA GLU D 38 -8.99 4.85 1.93
C GLU D 38 -10.06 5.51 2.80
N THR D 39 -10.30 4.96 3.97
CA THR D 39 -11.31 5.50 4.87
C THR D 39 -10.78 6.74 5.60
N VAL D 40 -11.52 7.84 5.49
CA VAL D 40 -11.16 9.11 6.11
C VAL D 40 -12.16 9.48 7.21
N TRP D 41 -11.73 9.43 8.46
CA TRP D 41 -12.62 9.77 9.57
C TRP D 41 -12.79 11.27 9.77
N ARG D 42 -14.04 11.69 9.96
CA ARG D 42 -14.36 13.10 10.14
C ARG D 42 -13.55 13.67 11.31
N LEU D 43 -13.53 12.92 12.42
CA LEU D 43 -12.77 13.28 13.60
C LEU D 43 -11.75 12.17 13.81
N GLU D 44 -10.47 12.54 13.83
CA GLU D 44 -9.39 11.57 13.96
C GLU D 44 -9.66 10.50 15.01
N GLU D 45 -10.33 10.89 16.08
CA GLU D 45 -10.65 9.97 17.17
C GLU D 45 -11.45 8.76 16.71
N PHE D 46 -12.51 8.99 15.93
CA PHE D 46 -13.37 7.90 15.45
C PHE D 46 -12.58 6.69 14.99
N GLY D 47 -11.52 6.93 14.21
CA GLY D 47 -10.69 5.85 13.70
C GLY D 47 -10.03 5.00 14.77
N ARG D 48 -9.89 5.55 15.97
CA ARG D 48 -9.28 4.82 17.06
C ARG D 48 -10.29 3.85 17.65
N PHE D 49 -11.57 4.07 17.36
CA PHE D 49 -12.62 3.21 17.92
C PHE D 49 -13.40 2.37 16.92
N ALA D 50 -13.29 2.70 15.63
CA ALA D 50 -14.00 1.95 14.62
C ALA D 50 -13.16 1.74 13.37
N SER D 51 -13.69 0.98 12.43
CA SER D 51 -12.95 0.70 11.21
C SER D 51 -13.90 0.40 10.06
N PHE D 52 -13.43 0.63 8.85
CA PHE D 52 -14.20 0.35 7.63
C PHE D 52 -13.29 -0.12 6.50
N GLU D 53 -13.69 -1.21 5.84
CA GLU D 53 -12.91 -1.72 4.73
C GLU D 53 -13.25 -0.90 3.49
N ALA D 54 -12.37 0.04 3.15
CA ALA D 54 -12.57 0.94 2.02
C ALA D 54 -13.00 0.19 0.75
N GLN D 55 -12.41 -0.97 0.53
CA GLN D 55 -12.71 -1.76 -0.65
C GLN D 55 -14.20 -2.00 -0.86
N GLY D 56 -14.97 -1.94 0.22
CA GLY D 56 -16.41 -2.12 0.08
C GLY D 56 -17.05 -0.94 -0.66
N ALA D 57 -16.51 0.25 -0.45
CA ALA D 57 -17.06 1.43 -1.11
C ALA D 57 -16.79 1.35 -2.59
N LEU D 58 -15.62 0.82 -2.94
CA LEU D 58 -15.25 0.69 -4.33
C LEU D 58 -16.24 -0.25 -5.05
N ALA D 59 -16.57 -1.38 -4.44
CA ALA D 59 -17.53 -2.28 -5.09
C ALA D 59 -18.85 -1.55 -5.31
N ASN D 60 -19.33 -0.89 -4.26
CA ASN D 60 -20.59 -0.15 -4.33
C ASN D 60 -20.59 0.97 -5.36
N ILE D 61 -19.62 1.86 -5.27
CA ILE D 61 -19.53 2.96 -6.22
C ILE D 61 -19.50 2.38 -7.64
N ALA D 62 -18.78 1.27 -7.82
CA ALA D 62 -18.71 0.65 -9.13
C ALA D 62 -20.10 0.30 -9.65
N VAL D 63 -20.93 -0.30 -8.79
CA VAL D 63 -22.29 -0.64 -9.22
C VAL D 63 -23.08 0.64 -9.42
N ASP D 64 -22.84 1.62 -8.56
CA ASP D 64 -23.55 2.88 -8.66
C ASP D 64 -23.32 3.49 -10.05
N LYS D 65 -22.07 3.49 -10.50
CA LYS D 65 -21.73 4.03 -11.83
C LYS D 65 -22.51 3.28 -12.92
N ALA D 66 -22.49 1.96 -12.83
CA ALA D 66 -23.21 1.15 -13.80
C ALA D 66 -24.69 1.49 -13.78
N ASN D 67 -25.23 1.73 -12.59
CA ASN D 67 -26.65 2.07 -12.47
C ASN D 67 -26.99 3.44 -13.01
N LEU D 68 -26.09 4.40 -12.85
CA LEU D 68 -26.36 5.74 -13.36
C LEU D 68 -26.51 5.64 -14.88
N GLU D 69 -25.72 4.77 -15.50
CA GLU D 69 -25.80 4.59 -16.94
C GLU D 69 -27.18 4.01 -17.30
N ILE D 70 -27.52 2.89 -16.66
CA ILE D 70 -28.79 2.23 -16.91
C ILE D 70 -29.92 3.22 -16.74
N MSE D 71 -29.92 3.92 -15.60
CA MSE D 71 -30.96 4.89 -15.29
C MSE D 71 -31.03 6.07 -16.25
O MSE D 71 -32.12 6.47 -16.68
CB MSE D 71 -30.80 5.38 -13.85
CG MSE D 71 -32.06 5.99 -13.27
SE MSE D 71 -33.52 4.69 -13.25
CE MSE D 71 -34.98 5.89 -13.67
N THR D 72 -29.88 6.66 -16.56
CA THR D 72 -29.84 7.79 -17.50
C THR D 72 -30.57 7.37 -18.77
N LYS D 73 -30.21 6.21 -19.29
CA LYS D 73 -30.82 5.71 -20.51
C LYS D 73 -32.31 5.40 -20.36
N ARG D 74 -32.67 4.69 -19.29
CA ARG D 74 -34.08 4.36 -19.07
C ARG D 74 -34.91 5.63 -19.01
N SER D 75 -34.31 6.70 -18.50
CA SER D 75 -34.99 7.97 -18.34
C SER D 75 -35.01 8.74 -19.64
N ASN D 76 -34.40 8.16 -20.67
CA ASN D 76 -34.35 8.80 -21.97
C ASN D 76 -33.47 10.05 -21.91
N TYR D 77 -32.33 9.93 -21.23
CA TYR D 77 -31.38 11.02 -21.10
C TYR D 77 -31.95 12.31 -20.52
N THR D 78 -32.80 12.16 -19.51
CA THR D 78 -33.40 13.31 -18.85
C THR D 78 -32.35 13.83 -17.88
N PRO D 79 -31.85 15.06 -18.11
CA PRO D 79 -30.83 15.66 -17.26
C PRO D 79 -31.40 16.22 -15.94
N ILE D 80 -30.51 16.46 -15.00
CA ILE D 80 -30.89 17.01 -13.71
C ILE D 80 -31.11 18.52 -13.81
N THR D 81 -32.07 19.03 -13.03
CA THR D 81 -32.35 20.45 -13.00
C THR D 81 -31.45 21.05 -11.92
N ASN D 82 -30.70 22.10 -12.26
CA ASN D 82 -29.82 22.73 -11.28
C ASN D 82 -30.60 23.47 -10.20
N VAL D 83 -30.15 23.31 -8.96
CA VAL D 83 -30.78 24.01 -7.85
C VAL D 83 -29.65 24.79 -7.17
N PRO D 84 -29.69 26.12 -7.23
CA PRO D 84 -28.66 26.95 -6.61
C PRO D 84 -28.51 26.73 -5.13
N PRO D 85 -27.30 26.98 -4.60
CA PRO D 85 -27.07 26.80 -3.17
C PRO D 85 -27.46 28.05 -2.41
N GLU D 86 -27.49 27.93 -1.08
CA GLU D 86 -27.79 29.05 -0.20
C GLU D 86 -26.51 29.16 0.62
N VAL D 87 -25.84 30.31 0.52
CA VAL D 87 -24.58 30.49 1.22
C VAL D 87 -24.68 31.42 2.41
N THR D 88 -24.13 30.96 3.51
CA THR D 88 -24.10 31.69 4.76
C THR D 88 -22.67 31.61 5.28
N VAL D 89 -22.18 32.70 5.84
CA VAL D 89 -20.84 32.72 6.40
C VAL D 89 -20.89 33.21 7.84
N LEU D 90 -20.22 32.50 8.74
CA LEU D 90 -20.19 32.90 10.13
C LEU D 90 -19.03 32.22 10.85
N THR D 91 -18.64 32.79 11.99
CA THR D 91 -17.52 32.26 12.75
C THR D 91 -17.85 31.11 13.69
N ASN D 92 -16.81 30.37 14.05
CA ASN D 92 -16.91 29.21 14.93
C ASN D 92 -17.38 29.61 16.33
N SER D 93 -16.99 30.81 16.74
CA SER D 93 -17.35 31.36 18.05
C SER D 93 -17.24 32.88 17.97
N PRO D 94 -17.76 33.60 19.00
CA PRO D 94 -17.69 35.06 19.00
C PRO D 94 -16.25 35.58 18.81
N VAL D 95 -16.10 36.54 17.91
CA VAL D 95 -14.78 37.11 17.59
C VAL D 95 -14.22 38.11 18.59
N GLU D 96 -12.90 38.22 18.57
CA GLU D 96 -12.16 39.13 19.43
C GLU D 96 -10.77 39.27 18.81
N LEU D 97 -10.44 40.48 18.38
CA LEU D 97 -9.14 40.73 17.76
C LEU D 97 -8.05 40.01 18.54
N ARG D 98 -7.03 39.53 17.82
CA ARG D 98 -5.92 38.81 18.45
C ARG D 98 -6.35 37.43 18.98
N GLU D 99 -7.58 37.01 18.67
CA GLU D 99 -8.06 35.71 19.12
C GLU D 99 -8.36 34.78 17.94
N PRO D 100 -7.52 33.75 17.74
CA PRO D 100 -7.72 32.81 16.64
C PRO D 100 -9.14 32.26 16.59
N ASN D 101 -9.74 32.37 15.41
CA ASN D 101 -11.09 31.90 15.21
C ASN D 101 -11.17 31.18 13.87
N VAL D 102 -12.34 30.66 13.55
CA VAL D 102 -12.55 29.95 12.29
C VAL D 102 -13.77 30.48 11.52
N LEU D 103 -13.57 30.76 10.25
CA LEU D 103 -14.64 31.25 9.42
C LEU D 103 -15.26 30.01 8.74
N ILE D 104 -16.59 29.89 8.80
CA ILE D 104 -17.29 28.74 8.21
C ILE D 104 -18.20 29.16 7.07
N CYS D 105 -18.04 28.51 5.93
CA CYS D 105 -18.87 28.83 4.78
C CYS D 105 -19.85 27.67 4.55
N PHE D 106 -21.14 27.92 4.77
CA PHE D 106 -22.18 26.90 4.61
C PHE D 106 -22.77 26.95 3.21
N ILE D 107 -22.67 25.84 2.49
CA ILE D 107 -23.24 25.75 1.15
C ILE D 107 -24.36 24.74 1.38
N ASP D 108 -25.59 25.16 1.12
CA ASP D 108 -26.73 24.32 1.43
C ASP D 108 -27.78 24.27 0.35
N LYS D 109 -28.64 23.25 0.42
CA LYS D 109 -29.76 23.08 -0.52
C LYS D 109 -29.44 23.22 -2.01
N PHE D 110 -28.45 22.49 -2.49
CA PHE D 110 -28.11 22.60 -3.91
C PHE D 110 -27.86 21.25 -4.55
N THR D 111 -27.83 21.25 -5.86
CA THR D 111 -27.54 20.06 -6.65
C THR D 111 -27.40 20.50 -8.10
N PRO D 112 -26.61 19.77 -8.90
CA PRO D 112 -25.84 18.57 -8.55
C PRO D 112 -24.70 18.85 -7.59
N PRO D 113 -24.10 17.80 -7.02
CA PRO D 113 -23.00 17.99 -6.08
C PRO D 113 -21.64 18.38 -6.70
N VAL D 114 -21.59 19.58 -7.26
CA VAL D 114 -20.37 20.11 -7.86
C VAL D 114 -20.34 21.62 -7.63
N VAL D 115 -19.30 22.08 -6.96
CA VAL D 115 -19.19 23.49 -6.64
C VAL D 115 -17.72 23.93 -6.53
N ASN D 116 -17.43 25.19 -6.84
CA ASN D 116 -16.08 25.68 -6.70
C ASN D 116 -16.10 26.75 -5.61
N VAL D 117 -15.32 26.54 -4.57
CA VAL D 117 -15.29 27.48 -3.46
C VAL D 117 -13.92 28.04 -3.20
N THR D 118 -13.81 29.37 -3.18
CA THR D 118 -12.54 30.04 -2.92
C THR D 118 -12.73 31.11 -1.86
N TRP D 119 -11.77 31.20 -0.93
CA TRP D 119 -11.82 32.21 0.12
C TRP D 119 -11.05 33.44 -0.33
N LEU D 120 -11.61 34.63 -0.05
CA LEU D 120 -10.97 35.88 -0.42
C LEU D 120 -10.74 36.80 0.78
N ARG D 121 -9.52 37.32 0.89
CA ARG D 121 -9.22 38.27 1.96
C ARG D 121 -8.83 39.57 1.30
N ASN D 122 -9.71 40.55 1.41
CA ASN D 122 -9.50 41.85 0.79
C ASN D 122 -9.41 41.70 -0.73
N GLY D 123 -10.12 40.70 -1.25
CA GLY D 123 -10.12 40.47 -2.69
C GLY D 123 -9.06 39.48 -3.12
N LYS D 124 -8.13 39.15 -2.23
CA LYS D 124 -7.08 38.22 -2.57
C LYS D 124 -7.33 36.83 -2.01
N PRO D 125 -7.20 35.80 -2.86
CA PRO D 125 -7.38 34.39 -2.51
C PRO D 125 -6.54 33.93 -1.33
N VAL D 126 -7.16 33.22 -0.41
CA VAL D 126 -6.48 32.71 0.78
C VAL D 126 -6.62 31.20 0.81
N THR D 127 -5.52 30.49 0.95
CA THR D 127 -5.54 29.03 1.00
C THR D 127 -4.94 28.49 2.30
N THR D 128 -4.13 29.33 2.94
CA THR D 128 -3.48 28.95 4.18
C THR D 128 -4.43 28.40 5.23
N GLY D 129 -4.29 27.09 5.50
CA GLY D 129 -5.10 26.45 6.52
C GLY D 129 -6.54 26.15 6.15
N VAL D 130 -6.97 26.53 4.94
CA VAL D 130 -8.34 26.27 4.54
C VAL D 130 -8.63 24.78 4.63
N SER D 131 -9.90 24.45 4.76
CA SER D 131 -10.30 23.07 4.92
C SER D 131 -11.70 22.92 4.35
N GLU D 132 -12.08 21.69 4.00
CA GLU D 132 -13.42 21.49 3.48
C GLU D 132 -13.99 20.13 3.80
N THR D 133 -15.28 20.02 3.54
CA THR D 133 -16.06 18.83 3.79
C THR D 133 -16.47 18.21 2.47
N VAL D 134 -16.91 16.95 2.50
CA VAL D 134 -17.39 16.30 1.28
C VAL D 134 -18.90 16.54 1.22
N PHE D 135 -19.51 16.35 0.06
CA PHE D 135 -20.94 16.59 -0.07
C PHE D 135 -21.78 15.75 0.91
N LEU D 136 -22.48 16.44 1.81
CA LEU D 136 -23.31 15.78 2.81
C LEU D 136 -24.76 15.70 2.34
N PRO D 137 -25.47 14.63 2.71
CA PRO D 137 -26.87 14.36 2.33
C PRO D 137 -27.93 15.24 2.98
N ARG D 138 -29.08 15.33 2.34
CA ARG D 138 -30.24 16.08 2.82
C ARG D 138 -31.50 15.25 2.57
N GLU D 139 -32.51 15.42 3.40
CA GLU D 139 -33.74 14.67 3.23
C GLU D 139 -34.40 14.96 1.89
N ASP D 140 -34.28 16.20 1.39
CA ASP D 140 -34.91 16.51 0.10
C ASP D 140 -34.04 16.07 -1.08
N HIS D 141 -32.96 15.35 -0.76
CA HIS D 141 -32.02 14.81 -1.75
C HIS D 141 -31.06 15.81 -2.37
N LEU D 142 -30.97 16.99 -1.76
CA LEU D 142 -30.06 18.08 -2.18
C LEU D 142 -28.82 17.87 -1.30
N PHE D 143 -27.82 18.74 -1.43
CA PHE D 143 -26.61 18.56 -0.64
C PHE D 143 -26.23 19.78 0.21
N ARG D 144 -25.28 19.56 1.11
CA ARG D 144 -24.71 20.57 2.00
C ARG D 144 -23.22 20.37 1.95
N LYS D 145 -22.46 21.43 2.20
CA LYS D 145 -21.00 21.34 2.19
C LYS D 145 -20.43 22.49 3.02
N PHE D 146 -19.41 22.20 3.83
CA PHE D 146 -18.79 23.21 4.66
C PHE D 146 -17.36 23.49 4.23
N HIS D 147 -16.95 24.76 4.35
CA HIS D 147 -15.60 25.19 4.05
C HIS D 147 -15.16 26.03 5.24
N TYR D 148 -13.92 25.84 5.68
CA TYR D 148 -13.42 26.56 6.83
C TYR D 148 -12.17 27.39 6.51
N LEU D 149 -12.00 28.51 7.21
CA LEU D 149 -10.84 29.39 7.02
C LEU D 149 -10.32 29.87 8.35
N PRO D 150 -9.29 29.20 8.89
CA PRO D 150 -8.78 29.69 10.18
C PRO D 150 -8.27 31.10 9.94
N PHE D 151 -8.41 31.99 10.91
CA PHE D 151 -7.93 33.36 10.72
C PHE D 151 -7.70 34.13 12.01
N LEU D 152 -7.10 35.30 11.87
CA LEU D 152 -6.81 36.19 12.99
C LEU D 152 -7.73 37.38 12.87
N PRO D 153 -8.68 37.54 13.81
CA PRO D 153 -9.61 38.68 13.76
C PRO D 153 -8.86 39.99 13.60
N SER D 154 -9.39 40.85 12.74
CA SER D 154 -8.78 42.15 12.48
C SER D 154 -9.87 43.11 12.04
N THR D 155 -9.63 44.41 12.21
CA THR D 155 -10.62 45.41 11.80
C THR D 155 -10.40 45.88 10.36
N GLU D 156 -9.24 45.54 9.80
CA GLU D 156 -8.92 45.94 8.44
C GLU D 156 -9.28 44.85 7.41
N ASP D 157 -9.25 43.59 7.84
CA ASP D 157 -9.56 42.48 6.96
C ASP D 157 -11.05 42.36 6.62
N VAL D 158 -11.34 42.02 5.37
CA VAL D 158 -12.72 41.84 4.91
C VAL D 158 -12.77 40.57 4.04
N TYR D 159 -13.37 39.50 4.58
CA TYR D 159 -13.44 38.23 3.87
C TYR D 159 -14.62 38.02 2.92
N ASP D 160 -14.47 37.05 2.04
CA ASP D 160 -15.48 36.69 1.05
C ASP D 160 -15.42 35.19 0.81
N CYS D 161 -16.58 34.53 0.75
CA CYS D 161 -16.62 33.11 0.43
C CYS D 161 -17.19 33.13 -0.98
N ARG D 162 -16.34 32.91 -1.97
CA ARG D 162 -16.76 32.91 -3.38
C ARG D 162 -17.23 31.52 -3.78
N VAL D 163 -18.49 31.42 -4.18
CA VAL D 163 -19.05 30.13 -4.56
C VAL D 163 -19.55 30.12 -5.99
N GLU D 164 -19.21 29.04 -6.70
CA GLU D 164 -19.63 28.86 -8.07
C GLU D 164 -20.49 27.58 -8.15
N HIS D 165 -21.57 27.63 -8.93
CA HIS D 165 -22.44 26.46 -9.07
C HIS D 165 -23.34 26.72 -10.26
N TRP D 166 -23.55 25.70 -11.08
CA TRP D 166 -24.38 25.87 -12.28
C TRP D 166 -25.76 26.44 -11.99
N GLY D 167 -26.17 26.32 -10.73
CA GLY D 167 -27.48 26.83 -10.33
C GLY D 167 -27.53 28.34 -10.23
N LEU D 168 -26.38 28.97 -10.00
CA LEU D 168 -26.32 30.42 -9.87
C LEU D 168 -26.33 31.10 -11.25
N ASP D 169 -26.42 32.42 -11.25
CA ASP D 169 -26.40 33.17 -12.50
C ASP D 169 -25.03 33.78 -12.61
N GLU D 170 -24.28 33.70 -11.53
CA GLU D 170 -22.93 34.23 -11.48
C GLU D 170 -22.32 33.83 -10.14
N PRO D 171 -20.99 33.84 -10.05
CA PRO D 171 -20.37 33.47 -8.78
C PRO D 171 -21.04 34.26 -7.66
N LEU D 172 -21.12 33.68 -6.47
CA LEU D 172 -21.73 34.37 -5.35
C LEU D 172 -20.67 34.62 -4.30
N LEU D 173 -20.52 35.87 -3.89
CA LEU D 173 -19.53 36.22 -2.89
C LEU D 173 -20.25 36.64 -1.60
N LYS D 174 -19.94 35.97 -0.50
CA LYS D 174 -20.57 36.30 0.77
C LYS D 174 -19.57 37.03 1.66
N HIS D 175 -19.88 38.30 1.92
CA HIS D 175 -19.06 39.18 2.74
C HIS D 175 -19.03 38.79 4.21
N TRP D 176 -17.99 39.25 4.89
CA TRP D 176 -17.85 39.05 6.31
C TRP D 176 -16.68 39.87 6.80
N GLU D 177 -16.88 40.53 7.94
CA GLU D 177 -15.84 41.37 8.51
C GLU D 177 -16.12 41.67 9.97
N PHE D 178 -15.07 41.88 10.74
CA PHE D 178 -15.18 42.20 12.15
C PHE D 178 -16.13 43.39 12.28
N ASP D 179 -17.12 43.26 13.15
CA ASP D 179 -18.13 44.31 13.35
C ASP D 179 -18.99 44.45 12.10
N GLY E 1 -17.17 27.07 -22.62
CA GLY E 1 -17.58 26.82 -21.20
C GLY E 1 -18.32 25.50 -21.05
N ASP E 2 -18.13 24.82 -19.91
CA ASP E 2 -18.78 23.53 -19.66
C ASP E 2 -20.27 23.69 -19.36
N THR E 3 -21.11 23.29 -20.30
CA THR E 3 -22.55 23.38 -20.12
C THR E 3 -23.19 22.03 -20.44
N ARG E 4 -22.43 20.96 -20.28
CA ARG E 4 -22.95 19.63 -20.57
C ARG E 4 -23.95 19.25 -19.51
N PRO E 5 -25.08 18.64 -19.91
CA PRO E 5 -26.11 18.22 -18.96
C PRO E 5 -25.53 17.23 -17.95
N ARG E 6 -26.08 17.21 -16.75
CA ARG E 6 -25.63 16.29 -15.71
C ARG E 6 -26.68 15.20 -15.40
N PHE E 7 -26.18 14.06 -14.96
CA PHE E 7 -27.04 12.93 -14.62
C PHE E 7 -26.48 12.42 -13.29
N LEU E 8 -27.35 12.37 -12.29
CA LEU E 8 -26.97 11.95 -10.95
C LEU E 8 -27.75 10.74 -10.47
N TRP E 9 -27.08 9.90 -9.70
CA TRP E 9 -27.66 8.72 -9.12
C TRP E 9 -27.25 8.72 -7.65
N GLN E 10 -28.22 8.63 -6.75
CA GLN E 10 -27.92 8.61 -5.30
C GLN E 10 -28.54 7.38 -4.69
N LEU E 11 -27.88 6.82 -3.70
CA LEU E 11 -28.38 5.62 -3.05
C LEU E 11 -28.27 5.91 -1.57
N LYS E 12 -29.36 5.69 -0.83
CA LYS E 12 -29.34 5.94 0.61
C LYS E 12 -29.90 4.78 1.40
N PHE E 13 -29.20 4.43 2.47
CA PHE E 13 -29.62 3.38 3.38
C PHE E 13 -29.75 4.10 4.72
N GLU E 14 -31.01 4.33 5.12
CA GLU E 14 -31.29 5.05 6.35
C GLU E 14 -31.74 4.19 7.50
N CYS E 15 -30.99 4.26 8.61
CA CYS E 15 -31.35 3.52 9.81
C CYS E 15 -31.94 4.52 10.82
N HIS E 16 -33.23 4.37 11.09
CA HIS E 16 -33.93 5.25 12.03
C HIS E 16 -34.11 4.55 13.36
N PHE E 17 -33.59 5.15 14.43
CA PHE E 17 -33.67 4.56 15.77
C PHE E 17 -34.57 5.33 16.72
N PHE E 18 -35.39 4.59 17.45
CA PHE E 18 -36.32 5.17 18.42
C PHE E 18 -36.12 4.53 19.80
N ASN E 19 -35.85 5.36 20.81
CA ASN E 19 -35.67 4.87 22.18
C ASN E 19 -34.54 3.84 22.20
N GLY E 20 -33.29 4.31 22.06
CA GLY E 20 -32.18 3.40 22.02
C GLY E 20 -32.28 2.66 20.68
N THR E 21 -32.41 1.34 20.72
CA THR E 21 -32.57 0.55 19.51
C THR E 21 -33.76 -0.37 19.69
N GLU E 22 -34.71 0.06 20.51
CA GLU E 22 -35.91 -0.74 20.76
C GLU E 22 -36.73 -0.82 19.49
N ARG E 23 -36.80 0.29 18.77
CA ARG E 23 -37.53 0.32 17.51
C ARG E 23 -36.57 0.80 16.43
N VAL E 24 -36.45 0.01 15.36
CA VAL E 24 -35.55 0.34 14.27
C VAL E 24 -36.23 0.25 12.91
N ARG E 25 -36.16 1.34 12.14
CA ARG E 25 -36.74 1.36 10.81
C ARG E 25 -35.66 1.60 9.75
N LEU E 26 -35.61 0.71 8.77
CA LEU E 26 -34.64 0.78 7.68
C LEU E 26 -35.28 1.23 6.38
N LEU E 27 -34.79 2.35 5.84
CA LEU E 27 -35.29 2.91 4.58
C LEU E 27 -34.17 2.92 3.54
N GLU E 28 -34.31 2.10 2.51
CA GLU E 28 -33.33 2.02 1.43
C GLU E 28 -33.94 2.78 0.26
N ARG E 29 -33.26 3.78 -0.26
CA ARG E 29 -33.81 4.55 -1.37
C ARG E 29 -32.87 4.80 -2.54
N CYS E 30 -33.43 4.81 -3.75
CA CYS E 30 -32.69 5.07 -4.98
C CYS E 30 -33.20 6.37 -5.56
N ILE E 31 -32.30 7.32 -5.81
CA ILE E 31 -32.69 8.63 -6.34
C ILE E 31 -32.00 9.01 -7.65
N TYR E 32 -32.79 9.24 -8.68
CA TYR E 32 -32.25 9.64 -9.95
C TYR E 32 -32.48 11.12 -10.11
N ASN E 33 -31.38 11.87 -10.18
CA ASN E 33 -31.40 13.34 -10.27
C ASN E 33 -31.92 13.83 -8.92
N GLN E 34 -33.17 14.22 -8.83
CA GLN E 34 -33.63 14.63 -7.50
C GLN E 34 -34.95 13.93 -7.17
N GLU E 35 -35.22 12.84 -7.89
CA GLU E 35 -36.44 12.07 -7.81
C GLU E 35 -36.25 10.65 -7.29
N GLU E 36 -36.83 10.34 -6.13
CA GLU E 36 -36.72 8.99 -5.61
C GLU E 36 -37.56 8.09 -6.52
N SER E 37 -36.95 7.01 -7.01
CA SER E 37 -37.63 6.10 -7.92
C SER E 37 -38.11 4.77 -7.33
N VAL E 38 -37.39 4.27 -6.34
CA VAL E 38 -37.77 3.00 -5.73
C VAL E 38 -37.19 2.93 -4.33
N ARG E 39 -37.84 2.13 -3.48
CA ARG E 39 -37.39 2.01 -2.10
C ARG E 39 -37.80 0.71 -1.43
N PHE E 40 -37.16 0.43 -0.31
CA PHE E 40 -37.49 -0.70 0.51
C PHE E 40 -37.61 -0.14 1.93
N ASP E 41 -38.83 -0.19 2.45
CA ASP E 41 -39.18 0.29 3.79
C ASP E 41 -39.33 -0.98 4.64
N SER E 42 -38.47 -1.18 5.64
CA SER E 42 -38.58 -2.36 6.50
C SER E 42 -40.00 -2.49 7.09
N ASP E 43 -40.74 -1.38 7.19
CA ASP E 43 -42.10 -1.43 7.72
C ASP E 43 -43.04 -2.02 6.69
N VAL E 44 -42.55 -2.14 5.46
CA VAL E 44 -43.35 -2.72 4.38
C VAL E 44 -42.88 -4.13 4.10
N GLY E 45 -41.57 -4.35 4.05
CA GLY E 45 -41.06 -5.68 3.81
C GLY E 45 -40.59 -6.03 2.40
N GLU E 46 -41.02 -5.26 1.40
CA GLU E 46 -40.61 -5.51 0.02
C GLU E 46 -40.32 -4.16 -0.63
N TYR E 47 -39.65 -4.16 -1.77
CA TYR E 47 -39.33 -2.93 -2.49
C TYR E 47 -40.62 -2.38 -3.08
N ARG E 48 -40.68 -1.06 -3.23
CA ARG E 48 -41.88 -0.47 -3.81
C ARG E 48 -41.44 0.65 -4.73
N ALA E 49 -42.03 0.68 -5.91
CA ALA E 49 -41.72 1.69 -6.89
C ALA E 49 -42.32 3.00 -6.37
N VAL E 50 -41.52 4.04 -6.31
CA VAL E 50 -42.01 5.33 -5.87
C VAL E 50 -42.42 6.07 -7.10
N THR E 51 -41.84 5.65 -8.21
CA THR E 51 -42.05 6.29 -9.50
C THR E 51 -42.14 5.24 -10.59
N GLU E 52 -42.77 5.59 -11.70
CA GLU E 52 -42.89 4.65 -12.83
C GLU E 52 -41.51 4.14 -13.25
N LEU E 53 -40.51 5.02 -13.24
CA LEU E 53 -39.16 4.64 -13.63
C LEU E 53 -38.61 3.51 -12.77
N GLY E 54 -39.10 3.43 -11.54
CA GLY E 54 -38.62 2.41 -10.62
C GLY E 54 -39.34 1.09 -10.57
N ARG E 55 -40.47 0.98 -11.27
CA ARG E 55 -41.22 -0.28 -11.27
C ARG E 55 -40.40 -1.53 -11.62
N PRO E 56 -39.62 -1.48 -12.70
CA PRO E 56 -38.82 -2.66 -13.08
C PRO E 56 -37.90 -3.15 -11.97
N ASP E 57 -37.41 -2.23 -11.16
CA ASP E 57 -36.49 -2.56 -10.09
C ASP E 57 -37.22 -3.21 -8.92
N ALA E 58 -38.43 -2.76 -8.63
CA ALA E 58 -39.20 -3.35 -7.55
C ALA E 58 -39.51 -4.79 -7.94
N GLU E 59 -39.98 -5.00 -9.17
CA GLU E 59 -40.30 -6.35 -9.64
C GLU E 59 -39.06 -7.23 -9.63
N TYR E 60 -37.98 -6.72 -10.20
CA TYR E 60 -36.76 -7.50 -10.24
C TYR E 60 -36.25 -7.88 -8.86
N TRP E 61 -36.02 -6.90 -7.99
CA TRP E 61 -35.48 -7.20 -6.68
C TRP E 61 -36.38 -8.05 -5.78
N ASN E 62 -37.71 -7.87 -5.87
CA ASN E 62 -38.60 -8.66 -5.03
C ASN E 62 -38.63 -10.12 -5.46
N SER E 63 -38.11 -10.39 -6.67
CA SER E 63 -38.06 -11.76 -7.19
C SER E 63 -36.85 -12.49 -6.64
N GLN E 64 -36.05 -11.82 -5.81
CA GLN E 64 -34.87 -12.45 -5.28
C GLN E 64 -35.02 -12.80 -3.80
N LYS E 65 -35.48 -14.02 -3.55
CA LYS E 65 -35.69 -14.53 -2.20
C LYS E 65 -34.56 -14.21 -1.26
N ASP E 66 -33.33 -14.55 -1.63
CA ASP E 66 -32.20 -14.28 -0.75
C ASP E 66 -32.01 -12.81 -0.43
N LEU E 67 -32.39 -11.94 -1.37
CA LEU E 67 -32.27 -10.51 -1.21
C LEU E 67 -33.23 -9.94 -0.16
N LEU E 68 -34.52 -10.25 -0.35
CA LEU E 68 -35.56 -9.80 0.59
C LEU E 68 -35.20 -10.32 1.97
N GLU E 69 -34.64 -11.51 1.99
CA GLU E 69 -34.25 -12.10 3.26
C GLU E 69 -33.21 -11.22 3.95
N GLN E 70 -32.12 -10.89 3.25
CA GLN E 70 -31.07 -10.06 3.83
C GLN E 70 -31.60 -8.71 4.27
N ARG E 71 -32.39 -8.08 3.40
CA ARG E 71 -32.96 -6.78 3.72
C ARG E 71 -33.87 -6.83 4.96
N ARG E 72 -34.76 -7.82 5.00
CA ARG E 72 -35.69 -7.93 6.12
C ARG E 72 -35.01 -8.20 7.46
N ALA E 73 -33.72 -8.51 7.42
CA ALA E 73 -32.96 -8.78 8.64
C ALA E 73 -31.86 -7.73 8.82
N ALA E 74 -31.85 -6.72 7.96
CA ALA E 74 -30.82 -5.70 8.03
C ALA E 74 -30.98 -4.77 9.24
N VAL E 75 -32.20 -4.65 9.77
CA VAL E 75 -32.44 -3.81 10.93
C VAL E 75 -31.50 -4.29 12.03
N ASP E 76 -31.24 -5.58 12.04
CA ASP E 76 -30.36 -6.15 13.05
C ASP E 76 -28.91 -6.24 12.59
N THR E 77 -28.65 -6.94 11.48
CA THR E 77 -27.27 -7.09 10.99
C THR E 77 -26.56 -5.81 10.52
N TYR E 78 -27.34 -4.80 10.14
CA TYR E 78 -26.81 -3.54 9.63
C TYR E 78 -27.02 -2.38 10.59
N CYS E 79 -28.31 -2.05 10.77
CA CYS E 79 -28.71 -0.93 11.62
C CYS E 79 -28.26 -1.05 13.07
N ARG E 80 -28.80 -2.00 13.81
CA ARG E 80 -28.41 -2.15 15.20
C ARG E 80 -26.92 -2.42 15.32
N HIS E 81 -26.34 -3.17 14.39
CA HIS E 81 -24.91 -3.43 14.46
C HIS E 81 -24.07 -2.14 14.37
N ASN E 82 -24.36 -1.29 13.38
CA ASN E 82 -23.58 -0.07 13.26
C ASN E 82 -23.81 0.91 14.39
N TYR E 83 -25.00 0.85 14.97
CA TYR E 83 -25.34 1.71 16.09
C TYR E 83 -24.38 1.40 17.23
N GLY E 84 -24.26 0.12 17.55
CA GLY E 84 -23.37 -0.29 18.61
C GLY E 84 -21.94 0.06 18.31
N VAL E 85 -21.50 -0.20 17.08
CA VAL E 85 -20.13 0.08 16.67
C VAL E 85 -19.66 1.48 17.06
N GLY E 86 -20.46 2.50 16.80
CA GLY E 86 -20.01 3.84 17.13
C GLY E 86 -20.73 4.58 18.24
N GLU E 87 -21.61 3.90 18.96
CA GLU E 87 -22.35 4.54 20.03
C GLU E 87 -21.51 5.36 21.00
N SER E 88 -20.37 4.83 21.43
CA SER E 88 -19.52 5.52 22.39
C SER E 88 -19.01 6.91 21.98
N PHE E 89 -18.86 7.18 20.69
CA PHE E 89 -18.36 8.48 20.25
C PHE E 89 -19.37 9.29 19.45
N THR E 90 -20.60 8.79 19.37
CA THR E 90 -21.67 9.47 18.66
C THR E 90 -22.86 9.73 19.57
N VAL E 91 -23.55 8.66 19.95
CA VAL E 91 -24.72 8.76 20.81
C VAL E 91 -24.32 9.29 22.17
N GLN E 92 -23.19 8.77 22.67
CA GLN E 92 -22.67 9.16 23.98
C GLN E 92 -21.71 10.35 23.91
N ARG E 93 -21.63 11.02 22.76
CA ARG E 93 -20.73 12.16 22.63
C ARG E 93 -21.33 13.36 23.36
N ARG E 94 -20.49 14.10 24.09
CA ARG E 94 -20.94 15.29 24.82
C ARG E 94 -19.82 16.32 24.94
N VAL E 95 -20.07 17.52 24.44
CA VAL E 95 -19.09 18.59 24.51
C VAL E 95 -19.79 19.80 25.14
N GLU E 96 -19.23 20.26 26.25
CA GLU E 96 -19.78 21.38 27.00
C GLU E 96 -19.84 22.67 26.20
N PRO E 97 -20.97 23.38 26.27
CA PRO E 97 -21.15 24.64 25.54
C PRO E 97 -20.41 25.82 26.16
N LYS E 98 -19.83 26.63 25.30
CA LYS E 98 -19.12 27.83 25.73
C LYS E 98 -20.14 28.96 25.65
N VAL E 99 -20.40 29.61 26.77
CA VAL E 99 -21.38 30.69 26.81
C VAL E 99 -20.73 32.02 27.17
N THR E 100 -21.05 33.05 26.41
CA THR E 100 -20.53 34.39 26.64
C THR E 100 -21.47 35.42 26.03
N VAL E 101 -21.99 36.32 26.86
CA VAL E 101 -22.91 37.36 26.41
C VAL E 101 -22.22 38.68 26.05
N TYR E 102 -22.85 39.45 25.16
CA TYR E 102 -22.32 40.74 24.72
C TYR E 102 -23.39 41.50 23.93
N PRO E 103 -23.32 42.83 23.91
CA PRO E 103 -24.30 43.66 23.18
C PRO E 103 -23.95 43.83 21.70
N SER E 104 -24.92 44.25 20.90
CA SER E 104 -24.70 44.43 19.48
C SER E 104 -25.39 45.68 18.92
N LYS E 105 -24.97 46.10 17.73
CA LYS E 105 -25.55 47.27 17.07
C LYS E 105 -26.82 46.94 16.30
N THR E 106 -27.85 47.73 16.54
CA THR E 106 -29.15 47.55 15.91
C THR E 106 -29.27 48.31 14.59
N GLN E 107 -28.50 49.38 14.46
CA GLN E 107 -28.52 50.20 13.25
C GLN E 107 -27.10 50.49 12.77
N ASN E 113 -32.01 49.03 22.31
CA ASN E 113 -30.77 48.28 22.29
C ASN E 113 -31.00 46.83 21.90
N LEU E 114 -29.92 46.03 21.91
CA LEU E 114 -29.99 44.62 21.56
C LEU E 114 -28.85 43.84 22.20
N LEU E 115 -29.19 42.74 22.85
CA LEU E 115 -28.20 41.90 23.51
C LEU E 115 -28.18 40.49 22.88
N VAL E 116 -27.06 39.78 23.01
CA VAL E 116 -26.95 38.42 22.44
C VAL E 116 -26.21 37.48 23.38
N CYS E 117 -26.80 36.30 23.63
CA CYS E 117 -26.15 35.36 24.53
C CYS E 117 -25.00 34.56 23.91
N SER E 118 -25.25 33.85 22.82
CA SER E 118 -24.20 33.09 22.14
C SER E 118 -23.57 31.88 22.85
N VAL E 119 -24.06 30.69 22.54
CA VAL E 119 -23.55 29.47 23.13
C VAL E 119 -22.94 28.67 21.96
N SER E 120 -21.65 28.33 22.08
CA SER E 120 -20.95 27.63 21.01
C SER E 120 -20.14 26.38 21.35
N GLY E 121 -19.85 25.60 20.30
CA GLY E 121 -19.05 24.39 20.43
C GLY E 121 -19.66 23.24 21.20
N PHE E 122 -20.99 23.17 21.27
CA PHE E 122 -21.63 22.10 22.02
C PHE E 122 -22.20 20.95 21.20
N TYR E 123 -22.29 19.80 21.84
CA TYR E 123 -22.84 18.60 21.22
C TYR E 123 -23.33 17.65 22.34
N PRO E 124 -24.53 17.07 22.17
CA PRO E 124 -25.51 17.17 21.08
C PRO E 124 -26.06 18.58 20.86
N GLY E 125 -27.13 18.65 20.06
CA GLY E 125 -27.74 19.93 19.76
C GLY E 125 -28.94 20.28 20.63
N SER E 126 -29.36 19.37 21.49
CA SER E 126 -30.50 19.65 22.35
C SER E 126 -30.04 20.57 23.46
N ILE E 127 -30.57 21.80 23.46
CA ILE E 127 -30.17 22.77 24.45
C ILE E 127 -31.31 23.76 24.73
N GLU E 128 -31.27 24.36 25.92
CA GLU E 128 -32.26 25.34 26.31
C GLU E 128 -31.53 26.60 26.73
N VAL E 129 -31.94 27.73 26.17
CA VAL E 129 -31.31 29.00 26.50
C VAL E 129 -32.35 29.92 27.14
N ARG E 130 -32.11 30.32 28.37
CA ARG E 130 -33.03 31.19 29.10
C ARG E 130 -32.44 32.57 29.39
N TRP E 131 -33.18 33.61 29.02
CA TRP E 131 -32.75 35.00 29.24
C TRP E 131 -33.35 35.54 30.54
N PHE E 132 -32.48 35.90 31.48
CA PHE E 132 -32.91 36.41 32.78
C PHE E 132 -32.47 37.84 33.09
N ARG E 133 -33.36 38.57 33.74
CA ARG E 133 -33.10 39.94 34.16
C ARG E 133 -33.19 39.89 35.69
N ASN E 134 -32.07 39.57 36.32
CA ASN E 134 -31.97 39.46 37.78
C ASN E 134 -33.28 39.03 38.44
N GLY E 135 -33.62 37.76 38.28
CA GLY E 135 -34.84 37.25 38.87
C GLY E 135 -35.90 36.79 37.88
N GLN E 136 -36.38 37.74 37.07
CA GLN E 136 -37.41 37.45 36.07
C GLN E 136 -36.86 36.72 34.85
N GLU E 137 -37.71 36.53 33.85
CA GLU E 137 -37.30 35.86 32.62
C GLU E 137 -38.02 36.48 31.42
N GLU E 138 -37.33 37.36 30.71
CA GLU E 138 -37.90 38.00 29.54
C GLU E 138 -38.31 36.93 28.53
N LYS E 139 -39.23 37.27 27.63
CA LYS E 139 -39.69 36.31 26.64
C LYS E 139 -40.20 36.96 25.37
N ALA E 140 -40.55 38.25 25.46
CA ALA E 140 -41.08 38.97 24.30
C ALA E 140 -39.98 39.46 23.37
N GLY E 141 -38.86 39.88 23.94
CA GLY E 141 -37.77 40.37 23.12
C GLY E 141 -36.77 39.30 22.71
N VAL E 142 -36.98 38.08 23.19
CA VAL E 142 -36.10 36.97 22.86
C VAL E 142 -36.30 36.49 21.43
N VAL E 143 -35.19 36.40 20.70
CA VAL E 143 -35.20 35.96 19.32
C VAL E 143 -34.00 35.04 19.10
N SER E 144 -34.23 33.85 18.56
CA SER E 144 -33.15 32.90 18.34
C SER E 144 -32.86 32.66 16.86
N THR E 145 -31.59 32.40 16.53
CA THR E 145 -31.22 32.13 15.14
C THR E 145 -31.49 30.66 14.87
N GLY E 146 -31.82 29.92 15.93
CA GLY E 146 -32.09 28.51 15.78
C GLY E 146 -30.79 27.74 15.93
N LEU E 147 -30.89 26.42 16.05
CA LEU E 147 -29.72 25.57 16.20
C LEU E 147 -28.89 25.64 14.92
N ILE E 148 -27.56 25.74 15.06
CA ILE E 148 -26.68 25.81 13.90
C ILE E 148 -25.59 24.72 13.90
N GLN E 149 -25.69 23.78 12.97
CA GLN E 149 -24.73 22.69 12.90
C GLN E 149 -23.51 23.19 12.14
N ASN E 150 -22.35 23.14 12.80
CA ASN E 150 -21.08 23.62 12.22
C ASN E 150 -20.40 22.70 11.22
N GLY E 151 -20.79 21.44 11.20
CA GLY E 151 -20.19 20.50 10.28
C GLY E 151 -19.09 19.68 10.91
N ASP E 152 -18.56 20.14 12.03
CA ASP E 152 -17.49 19.42 12.70
C ASP E 152 -17.95 18.73 13.99
N TRP E 153 -19.20 18.31 14.01
CA TRP E 153 -19.76 17.64 15.19
C TRP E 153 -19.90 18.55 16.43
N THR E 154 -20.28 19.81 16.18
CA THR E 154 -20.51 20.79 17.22
C THR E 154 -21.61 21.71 16.73
N PHE E 155 -22.32 22.32 17.66
CA PHE E 155 -23.42 23.23 17.34
C PHE E 155 -23.17 24.60 17.94
N GLN E 156 -23.98 25.55 17.53
CA GLN E 156 -23.92 26.90 18.05
C GLN E 156 -25.25 27.57 17.74
N THR E 157 -25.71 28.41 18.66
CA THR E 157 -26.97 29.13 18.48
C THR E 157 -26.85 30.47 19.19
N LEU E 158 -27.52 31.48 18.64
CA LEU E 158 -27.49 32.81 19.25
C LEU E 158 -28.89 33.26 19.64
N VAL E 159 -29.10 33.40 20.95
CA VAL E 159 -30.37 33.84 21.49
C VAL E 159 -30.21 35.29 21.86
N MET E 160 -30.84 36.17 21.09
CA MET E 160 -30.74 37.60 21.34
C MET E 160 -31.82 38.09 22.30
N LEU E 161 -31.75 39.38 22.65
CA LEU E 161 -32.71 39.96 23.57
C LEU E 161 -32.91 41.46 23.41
N GLU E 162 -34.16 41.87 23.16
CA GLU E 162 -34.48 43.29 23.03
C GLU E 162 -34.22 43.84 24.42
N THR E 163 -33.61 45.02 24.51
CA THR E 163 -33.31 45.55 25.83
C THR E 163 -33.35 47.06 25.99
N VAL E 164 -33.84 47.48 27.16
CA VAL E 164 -33.93 48.89 27.54
C VAL E 164 -33.36 48.91 28.96
N PRO E 165 -32.03 48.71 29.09
CA PRO E 165 -31.31 48.68 30.37
C PRO E 165 -31.09 49.99 31.11
N ARG E 166 -30.87 49.86 32.41
CA ARG E 166 -30.60 50.98 33.29
C ARG E 166 -29.37 50.51 34.07
N SER E 167 -28.48 51.43 34.42
CA SER E 167 -27.27 51.06 35.15
C SER E 167 -27.63 50.26 36.40
N GLY E 168 -26.74 49.35 36.80
CA GLY E 168 -26.99 48.55 37.98
C GLY E 168 -27.75 47.27 37.72
N GLU E 169 -28.44 47.19 36.59
CA GLU E 169 -29.22 45.98 36.27
C GLU E 169 -28.30 44.78 36.04
N VAL E 170 -28.85 43.59 36.29
CA VAL E 170 -28.09 42.36 36.12
C VAL E 170 -28.75 41.37 35.17
N TYR E 171 -28.43 41.48 33.88
CA TYR E 171 -28.94 40.59 32.85
C TYR E 171 -28.11 39.32 32.87
N THR E 172 -28.76 38.16 32.89
CA THR E 172 -28.04 36.89 32.90
C THR E 172 -28.59 35.88 31.90
N CYS E 173 -27.69 35.16 31.24
CA CYS E 173 -28.07 34.14 30.27
C CYS E 173 -27.79 32.79 30.87
N GLN E 174 -28.78 31.91 30.81
CA GLN E 174 -28.62 30.57 31.35
C GLN E 174 -28.95 29.52 30.29
N VAL E 175 -28.20 28.42 30.31
CA VAL E 175 -28.41 27.35 29.36
C VAL E 175 -28.22 26.00 30.01
N GLU E 176 -29.04 25.04 29.61
CA GLU E 176 -28.95 23.69 30.12
C GLU E 176 -28.71 22.76 28.94
N HIS E 177 -27.68 21.93 29.08
CA HIS E 177 -27.31 21.02 28.01
C HIS E 177 -26.80 19.71 28.62
N PRO E 178 -27.11 18.57 27.97
CA PRO E 178 -26.70 17.23 28.43
C PRO E 178 -25.25 17.10 28.90
N SER E 179 -24.41 18.06 28.53
CA SER E 179 -23.01 18.01 28.93
C SER E 179 -22.82 18.36 30.42
N VAL E 180 -23.75 19.13 30.97
CA VAL E 180 -23.65 19.54 32.37
C VAL E 180 -24.94 19.33 33.16
N THR E 181 -24.79 18.95 34.41
CA THR E 181 -25.91 18.70 35.33
C THR E 181 -26.57 19.97 35.82
N SER E 182 -25.75 20.95 36.20
CA SER E 182 -26.28 22.23 36.69
C SER E 182 -26.22 23.30 35.60
N PRO E 183 -27.35 23.99 35.37
CA PRO E 183 -27.48 25.05 34.36
C PRO E 183 -26.41 26.13 34.37
N LEU E 184 -25.72 26.28 33.25
CA LEU E 184 -24.69 27.30 33.12
C LEU E 184 -25.34 28.67 33.19
N THR E 185 -24.57 29.67 33.62
CA THR E 185 -25.06 31.03 33.74
C THR E 185 -23.96 32.05 33.49
N VAL E 186 -24.29 33.11 32.77
CA VAL E 186 -23.36 34.17 32.45
C VAL E 186 -24.04 35.52 32.68
N GLU E 187 -23.55 36.28 33.66
CA GLU E 187 -24.11 37.59 33.98
C GLU E 187 -23.60 38.74 33.11
N TRP E 188 -24.43 39.76 32.97
CA TRP E 188 -24.08 40.95 32.20
C TRP E 188 -24.35 42.16 33.08
N ARG E 189 -23.43 43.12 33.07
CA ARG E 189 -23.57 44.32 33.90
C ARG E 189 -23.73 45.61 33.14
N ALA E 190 -24.95 46.15 33.18
CA ALA E 190 -25.30 47.40 32.52
C ALA E 190 -26.83 47.46 32.42
N PRO F 1 -14.22 -3.47 16.12
CA PRO F 1 -15.55 -2.94 15.74
C PRO F 1 -15.47 -2.41 14.33
N LYS F 2 -16.14 -3.09 13.41
CA LYS F 2 -16.12 -2.68 12.02
C LYS F 2 -17.50 -2.24 11.53
N TYR F 3 -17.55 -1.10 10.84
CA TYR F 3 -18.80 -0.62 10.29
C TYR F 3 -19.16 -1.54 9.13
N VAL F 4 -20.45 -1.81 8.98
CA VAL F 4 -20.93 -2.68 7.92
C VAL F 4 -21.79 -1.86 6.97
N LYS F 5 -21.82 -2.21 5.69
CA LYS F 5 -22.63 -1.46 4.75
C LYS F 5 -23.49 -2.36 3.92
N GLN F 6 -24.55 -1.80 3.35
CA GLN F 6 -25.44 -2.55 2.48
C GLN F 6 -24.89 -2.53 1.06
N ASN F 7 -24.98 -3.66 0.38
CA ASN F 7 -24.46 -3.76 -0.98
C ASN F 7 -25.35 -3.05 -1.97
N THR F 8 -24.72 -2.35 -2.91
CA THR F 8 -25.45 -1.67 -3.96
C THR F 8 -25.88 -2.78 -4.90
N LEU F 9 -27.10 -2.66 -5.44
CA LEU F 9 -27.62 -3.68 -6.34
C LEU F 9 -27.82 -3.14 -7.75
N LYS F 10 -27.60 -4.01 -8.72
CA LYS F 10 -27.80 -3.60 -10.10
C LYS F 10 -29.28 -3.49 -10.44
N LEU F 11 -29.63 -2.40 -11.11
CA LEU F 11 -30.98 -2.15 -11.54
C LEU F 11 -31.43 -3.18 -12.56
N ALA F 12 -32.73 -3.24 -12.80
CA ALA F 12 -33.32 -4.18 -13.73
C ALA F 12 -32.78 -4.07 -15.17
N THR F 13 -32.43 -5.23 -15.73
CA THR F 13 -31.90 -5.42 -17.08
C THR F 13 -30.58 -4.70 -17.37
N MET G 1 -7.20 -19.62 17.99
CA MET G 1 -6.94 -18.21 18.39
C MET G 1 -7.01 -17.28 17.18
N LYS G 2 -7.74 -16.18 17.31
CA LYS G 2 -7.89 -15.21 16.22
C LYS G 2 -6.62 -14.38 16.02
N LEU G 3 -6.05 -14.50 14.83
CA LEU G 3 -4.80 -13.80 14.48
C LEU G 3 -5.04 -12.44 13.82
N ARG G 4 -4.07 -11.55 13.92
CA ARG G 4 -4.17 -10.23 13.31
C ARG G 4 -4.06 -10.36 11.79
N VAL G 5 -3.40 -11.42 11.35
CA VAL G 5 -3.26 -11.73 9.93
C VAL G 5 -3.56 -13.23 9.82
N GLU G 6 -4.72 -13.56 9.25
CA GLU G 6 -5.19 -14.93 9.11
C GLU G 6 -4.26 -15.97 8.49
N ASN G 7 -3.69 -15.66 7.32
CA ASN G 7 -2.78 -16.59 6.66
C ASN G 7 -1.41 -15.94 6.59
N PRO G 8 -0.70 -15.93 7.72
CA PRO G 8 0.64 -15.35 7.87
C PRO G 8 1.67 -15.89 6.89
N LYS G 9 2.38 -15.00 6.22
CA LYS G 9 3.45 -15.40 5.32
C LYS G 9 4.62 -15.64 6.27
N LYS G 10 5.47 -16.63 5.95
CA LYS G 10 6.59 -16.96 6.83
C LYS G 10 7.37 -15.76 7.34
N ALA G 11 7.81 -15.83 8.60
CA ALA G 11 8.56 -14.75 9.22
C ALA G 11 10.06 -15.04 9.33
N GLN G 12 10.87 -14.00 9.23
CA GLN G 12 12.32 -14.15 9.29
C GLN G 12 12.87 -13.76 10.64
N LYS G 13 13.95 -14.41 11.05
CA LYS G 13 14.63 -14.06 12.29
C LYS G 13 15.94 -13.38 11.89
N HIS G 14 16.24 -12.23 12.49
CA HIS G 14 17.48 -11.51 12.21
C HIS G 14 18.35 -11.57 13.46
N PHE G 15 17.83 -12.24 14.48
CA PHE G 15 18.51 -12.40 15.76
C PHE G 15 18.79 -11.08 16.44
N VAL G 16 17.81 -10.20 16.38
CA VAL G 16 17.96 -8.89 16.97
C VAL G 16 17.19 -8.76 18.31
N GLN G 17 16.80 -9.90 18.90
CA GLN G 17 16.02 -9.88 20.14
C GLN G 17 16.71 -9.35 21.39
N ASN G 18 18.03 -9.30 21.41
CA ASN G 18 18.72 -8.80 22.60
C ASN G 18 19.06 -7.31 22.58
N LEU G 19 18.71 -6.62 21.50
CA LEU G 19 19.01 -5.19 21.44
C LEU G 19 18.21 -4.39 22.46
N ASN G 20 18.83 -3.32 22.98
CA ASN G 20 18.19 -2.43 23.95
C ASN G 20 18.37 -1.01 23.42
N ASN G 21 17.69 -0.07 24.05
CA ASN G 21 17.81 1.33 23.69
C ASN G 21 17.58 1.58 22.20
N VAL G 22 16.51 0.99 21.68
CA VAL G 22 16.13 1.12 20.28
C VAL G 22 14.99 2.12 20.12
N VAL G 23 14.32 2.42 21.23
CA VAL G 23 13.19 3.34 21.20
C VAL G 23 13.64 4.79 21.30
N PHE G 24 13.26 5.59 20.32
CA PHE G 24 13.64 7.00 20.32
C PHE G 24 12.90 7.81 21.38
N THR G 25 13.65 8.64 22.08
CA THR G 25 13.14 9.51 23.13
C THR G 25 12.36 10.66 22.50
N ASN G 26 11.64 11.41 23.32
CA ASN G 26 10.88 12.54 22.77
C ASN G 26 11.79 13.62 22.28
N LYS G 27 12.91 13.82 22.96
CA LYS G 27 13.86 14.83 22.53
C LYS G 27 14.29 14.43 21.10
N GLU G 28 14.74 13.18 20.94
CA GLU G 28 15.17 12.68 19.65
C GLU G 28 14.10 12.88 18.58
N LEU G 29 12.86 12.54 18.90
CA LEU G 29 11.77 12.71 17.95
C LEU G 29 11.57 14.18 17.60
N GLU G 30 11.62 15.04 18.61
CA GLU G 30 11.42 16.46 18.42
C GLU G 30 12.52 17.06 17.54
N ASP G 31 13.75 16.58 17.68
CA ASP G 31 14.84 17.09 16.85
C ASP G 31 14.55 16.78 15.38
N ILE G 32 13.90 15.63 15.15
CA ILE G 32 13.55 15.23 13.79
C ILE G 32 12.44 16.12 13.24
N TYR G 33 11.41 16.37 14.04
CA TYR G 33 10.29 17.20 13.57
C TYR G 33 10.74 18.63 13.32
N ASN G 34 11.60 19.16 14.18
CA ASN G 34 12.07 20.53 14.03
C ASN G 34 12.82 20.78 12.73
N LEU G 35 13.03 19.73 11.94
CA LEU G 35 13.74 19.88 10.68
C LEU G 35 12.71 20.28 9.62
N SER G 36 11.43 19.97 9.90
CA SER G 36 10.35 20.31 9.00
C SER G 36 9.89 21.73 9.34
N ASN G 37 10.77 22.70 9.12
CA ASN G 37 10.46 24.08 9.44
C ASN G 37 9.95 24.95 8.28
N LYS G 38 8.80 24.59 7.71
CA LYS G 38 8.24 25.38 6.63
C LYS G 38 6.72 25.28 6.62
N GLU G 39 6.07 26.42 6.34
CA GLU G 39 4.62 26.50 6.32
C GLU G 39 3.97 25.42 5.47
N GLU G 40 4.53 25.20 4.29
CA GLU G 40 4.02 24.20 3.35
C GLU G 40 4.08 22.80 3.95
N THR G 41 5.04 22.59 4.86
CA THR G 41 5.25 21.30 5.50
C THR G 41 4.32 21.05 6.69
N LYS G 42 4.11 22.09 7.48
CA LYS G 42 3.27 22.02 8.68
C LYS G 42 2.06 21.08 8.62
N GLU G 43 1.31 21.15 7.53
CA GLU G 43 0.13 20.29 7.40
C GLU G 43 0.51 18.82 7.51
N VAL G 44 1.36 18.34 6.59
CA VAL G 44 1.79 16.95 6.56
C VAL G 44 2.59 16.55 7.80
N LEU G 45 3.30 17.51 8.38
CA LEU G 45 4.10 17.25 9.58
C LEU G 45 3.15 16.72 10.65
N LYS G 46 1.98 17.33 10.76
CA LYS G 46 0.99 16.90 11.74
C LYS G 46 0.62 15.45 11.48
N LEU G 47 0.42 15.11 10.20
CA LEU G 47 0.08 13.74 9.83
C LEU G 47 1.20 12.80 10.27
N PHE G 48 2.43 13.23 10.02
CA PHE G 48 3.61 12.45 10.35
C PHE G 48 3.66 12.10 11.84
N LYS G 49 3.54 13.13 12.68
CA LYS G 49 3.57 12.94 14.13
C LYS G 49 2.52 11.94 14.58
N LEU G 50 1.34 12.00 13.98
CA LEU G 50 0.28 11.07 14.34
C LEU G 50 0.74 9.64 14.06
N LYS G 51 1.36 9.44 12.91
CA LYS G 51 1.83 8.11 12.54
C LYS G 51 2.85 7.57 13.53
N VAL G 52 3.80 8.41 13.90
CA VAL G 52 4.80 7.98 14.83
C VAL G 52 4.10 7.52 16.10
N ASN G 53 3.16 8.33 16.59
CA ASN G 53 2.44 8.00 17.83
C ASN G 53 1.74 6.67 17.67
N GLN G 54 0.98 6.54 16.59
CA GLN G 54 0.28 5.29 16.33
C GLN G 54 1.27 4.15 16.32
N PHE G 55 2.40 4.40 15.66
CA PHE G 55 3.49 3.43 15.55
C PHE G 55 3.95 2.97 16.93
N TYR G 56 4.28 3.93 17.79
CA TYR G 56 4.72 3.60 19.14
C TYR G 56 3.67 2.79 19.90
N ARG G 57 2.41 3.20 19.82
CA ARG G 57 1.33 2.48 20.49
C ARG G 57 1.22 1.07 19.94
N HIS G 58 1.43 0.94 18.64
CA HIS G 58 1.34 -0.36 18.01
C HIS G 58 2.45 -1.29 18.51
N ALA G 59 3.66 -0.75 18.65
CA ALA G 59 4.80 -1.53 19.10
C ALA G 59 4.61 -2.03 20.54
N PHE G 60 4.35 -1.10 21.45
CA PHE G 60 4.13 -1.48 22.85
C PHE G 60 2.87 -2.30 22.98
N GLY G 61 1.91 -2.05 22.08
CA GLY G 61 0.69 -2.81 22.11
C GLY G 61 1.03 -4.28 21.99
N ILE G 62 2.04 -4.59 21.18
CA ILE G 62 2.45 -5.97 20.98
C ILE G 62 3.19 -6.52 22.18
N VAL G 63 4.03 -5.70 22.80
CA VAL G 63 4.80 -6.16 23.93
C VAL G 63 3.91 -6.40 25.15
N ASN G 64 2.94 -5.52 25.34
CA ASN G 64 2.04 -5.64 26.46
C ASN G 64 1.20 -6.92 26.34
N ASP G 65 0.66 -7.20 25.16
CA ASP G 65 -0.15 -8.39 24.95
C ASP G 65 0.55 -9.71 24.62
N TYR G 66 1.76 -9.65 24.06
CA TYR G 66 2.44 -10.88 23.64
C TYR G 66 3.81 -11.18 24.20
N ASN G 67 4.19 -10.46 25.25
CA ASN G 67 5.48 -10.69 25.87
C ASN G 67 5.63 -12.17 26.25
N GLY G 68 4.55 -12.93 26.15
CA GLY G 68 4.58 -14.34 26.48
C GLY G 68 5.19 -15.15 25.35
N LEU G 69 5.09 -14.61 24.14
CA LEU G 69 5.64 -15.24 22.95
C LEU G 69 7.11 -14.82 22.82
N LEU G 70 8.02 -15.79 22.77
CA LEU G 70 9.45 -15.50 22.68
C LEU G 70 9.88 -14.50 21.62
N GLU G 71 9.45 -14.71 20.38
CA GLU G 71 9.80 -13.85 19.27
C GLU G 71 9.30 -12.41 19.38
N TYR G 72 8.59 -12.09 20.47
CA TYR G 72 8.04 -10.75 20.63
C TYR G 72 9.09 -9.61 20.62
N LYS G 73 10.25 -9.83 21.23
CA LYS G 73 11.29 -8.80 21.23
C LYS G 73 11.77 -8.62 19.78
N GLU G 74 12.07 -9.74 19.14
CA GLU G 74 12.53 -9.72 17.75
C GLU G 74 11.59 -8.84 16.92
N ILE G 75 10.28 -9.08 17.02
CA ILE G 75 9.35 -8.29 16.22
C ILE G 75 9.37 -6.82 16.62
N PHE G 76 9.45 -6.57 17.92
CA PHE G 76 9.46 -5.21 18.44
C PHE G 76 10.72 -4.46 17.97
N ASN G 77 11.88 -5.07 18.19
CA ASN G 77 13.13 -4.44 17.79
C ASN G 77 13.24 -4.23 16.28
N MET G 78 12.71 -5.17 15.49
CA MET G 78 12.76 -5.01 14.05
C MET G 78 11.96 -3.77 13.64
N MET G 79 10.89 -3.50 14.38
CA MET G 79 10.05 -2.34 14.07
C MET G 79 10.84 -1.06 14.27
N PHE G 80 11.52 -0.96 15.40
CA PHE G 80 12.29 0.25 15.65
C PHE G 80 13.58 0.32 14.84
N LEU G 81 14.11 -0.82 14.40
CA LEU G 81 15.31 -0.77 13.59
C LEU G 81 14.92 -0.22 12.22
N LYS G 82 13.78 -0.64 11.71
CA LYS G 82 13.30 -0.18 10.41
C LYS G 82 12.95 1.30 10.50
N LEU G 83 12.29 1.67 11.60
CA LEU G 83 11.89 3.05 11.80
C LEU G 83 13.15 3.95 11.81
N SER G 84 14.24 3.43 12.34
CA SER G 84 15.47 4.19 12.36
C SER G 84 15.93 4.46 10.92
N VAL G 85 15.65 3.53 10.01
CA VAL G 85 16.04 3.74 8.63
C VAL G 85 15.13 4.76 7.96
N VAL G 86 13.83 4.71 8.26
CA VAL G 86 12.91 5.67 7.66
C VAL G 86 13.33 7.08 8.09
N PHE G 87 13.77 7.24 9.33
CA PHE G 87 14.20 8.55 9.81
C PHE G 87 15.42 9.08 9.07
N ASP G 88 16.25 8.18 8.51
CA ASP G 88 17.41 8.66 7.75
C ASP G 88 16.90 9.47 6.58
N THR G 89 15.83 8.99 5.94
CA THR G 89 15.26 9.71 4.83
C THR G 89 14.60 10.99 5.32
N GLN G 90 13.80 10.88 6.38
CA GLN G 90 13.13 12.05 6.93
C GLN G 90 14.12 13.16 7.18
N ARG G 91 15.27 12.81 7.77
CA ARG G 91 16.29 13.83 8.06
C ARG G 91 16.86 14.47 6.80
N LYS G 92 16.72 13.81 5.65
CA LYS G 92 17.26 14.36 4.42
C LYS G 92 16.19 15.04 3.57
N GLU G 93 14.93 14.75 3.89
CA GLU G 93 13.83 15.32 3.15
C GLU G 93 12.79 15.88 4.11
N ALA G 94 13.26 16.67 5.07
CA ALA G 94 12.38 17.25 6.08
C ALA G 94 11.24 18.12 5.55
N ASN G 95 11.41 18.72 4.37
CA ASN G 95 10.36 19.55 3.81
C ASN G 95 9.84 19.07 2.46
N ASN G 96 10.01 17.78 2.21
CA ASN G 96 9.55 17.14 0.97
C ASN G 96 8.23 16.46 1.30
N VAL G 97 7.13 17.18 1.11
CA VAL G 97 5.80 16.67 1.42
C VAL G 97 5.48 15.28 0.91
N GLU G 98 5.76 15.04 -0.37
CA GLU G 98 5.46 13.76 -0.99
C GLU G 98 6.24 12.62 -0.36
N GLN G 99 7.51 12.89 -0.05
CA GLN G 99 8.37 11.91 0.58
C GLN G 99 7.92 11.66 2.03
N ILE G 100 7.42 12.70 2.68
CA ILE G 100 6.94 12.54 4.06
C ILE G 100 5.69 11.66 4.06
N LYS G 101 4.89 11.79 3.01
CA LYS G 101 3.68 10.98 2.89
C LYS G 101 4.12 9.55 2.71
N ARG G 102 5.13 9.36 1.85
CA ARG G 102 5.64 8.03 1.58
C ARG G 102 6.16 7.40 2.87
N ASN G 103 6.89 8.16 3.68
CA ASN G 103 7.40 7.64 4.95
C ASN G 103 6.23 7.19 5.84
N ILE G 104 5.10 7.89 5.73
CA ILE G 104 3.94 7.53 6.52
C ILE G 104 3.40 6.18 6.06
N ALA G 105 3.29 6.01 4.75
CA ALA G 105 2.80 4.76 4.18
C ALA G 105 3.73 3.60 4.57
N ILE G 106 5.01 3.92 4.73
CA ILE G 106 6.02 2.92 5.10
C ILE G 106 5.86 2.49 6.56
N LEU G 107 5.51 3.44 7.43
CA LEU G 107 5.32 3.08 8.84
C LEU G 107 4.14 2.10 8.94
N ASP G 108 3.08 2.34 8.16
CA ASP G 108 1.94 1.42 8.17
C ASP G 108 2.43 0.03 7.77
N GLU G 109 3.13 -0.02 6.64
CA GLU G 109 3.66 -1.28 6.13
C GLU G 109 4.48 -1.99 7.18
N ILE G 110 5.28 -1.22 7.92
CA ILE G 110 6.11 -1.79 8.98
C ILE G 110 5.22 -2.41 10.06
N MET G 111 4.15 -1.71 10.41
CA MET G 111 3.23 -2.19 11.43
C MET G 111 2.53 -3.44 10.90
N ALA G 112 2.08 -3.36 9.66
CA ALA G 112 1.40 -4.48 9.04
C ALA G 112 2.33 -5.69 8.97
N LYS G 113 3.60 -5.43 8.69
CA LYS G 113 4.55 -6.53 8.61
C LYS G 113 4.78 -7.12 10.00
N ALA G 114 4.69 -6.28 11.04
CA ALA G 114 4.85 -6.79 12.41
C ALA G 114 3.63 -7.66 12.79
N ASP G 115 2.44 -7.19 12.43
CA ASP G 115 1.22 -7.95 12.70
C ASP G 115 1.35 -9.31 12.01
N ASN G 116 1.90 -9.29 10.80
CA ASN G 116 2.07 -10.51 10.03
C ASN G 116 3.02 -11.48 10.72
N ASP G 117 4.21 -11.01 11.05
CA ASP G 117 5.18 -11.88 11.70
C ASP G 117 4.69 -12.36 13.05
N LEU G 118 3.86 -11.56 13.70
CA LEU G 118 3.30 -11.92 15.00
C LEU G 118 2.35 -13.10 14.80
N SER G 119 1.40 -12.92 13.89
CA SER G 119 0.42 -13.95 13.59
C SER G 119 1.12 -15.25 13.18
N TYR G 120 2.31 -15.13 12.59
CA TYR G 120 3.06 -16.29 12.16
C TYR G 120 3.64 -17.11 13.31
N PHE G 121 4.34 -16.45 14.22
CA PHE G 121 4.95 -17.19 15.32
C PHE G 121 3.91 -17.75 16.29
N ILE G 122 2.76 -17.07 16.36
CA ILE G 122 1.68 -17.55 17.22
C ILE G 122 1.14 -18.80 16.55
N SER G 123 1.10 -18.79 15.22
CA SER G 123 0.60 -19.94 14.48
C SER G 123 1.62 -21.06 14.41
N GLN G 124 2.75 -20.89 15.11
CA GLN G 124 3.78 -21.92 15.13
C GLN G 124 3.93 -22.43 16.55
N ASN G 125 3.21 -21.79 17.48
CA ASN G 125 3.26 -22.17 18.88
C ASN G 125 1.84 -22.45 19.40
N LYS G 126 1.31 -23.64 19.11
CA LYS G 126 -0.03 -24.01 19.56
C LYS G 126 -0.09 -23.83 21.07
N ASN G 127 0.95 -24.30 21.75
CA ASN G 127 1.01 -24.17 23.19
C ASN G 127 0.66 -22.76 23.63
N PHE G 128 1.37 -21.76 23.12
CA PHE G 128 1.09 -20.37 23.48
C PHE G 128 -0.36 -20.01 23.18
N GLN G 129 -0.84 -20.40 21.99
CA GLN G 129 -2.21 -20.09 21.61
C GLN G 129 -3.19 -20.56 22.68
N GLU G 130 -2.97 -21.78 23.16
CA GLU G 130 -3.83 -22.37 24.19
C GLU G 130 -3.73 -21.59 25.49
N LEU G 131 -2.51 -21.40 25.97
CA LEU G 131 -2.29 -20.67 27.21
C LEU G 131 -2.83 -19.26 27.15
N TRP G 132 -2.71 -18.60 26.00
CA TRP G 132 -3.24 -17.24 25.89
C TRP G 132 -4.74 -17.34 26.05
N ASP G 133 -5.35 -18.25 25.30
CA ASP G 133 -6.79 -18.44 25.37
C ASP G 133 -7.24 -18.82 26.79
N LYS G 134 -6.49 -19.69 27.45
CA LYS G 134 -6.82 -20.08 28.81
C LYS G 134 -6.83 -18.86 29.73
N ALA G 135 -5.96 -17.90 29.45
CA ALA G 135 -5.86 -16.69 30.26
C ALA G 135 -7.09 -15.82 30.00
N VAL G 136 -7.57 -15.82 28.76
CA VAL G 136 -8.75 -15.05 28.42
C VAL G 136 -9.94 -15.74 29.07
N LYS G 137 -9.82 -17.05 29.24
CA LYS G 137 -10.87 -17.86 29.86
C LYS G 137 -10.91 -17.56 31.35
N LEU G 138 -9.77 -17.75 32.02
CA LEU G 138 -9.68 -17.50 33.45
C LEU G 138 -9.98 -16.04 33.79
N THR G 139 -9.79 -15.14 32.84
CA THR G 139 -10.06 -13.73 33.07
C THR G 139 -11.58 -13.50 32.96
N LYS G 140 -12.23 -14.24 32.08
CA LYS G 140 -13.68 -14.14 31.92
C LYS G 140 -14.30 -14.64 33.22
N GLU G 141 -13.77 -15.74 33.74
CA GLU G 141 -14.24 -16.31 35.01
C GLU G 141 -14.16 -15.24 36.08
N MET G 142 -13.18 -14.37 35.95
CA MET G 142 -12.95 -13.28 36.88
C MET G 142 -13.98 -12.17 36.74
N LYS G 143 -14.55 -12.04 35.54
CA LYS G 143 -15.55 -11.01 35.29
C LYS G 143 -16.78 -11.24 36.17
N ILE G 144 -16.94 -12.48 36.64
CA ILE G 144 -18.07 -12.83 37.48
C ILE G 144 -17.63 -12.94 38.95
N LYS G 145 -16.59 -13.73 39.19
CA LYS G 145 -16.08 -13.93 40.53
C LYS G 145 -15.53 -12.64 41.15
N LEU G 146 -15.95 -11.50 40.63
CA LEU G 146 -15.48 -10.21 41.14
C LEU G 146 -16.63 -9.21 41.22
N LYS G 147 -17.81 -9.64 40.80
CA LYS G 147 -19.02 -8.81 40.80
C LYS G 147 -19.01 -7.71 41.87
N GLY G 148 -19.06 -8.13 43.14
CA GLY G 148 -19.06 -7.16 44.23
C GLY G 148 -17.81 -7.27 45.09
N GLN G 149 -16.73 -7.73 44.48
CA GLN G 149 -15.45 -7.89 45.18
C GLN G 149 -14.78 -6.54 45.42
N LYS G 150 -14.18 -6.38 46.61
CA LYS G 150 -13.50 -5.12 46.94
C LYS G 150 -12.09 -5.13 46.38
N LEU G 151 -11.80 -4.15 45.52
CA LEU G 151 -10.50 -4.05 44.87
C LEU G 151 -9.85 -2.70 45.14
N ASP G 152 -8.80 -2.70 45.96
CA ASP G 152 -8.10 -1.46 46.27
C ASP G 152 -6.83 -1.37 45.43
N LEU G 153 -6.86 -0.48 44.45
CA LEU G 153 -5.74 -0.29 43.55
C LEU G 153 -4.48 0.26 44.21
N ARG G 154 -4.58 1.50 44.69
CA ARG G 154 -3.50 2.21 45.34
C ARG G 154 -2.74 1.46 46.43
N ASP G 155 -2.76 0.13 46.41
CA ASP G 155 -2.05 -0.62 47.43
C ASP G 155 -1.33 -1.86 46.94
N GLY G 156 0.00 -1.77 46.92
CA GLY G 156 0.86 -2.87 46.51
C GLY G 156 0.42 -3.82 45.42
N GLU G 157 0.45 -5.11 45.76
CA GLU G 157 0.10 -6.17 44.83
C GLU G 157 -1.29 -6.78 44.99
N VAL G 158 -2.30 -5.93 45.02
CA VAL G 158 -3.67 -6.40 45.17
C VAL G 158 -4.02 -7.38 44.05
N ALA G 159 -3.60 -7.04 42.83
CA ALA G 159 -3.88 -7.85 41.65
C ALA G 159 -3.32 -9.27 41.69
N ILE G 160 -2.01 -9.39 41.84
CA ILE G 160 -1.41 -10.72 41.86
C ILE G 160 -1.97 -11.52 43.03
N ASN G 161 -2.28 -10.82 44.12
CA ASN G 161 -2.85 -11.47 45.30
C ASN G 161 -4.24 -12.03 44.97
N LYS G 162 -5.02 -11.26 44.21
CA LYS G 162 -6.34 -11.71 43.82
C LYS G 162 -6.25 -12.80 42.75
N VAL G 163 -5.10 -12.90 42.09
CA VAL G 163 -4.89 -13.92 41.07
C VAL G 163 -4.42 -15.19 41.77
N ARG G 164 -3.54 -15.02 42.75
CA ARG G 164 -3.02 -16.13 43.54
C ARG G 164 -4.18 -16.69 44.36
N GLU G 165 -5.12 -15.81 44.69
CA GLU G 165 -6.29 -16.15 45.48
C GLU G 165 -7.31 -16.99 44.71
N LEU G 166 -7.67 -16.52 43.51
CA LEU G 166 -8.66 -17.22 42.70
C LEU G 166 -8.10 -18.40 41.92
N PHE G 167 -6.82 -18.36 41.56
CA PHE G 167 -6.23 -19.46 40.79
C PHE G 167 -4.84 -19.84 41.25
N GLY G 168 -4.41 -19.31 42.38
CA GLY G 168 -3.09 -19.59 42.90
C GLY G 168 -2.61 -21.03 42.89
N SER G 169 -3.49 -21.96 42.50
CA SER G 169 -3.11 -23.37 42.48
C SER G 169 -2.90 -23.89 41.06
N ASP G 170 -3.44 -23.18 40.07
CA ASP G 170 -3.30 -23.59 38.68
C ASP G 170 -1.83 -23.75 38.28
N LYS G 171 -1.54 -24.85 37.59
CA LYS G 171 -0.18 -25.15 37.14
C LYS G 171 0.47 -24.00 36.37
N ASN G 172 -0.30 -23.42 35.46
CA ASN G 172 0.20 -22.32 34.63
C ASN G 172 0.44 -21.04 35.45
N VAL G 173 -0.47 -20.72 36.35
CA VAL G 173 -0.32 -19.53 37.19
C VAL G 173 0.94 -19.65 38.06
N LYS G 174 1.24 -20.89 38.43
CA LYS G 174 2.39 -21.16 39.29
C LYS G 174 3.74 -21.13 38.59
N GLU G 175 3.79 -21.67 37.37
CA GLU G 175 5.04 -21.76 36.61
C GLU G 175 5.32 -20.69 35.56
N LEU G 176 4.31 -19.92 35.15
CA LEU G 176 4.51 -18.91 34.13
C LEU G 176 4.26 -17.47 34.53
N TRP G 177 5.36 -16.73 34.71
CA TRP G 177 5.27 -15.34 35.07
C TRP G 177 4.39 -14.62 34.05
N TRP G 178 4.60 -14.91 32.77
CA TRP G 178 3.80 -14.26 31.73
C TRP G 178 2.33 -14.60 31.84
N PHE G 179 2.02 -15.79 32.33
CA PHE G 179 0.62 -16.18 32.47
C PHE G 179 0.06 -15.34 33.62
N ARG G 180 0.82 -15.24 34.70
CA ARG G 180 0.38 -14.44 35.83
C ARG G 180 0.19 -12.99 35.40
N SER G 181 1.14 -12.45 34.65
CA SER G 181 1.06 -11.06 34.20
C SER G 181 -0.19 -10.74 33.40
N LEU G 182 -0.67 -11.70 32.63
CA LEU G 182 -1.88 -11.48 31.85
C LEU G 182 -3.08 -11.44 32.80
N LEU G 183 -3.11 -12.37 33.75
CA LEU G 183 -4.19 -12.43 34.73
C LEU G 183 -4.30 -11.13 35.51
N VAL G 184 -3.17 -10.64 36.03
CA VAL G 184 -3.17 -9.39 36.79
C VAL G 184 -3.67 -8.24 35.93
N LYS G 185 -3.21 -8.18 34.68
CA LYS G 185 -3.62 -7.13 33.76
C LYS G 185 -5.15 -7.19 33.67
N GLY G 186 -5.68 -8.42 33.68
CA GLY G 186 -7.11 -8.63 33.59
C GLY G 186 -7.91 -8.07 34.76
N VAL G 187 -7.36 -8.19 35.97
CA VAL G 187 -8.06 -7.69 37.14
C VAL G 187 -8.20 -6.17 37.05
N TYR G 188 -7.19 -5.52 36.46
CA TYR G 188 -7.24 -4.08 36.31
C TYR G 188 -8.27 -3.74 35.23
N LEU G 189 -8.46 -4.64 34.28
CA LEU G 189 -9.42 -4.43 33.21
C LEU G 189 -10.84 -4.69 33.68
N ILE G 190 -11.02 -5.78 34.43
CA ILE G 190 -12.34 -6.12 34.96
C ILE G 190 -12.89 -4.94 35.76
N LYS G 191 -12.06 -4.40 36.65
CA LYS G 191 -12.48 -3.28 37.48
C LYS G 191 -12.75 -2.02 36.66
N ARG G 192 -11.76 -1.60 35.88
CA ARG G 192 -11.89 -0.39 35.05
C ARG G 192 -13.08 -0.41 34.11
N TYR G 193 -13.47 -1.59 33.66
CA TYR G 193 -14.62 -1.73 32.76
C TYR G 193 -15.90 -1.54 33.56
N TYR G 194 -15.99 -2.28 34.66
CA TYR G 194 -17.14 -2.25 35.58
C TYR G 194 -17.37 -0.89 36.20
N GLU G 195 -16.40 0.01 36.07
CA GLU G 195 -16.48 1.36 36.62
C GLU G 195 -16.90 2.36 35.56
N GLY G 196 -17.60 1.88 34.54
CA GLY G 196 -18.05 2.75 33.47
C GLY G 196 -16.94 3.18 32.52
N ASP G 197 -16.38 2.21 31.80
CA ASP G 197 -15.32 2.49 30.86
C ASP G 197 -15.23 1.39 29.80
N ILE G 198 -16.22 1.33 28.92
CA ILE G 198 -16.26 0.32 27.87
C ILE G 198 -15.10 0.54 26.88
N GLU G 199 -14.36 1.62 27.07
CA GLU G 199 -13.21 1.94 26.22
C GLU G 199 -12.32 0.71 26.14
N LEU G 200 -12.18 0.02 27.27
CA LEU G 200 -11.35 -1.18 27.39
C LEU G 200 -11.58 -2.19 26.27
N LYS G 201 -12.80 -2.29 25.77
CA LYS G 201 -13.08 -3.25 24.72
C LYS G 201 -12.03 -3.22 23.61
N THR G 202 -11.69 -2.03 23.12
CA THR G 202 -10.69 -1.91 22.06
C THR G 202 -9.42 -1.19 22.50
N THR G 203 -8.76 -1.73 23.50
CA THR G 203 -7.52 -1.14 24.02
C THR G 203 -6.36 -2.09 23.71
N SER G 204 -6.69 -3.36 23.51
CA SER G 204 -5.68 -4.36 23.22
C SER G 204 -6.34 -5.63 22.71
N ASP G 205 -5.52 -6.57 22.24
CA ASP G 205 -6.04 -7.82 21.72
C ASP G 205 -6.55 -8.68 22.89
N PHE G 206 -6.05 -8.40 24.09
CA PHE G 206 -6.47 -9.13 25.29
C PHE G 206 -7.83 -8.62 25.74
N ALA G 207 -7.94 -7.30 25.87
CA ALA G 207 -9.19 -6.67 26.29
C ALA G 207 -10.29 -6.99 25.29
N LYS G 208 -9.93 -7.04 24.01
CA LYS G 208 -10.92 -7.33 22.97
C LYS G 208 -11.37 -8.78 23.01
N ALA G 209 -10.48 -9.68 23.41
CA ALA G 209 -10.80 -11.10 23.48
C ALA G 209 -11.64 -11.41 24.71
N VAL G 210 -11.44 -10.66 25.78
CA VAL G 210 -12.17 -10.87 27.01
C VAL G 210 -13.56 -10.26 27.00
N PHE G 211 -13.69 -9.06 26.46
CA PHE G 211 -14.98 -8.37 26.43
C PHE G 211 -15.72 -8.59 25.11
N GLU G 212 -16.00 -9.85 24.82
CA GLU G 212 -16.71 -10.25 23.62
C GLU G 212 -17.17 -11.68 23.78
N ASP G 213 -18.49 -11.89 23.77
CA ASP G 213 -19.07 -13.22 23.91
C ASP G 213 -18.63 -13.88 25.22
N MET H 1 -10.21 -29.17 -1.93
CA MET H 1 -9.73 -28.35 -3.08
C MET H 1 -8.93 -27.15 -2.56
N LYS H 2 -7.74 -26.94 -3.14
CA LYS H 2 -6.85 -25.85 -2.75
C LYS H 2 -7.36 -24.50 -3.27
N LEU H 3 -7.69 -23.61 -2.35
CA LEU H 3 -8.22 -22.29 -2.70
C LEU H 3 -7.15 -21.20 -2.80
N ARG H 4 -7.45 -20.17 -3.59
CA ARG H 4 -6.52 -19.05 -3.78
C ARG H 4 -6.39 -18.26 -2.47
N VAL H 5 -7.46 -18.30 -1.67
CA VAL H 5 -7.48 -17.64 -0.36
C VAL H 5 -8.08 -18.70 0.58
N GLU H 6 -7.24 -19.24 1.46
CA GLU H 6 -7.66 -20.30 2.38
C GLU H 6 -8.86 -20.05 3.29
N ASN H 7 -8.92 -18.91 3.95
CA ASN H 7 -10.07 -18.63 4.81
C ASN H 7 -10.80 -17.41 4.25
N PRO H 8 -11.55 -17.61 3.16
CA PRO H 8 -12.32 -16.58 2.47
C PRO H 8 -13.30 -15.81 3.34
N LYS H 9 -13.24 -14.48 3.28
CA LYS H 9 -14.15 -13.62 4.00
C LYS H 9 -15.42 -13.67 3.13
N LYS H 10 -16.59 -13.62 3.74
CA LYS H 10 -17.84 -13.70 2.98
C LYS H 10 -17.86 -12.78 1.75
N ALA H 11 -18.47 -13.26 0.66
CA ALA H 11 -18.56 -12.48 -0.57
C ALA H 11 -19.96 -11.92 -0.80
N GLN H 12 -20.02 -10.76 -1.44
CA GLN H 12 -21.28 -10.10 -1.69
C GLN H 12 -21.73 -10.25 -3.13
N LYS H 13 -23.04 -10.25 -3.35
CA LYS H 13 -23.57 -10.33 -4.70
C LYS H 13 -24.21 -8.99 -5.00
N HIS H 14 -23.88 -8.44 -6.16
CA HIS H 14 -24.43 -7.14 -6.56
C HIS H 14 -25.38 -7.36 -7.72
N PHE H 15 -25.52 -8.63 -8.12
CA PHE H 15 -26.41 -9.03 -9.20
C PHE H 15 -25.98 -8.42 -10.53
N VAL H 16 -24.69 -8.43 -10.77
CA VAL H 16 -24.15 -7.84 -11.97
C VAL H 16 -23.69 -8.92 -12.98
N GLN H 17 -24.14 -10.16 -12.75
CA GLN H 17 -23.75 -11.28 -13.60
C GLN H 17 -24.20 -11.23 -15.07
N ASN H 18 -25.23 -10.47 -15.40
CA ASN H 18 -25.70 -10.43 -16.78
C ASN H 18 -25.11 -9.29 -17.63
N LEU H 19 -24.25 -8.47 -17.04
CA LEU H 19 -23.68 -7.39 -17.82
C LEU H 19 -22.78 -7.89 -18.93
N ASN H 20 -22.74 -7.15 -20.02
CA ASN H 20 -21.88 -7.48 -21.16
C ASN H 20 -21.13 -6.22 -21.54
N ASN H 21 -20.15 -6.37 -22.42
CA ASN H 21 -19.38 -5.25 -22.91
C ASN H 21 -18.80 -4.40 -21.80
N VAL H 22 -18.19 -5.06 -20.84
CA VAL H 22 -17.57 -4.41 -19.70
C VAL H 22 -16.04 -4.36 -19.88
N VAL H 23 -15.52 -5.18 -20.79
CA VAL H 23 -14.09 -5.20 -21.01
C VAL H 23 -13.65 -4.10 -21.97
N PHE H 24 -12.71 -3.28 -21.52
CA PHE H 24 -12.23 -2.18 -22.34
C PHE H 24 -11.35 -2.65 -23.50
N THR H 25 -11.64 -2.11 -24.68
CA THR H 25 -10.89 -2.42 -25.90
C THR H 25 -9.51 -1.80 -25.84
N ASN H 26 -8.64 -2.21 -26.76
CA ASN H 26 -7.28 -1.66 -26.80
C ASN H 26 -7.32 -0.19 -27.13
N LYS H 27 -8.25 0.18 -28.02
CA LYS H 27 -8.39 1.57 -28.39
C LYS H 27 -8.68 2.37 -27.12
N GLU H 28 -9.71 1.94 -26.40
CA GLU H 28 -10.11 2.61 -25.16
C GLU H 28 -8.95 2.70 -24.17
N LEU H 29 -8.21 1.61 -24.01
CA LEU H 29 -7.07 1.63 -23.09
C LEU H 29 -5.99 2.62 -23.56
N GLU H 30 -5.74 2.63 -24.88
CA GLU H 30 -4.75 3.51 -25.48
C GLU H 30 -5.12 4.98 -25.28
N ASP H 31 -6.40 5.28 -25.39
CA ASP H 31 -6.85 6.66 -25.19
C ASP H 31 -6.52 7.11 -23.76
N ILE H 32 -6.62 6.17 -22.83
CA ILE H 32 -6.33 6.47 -21.44
C ILE H 32 -4.84 6.71 -21.22
N TYR H 33 -4.00 5.85 -21.81
CA TYR H 33 -2.57 6.00 -21.65
C TYR H 33 -2.07 7.29 -22.29
N ASN H 34 -2.61 7.61 -23.46
CA ASN H 34 -2.21 8.82 -24.18
C ASN H 34 -2.41 10.09 -23.38
N LEU H 35 -3.04 9.97 -22.21
CA LEU H 35 -3.27 11.14 -21.39
C LEU H 35 -2.05 11.41 -20.55
N SER H 36 -1.25 10.35 -20.33
CA SER H 36 -0.02 10.47 -19.55
C SER H 36 1.09 10.88 -20.52
N ASN H 37 0.99 12.11 -21.02
CA ASN H 37 1.94 12.64 -21.98
C ASN H 37 3.06 13.50 -21.41
N LYS H 38 3.88 12.93 -20.52
CA LYS H 38 4.97 13.70 -19.94
C LYS H 38 6.14 12.80 -19.58
N GLU H 39 7.34 13.31 -19.81
CA GLU H 39 8.59 12.59 -19.55
C GLU H 39 8.63 11.98 -18.15
N GLU H 40 8.28 12.80 -17.17
CA GLU H 40 8.28 12.39 -15.76
C GLU H 40 7.31 11.24 -15.52
N THR H 41 6.28 11.15 -16.34
CA THR H 41 5.27 10.12 -16.20
C THR H 41 5.64 8.79 -16.87
N LYS H 42 6.27 8.88 -18.02
CA LYS H 42 6.68 7.70 -18.80
C LYS H 42 7.14 6.48 -18.01
N GLU H 43 7.97 6.69 -17.00
CA GLU H 43 8.44 5.56 -16.20
C GLU H 43 7.27 4.81 -15.57
N VAL H 44 6.49 5.50 -14.75
CA VAL H 44 5.36 4.90 -14.05
C VAL H 44 4.28 4.41 -15.01
N LEU H 45 4.15 5.07 -16.15
CA LEU H 45 3.15 4.70 -17.14
C LEU H 45 3.43 3.26 -17.56
N LYS H 46 4.69 2.93 -17.73
CA LYS H 46 5.08 1.57 -18.11
C LYS H 46 4.59 0.61 -17.03
N LEU H 47 4.79 0.98 -15.76
CA LEU H 47 4.35 0.15 -14.65
C LEU H 47 2.85 -0.06 -14.73
N PHE H 48 2.14 1.03 -15.02
CA PHE H 48 0.70 1.01 -15.13
C PHE H 48 0.22 0.00 -16.15
N LYS H 49 0.70 0.14 -17.38
CA LYS H 49 0.32 -0.75 -18.47
C LYS H 49 0.51 -2.21 -18.08
N LEU H 50 1.60 -2.50 -17.37
CA LEU H 50 1.85 -3.86 -16.96
C LEU H 50 0.73 -4.33 -16.06
N LYS H 51 0.32 -3.47 -15.13
CA LYS H 51 -0.74 -3.82 -14.22
C LYS H 51 -2.03 -4.14 -14.94
N VAL H 52 -2.41 -3.29 -15.87
CA VAL H 52 -3.63 -3.52 -16.63
C VAL H 52 -3.56 -4.89 -17.29
N ASN H 53 -2.42 -5.20 -17.91
CA ASN H 53 -2.24 -6.47 -18.59
C ASN H 53 -2.40 -7.62 -17.62
N GLN H 54 -1.68 -7.54 -16.49
CA GLN H 54 -1.76 -8.58 -15.48
C GLN H 54 -3.22 -8.70 -15.04
N PHE H 55 -3.87 -7.55 -14.89
CA PHE H 55 -5.26 -7.48 -14.48
C PHE H 55 -6.13 -8.27 -15.45
N TYR H 56 -6.00 -7.97 -16.74
CA TYR H 56 -6.77 -8.65 -17.77
C TYR H 56 -6.54 -10.17 -17.74
N ARG H 57 -5.28 -10.56 -17.64
CA ARG H 57 -4.96 -11.99 -17.60
C ARG H 57 -5.56 -12.62 -16.36
N HIS H 58 -5.60 -11.86 -15.27
CA HIS H 58 -6.16 -12.37 -14.03
C HIS H 58 -7.65 -12.64 -14.16
N ALA H 59 -8.34 -11.70 -14.79
CA ALA H 59 -9.76 -11.78 -15.02
C ALA H 59 -10.13 -12.98 -15.87
N PHE H 60 -9.59 -13.06 -17.09
CA PHE H 60 -9.90 -14.18 -17.95
C PHE H 60 -9.35 -15.47 -17.36
N GLY H 61 -8.28 -15.36 -16.57
CA GLY H 61 -7.73 -16.54 -15.95
C GLY H 61 -8.81 -17.20 -15.11
N ILE H 62 -9.65 -16.37 -14.49
CA ILE H 62 -10.74 -16.86 -13.67
C ILE H 62 -11.86 -17.46 -14.51
N VAL H 63 -12.18 -16.81 -15.63
CA VAL H 63 -13.25 -17.29 -16.47
C VAL H 63 -12.88 -18.61 -17.16
N ASN H 64 -11.63 -18.71 -17.57
CA ASN H 64 -11.15 -19.92 -18.24
C ASN H 64 -11.23 -21.11 -17.29
N ASP H 65 -10.72 -20.95 -16.08
CA ASP H 65 -10.71 -22.04 -15.09
C ASP H 65 -11.98 -22.28 -14.26
N TYR H 66 -12.81 -21.27 -14.07
CA TYR H 66 -13.97 -21.44 -13.20
C TYR H 66 -15.34 -21.13 -13.79
N ASN H 67 -15.44 -21.05 -15.10
CA ASN H 67 -16.73 -20.78 -15.73
C ASN H 67 -17.75 -21.83 -15.30
N GLY H 68 -17.29 -22.87 -14.61
CA GLY H 68 -18.19 -23.91 -14.13
C GLY H 68 -18.94 -23.45 -12.88
N LEU H 69 -18.34 -22.50 -12.16
CA LEU H 69 -18.94 -21.93 -10.95
C LEU H 69 -19.84 -20.79 -11.38
N LEU H 70 -21.11 -20.85 -11.00
CA LEU H 70 -22.09 -19.83 -11.38
C LEU H 70 -21.68 -18.39 -11.12
N GLU H 71 -21.25 -18.09 -9.91
CA GLU H 71 -20.86 -16.72 -9.56
C GLU H 71 -19.62 -16.18 -10.30
N TYR H 72 -19.06 -16.97 -11.21
CA TYR H 72 -17.87 -16.53 -11.94
C TYR H 72 -18.07 -15.24 -12.76
N LYS H 73 -19.24 -15.09 -13.37
CA LYS H 73 -19.49 -13.87 -14.13
C LYS H 73 -19.53 -12.67 -13.17
N GLU H 74 -20.29 -12.83 -12.09
CA GLU H 74 -20.41 -11.80 -11.07
C GLU H 74 -19.01 -11.33 -10.65
N ILE H 75 -18.12 -12.26 -10.37
CA ILE H 75 -16.78 -11.90 -9.95
C ILE H 75 -16.03 -11.16 -11.05
N PHE H 76 -16.17 -11.66 -12.27
CA PHE H 76 -15.52 -11.09 -13.44
C PHE H 76 -16.01 -9.69 -13.71
N ASN H 77 -17.33 -9.53 -13.78
CA ASN H 77 -17.92 -8.23 -14.02
C ASN H 77 -17.58 -7.20 -12.94
N MET H 78 -17.57 -7.63 -11.68
CA MET H 78 -17.25 -6.70 -10.60
C MET H 78 -15.83 -6.17 -10.77
N MET H 79 -14.92 -7.02 -11.25
CA MET H 79 -13.55 -6.59 -11.48
C MET H 79 -13.52 -5.45 -12.50
N PHE H 80 -14.20 -5.65 -13.62
CA PHE H 80 -14.17 -4.61 -14.62
C PHE H 80 -15.01 -3.40 -14.27
N LEU H 81 -16.01 -3.56 -13.39
CA LEU H 81 -16.81 -2.40 -13.02
C LEU H 81 -15.96 -1.53 -12.11
N LYS H 82 -15.18 -2.17 -11.24
CA LYS H 82 -14.29 -1.44 -10.34
C LYS H 82 -13.20 -0.75 -11.13
N LEU H 83 -12.61 -1.49 -12.07
CA LEU H 83 -11.55 -0.97 -12.91
C LEU H 83 -12.07 0.30 -13.64
N SER H 84 -13.35 0.28 -13.99
CA SER H 84 -13.94 1.43 -14.67
C SER H 84 -13.90 2.65 -13.73
N VAL H 85 -13.99 2.41 -12.43
CA VAL H 85 -13.95 3.50 -11.48
C VAL H 85 -12.50 4.00 -11.32
N VAL H 86 -11.55 3.07 -11.24
CA VAL H 86 -10.17 3.48 -11.11
C VAL H 86 -9.79 4.36 -12.32
N PHE H 87 -10.26 4.01 -13.52
CA PHE H 87 -9.95 4.83 -14.69
C PHE H 87 -10.51 6.25 -14.60
N ASP H 88 -11.55 6.46 -13.80
CA ASP H 88 -12.12 7.80 -13.66
C ASP H 88 -11.04 8.69 -13.06
N THR H 89 -10.34 8.15 -12.08
CA THR H 89 -9.27 8.87 -11.42
C THR H 89 -8.09 9.04 -12.39
N GLN H 90 -7.70 7.94 -13.04
CA GLN H 90 -6.60 7.98 -13.97
C GLN H 90 -6.82 9.10 -15.00
N ARG H 91 -8.04 9.21 -15.54
CA ARG H 91 -8.35 10.25 -16.51
C ARG H 91 -8.22 11.65 -15.95
N LYS H 92 -8.25 11.79 -14.64
CA LYS H 92 -8.17 13.10 -14.01
C LYS H 92 -6.77 13.40 -13.48
N GLU H 93 -5.98 12.35 -13.31
CA GLU H 93 -4.63 12.48 -12.79
C GLU H 93 -3.65 11.73 -13.69
N ALA H 94 -3.73 11.98 -15.00
CA ALA H 94 -2.89 11.31 -15.98
C ALA H 94 -1.38 11.49 -15.77
N ASN H 95 -0.98 12.58 -15.16
CA ASN H 95 0.45 12.81 -14.93
C ASN H 95 0.84 12.94 -13.46
N ASN H 96 0.00 12.40 -12.58
CA ASN H 96 0.26 12.42 -11.15
C ASN H 96 0.85 11.08 -10.78
N VAL H 97 2.18 11.01 -10.79
CA VAL H 97 2.89 9.77 -10.50
C VAL H 97 2.48 9.01 -9.25
N GLU H 98 2.34 9.71 -8.14
CA GLU H 98 1.97 9.04 -6.89
C GLU H 98 0.56 8.45 -6.96
N GLN H 99 -0.37 9.17 -7.61
CA GLN H 99 -1.74 8.68 -7.76
C GLN H 99 -1.75 7.50 -8.71
N ILE H 100 -0.89 7.51 -9.72
CA ILE H 100 -0.83 6.42 -10.67
C ILE H 100 -0.34 5.16 -9.96
N LYS H 101 0.56 5.35 -9.00
CA LYS H 101 1.08 4.22 -8.26
C LYS H 101 -0.06 3.70 -7.40
N ARG H 102 -0.81 4.60 -6.82
CA ARG H 102 -1.91 4.21 -5.97
C ARG H 102 -2.93 3.39 -6.77
N ASN H 103 -3.22 3.84 -7.99
CA ASN H 103 -4.16 3.12 -8.84
C ASN H 103 -3.63 1.70 -9.11
N ILE H 104 -2.32 1.55 -9.15
CA ILE H 104 -1.71 0.26 -9.38
C ILE H 104 -1.94 -0.65 -8.17
N ALA H 105 -1.71 -0.12 -6.99
CA ALA H 105 -1.93 -0.89 -5.78
C ALA H 105 -3.42 -1.28 -5.64
N ILE H 106 -4.30 -0.45 -6.21
CA ILE H 106 -5.73 -0.71 -6.17
C ILE H 106 -6.12 -1.84 -7.10
N LEU H 107 -5.48 -1.93 -8.25
CA LEU H 107 -5.78 -3.02 -9.16
C LEU H 107 -5.40 -4.34 -8.48
N ASP H 108 -4.26 -4.36 -7.78
CA ASP H 108 -3.87 -5.59 -7.08
C ASP H 108 -4.98 -5.95 -6.09
N GLU H 109 -5.38 -4.98 -5.28
CA GLU H 109 -6.42 -5.18 -4.29
C GLU H 109 -7.69 -5.74 -4.92
N ILE H 110 -8.01 -5.23 -6.10
CA ILE H 110 -9.19 -5.68 -6.82
C ILE H 110 -9.02 -7.14 -7.22
N MET H 111 -7.81 -7.50 -7.65
CA MET H 111 -7.54 -8.87 -8.06
C MET H 111 -7.59 -9.75 -6.82
N ALA H 112 -6.99 -9.28 -5.73
CA ALA H 112 -6.95 -10.04 -4.47
C ALA H 112 -8.37 -10.24 -3.98
N LYS H 113 -9.20 -9.20 -4.14
CA LYS H 113 -10.57 -9.27 -3.71
C LYS H 113 -11.33 -10.29 -4.56
N ALA H 114 -10.97 -10.39 -5.84
CA ALA H 114 -11.63 -11.36 -6.72
C ALA H 114 -11.21 -12.79 -6.32
N ASP H 115 -9.92 -12.98 -6.03
CA ASP H 115 -9.46 -14.30 -5.62
C ASP H 115 -10.18 -14.69 -4.31
N ASN H 116 -10.41 -13.70 -3.45
CA ASN H 116 -11.10 -13.98 -2.19
C ASN H 116 -12.53 -14.41 -2.43
N ASP H 117 -13.29 -13.62 -3.19
CA ASP H 117 -14.68 -13.96 -3.45
C ASP H 117 -14.81 -15.26 -4.21
N LEU H 118 -13.79 -15.59 -5.01
CA LEU H 118 -13.79 -16.83 -5.76
C LEU H 118 -13.65 -17.98 -4.79
N SER H 119 -12.63 -17.90 -3.94
CA SER H 119 -12.37 -18.95 -2.95
C SER H 119 -13.60 -19.16 -2.04
N TYR H 120 -14.39 -18.09 -1.86
CA TYR H 120 -15.57 -18.16 -1.02
C TYR H 120 -16.70 -18.97 -1.64
N PHE H 121 -17.06 -18.65 -2.88
CA PHE H 121 -18.14 -19.37 -3.53
C PHE H 121 -17.80 -20.84 -3.81
N ILE H 122 -16.51 -21.11 -4.00
CA ILE H 122 -16.04 -22.46 -4.23
C ILE H 122 -16.20 -23.19 -2.90
N SER H 123 -15.96 -22.47 -1.81
CA SER H 123 -16.07 -23.03 -0.46
C SER H 123 -17.53 -23.16 -0.02
N GLN H 124 -18.46 -22.78 -0.89
CA GLN H 124 -19.87 -22.87 -0.58
C GLN H 124 -20.52 -23.89 -1.49
N ASN H 125 -19.74 -24.40 -2.43
CA ASN H 125 -20.24 -25.39 -3.40
C ASN H 125 -19.35 -26.62 -3.39
N LYS H 126 -19.55 -27.50 -2.41
CA LYS H 126 -18.77 -28.73 -2.31
C LYS H 126 -18.88 -29.49 -3.63
N ASN H 127 -20.09 -29.53 -4.17
CA ASN H 127 -20.36 -30.21 -5.43
C ASN H 127 -19.32 -29.79 -6.47
N PHE H 128 -19.24 -28.48 -6.74
CA PHE H 128 -18.28 -27.95 -7.70
C PHE H 128 -16.85 -28.38 -7.35
N GLN H 129 -16.49 -28.26 -6.08
CA GLN H 129 -15.15 -28.63 -5.64
C GLN H 129 -14.82 -30.05 -6.07
N GLU H 130 -15.78 -30.96 -5.88
CA GLU H 130 -15.62 -32.37 -6.22
C GLU H 130 -15.46 -32.55 -7.73
N LEU H 131 -16.41 -32.00 -8.48
CA LEU H 131 -16.40 -32.10 -9.92
C LEU H 131 -15.14 -31.51 -10.53
N TRP H 132 -14.67 -30.39 -9.97
CA TRP H 132 -13.45 -29.77 -10.48
C TRP H 132 -12.32 -30.77 -10.26
N ASP H 133 -12.23 -31.27 -9.03
CA ASP H 133 -11.20 -32.25 -8.66
C ASP H 133 -11.30 -33.49 -9.55
N LYS H 134 -12.51 -33.96 -9.79
CA LYS H 134 -12.68 -35.14 -10.62
C LYS H 134 -12.15 -34.89 -12.03
N ALA H 135 -12.27 -33.65 -12.49
CA ALA H 135 -11.79 -33.26 -13.82
C ALA H 135 -10.27 -33.29 -13.84
N VAL H 136 -9.65 -32.87 -12.72
CA VAL H 136 -8.20 -32.88 -12.60
C VAL H 136 -7.76 -34.34 -12.54
N LYS H 137 -8.63 -35.17 -11.99
CA LYS H 137 -8.38 -36.60 -11.86
C LYS H 137 -8.43 -37.26 -13.22
N LEU H 138 -9.54 -37.10 -13.91
CA LEU H 138 -9.72 -37.69 -15.23
C LEU H 138 -8.72 -37.14 -16.23
N THR H 139 -8.20 -35.94 -15.97
CA THR H 139 -7.21 -35.34 -16.86
C THR H 139 -5.85 -35.98 -16.59
N LYS H 140 -5.59 -36.34 -15.33
CA LYS H 140 -4.33 -36.98 -14.99
C LYS H 140 -4.34 -38.37 -15.64
N GLU H 141 -5.50 -39.04 -15.59
CA GLU H 141 -5.66 -40.36 -16.21
C GLU H 141 -5.30 -40.24 -17.69
N MET H 142 -5.57 -39.06 -18.23
CA MET H 142 -5.32 -38.77 -19.63
C MET H 142 -3.83 -38.58 -19.92
N LYS H 143 -3.09 -38.17 -18.90
CA LYS H 143 -1.65 -37.96 -19.03
C LYS H 143 -0.95 -39.26 -19.38
N ILE H 144 -1.60 -40.38 -19.07
CA ILE H 144 -1.05 -41.70 -19.34
C ILE H 144 -1.71 -42.31 -20.57
N LYS H 145 -3.03 -42.35 -20.56
CA LYS H 145 -3.81 -42.91 -21.66
C LYS H 145 -3.62 -42.14 -22.97
N LEU H 146 -2.55 -41.38 -23.07
CA LEU H 146 -2.27 -40.63 -24.29
C LEU H 146 -0.81 -40.67 -24.65
N LYS H 147 -0.02 -41.37 -23.83
CA LYS H 147 1.42 -41.50 -24.04
C LYS H 147 1.85 -41.42 -25.51
N GLY H 148 1.43 -42.41 -26.30
CA GLY H 148 1.79 -42.41 -27.71
C GLY H 148 0.57 -42.25 -28.61
N GLN H 149 -0.45 -41.58 -28.10
CA GLN H 149 -1.69 -41.35 -28.83
C GLN H 149 -1.50 -40.27 -29.90
N LYS H 150 -2.10 -40.47 -31.06
CA LYS H 150 -2.00 -39.50 -32.15
C LYS H 150 -3.03 -38.40 -31.98
N LEU H 151 -2.55 -37.16 -31.85
CA LEU H 151 -3.45 -36.03 -31.67
C LEU H 151 -3.24 -34.96 -32.72
N ASP H 152 -4.21 -34.81 -33.61
CA ASP H 152 -4.12 -33.82 -34.66
C ASP H 152 -4.93 -32.59 -34.29
N LEU H 153 -4.23 -31.50 -33.95
CA LEU H 153 -4.86 -30.25 -33.56
C LEU H 153 -5.70 -29.69 -34.70
N ARG H 154 -5.09 -29.58 -35.87
CA ARG H 154 -5.74 -29.06 -37.09
C ARG H 154 -7.27 -29.11 -37.02
N ASP H 155 -7.81 -30.25 -36.61
CA ASP H 155 -9.26 -30.42 -36.50
C ASP H 155 -9.72 -30.13 -35.08
N GLY H 156 -10.30 -28.95 -34.88
CA GLY H 156 -10.77 -28.53 -33.57
C GLY H 156 -11.72 -29.47 -32.85
N GLU H 157 -12.19 -30.49 -33.55
CA GLU H 157 -13.12 -31.44 -32.96
C GLU H 157 -12.41 -32.68 -32.41
N VAL H 158 -11.08 -32.68 -32.45
CA VAL H 158 -10.30 -33.82 -31.98
C VAL H 158 -10.37 -34.01 -30.48
N ALA H 159 -10.31 -32.90 -29.75
CA ALA H 159 -10.33 -32.91 -28.29
C ALA H 159 -11.61 -33.51 -27.69
N ILE H 160 -12.77 -32.95 -28.01
CA ILE H 160 -14.00 -33.47 -27.45
C ILE H 160 -14.19 -34.91 -27.85
N ASN H 161 -13.73 -35.24 -29.05
CA ASN H 161 -13.85 -36.60 -29.55
C ASN H 161 -13.00 -37.54 -28.70
N LYS H 162 -11.82 -37.06 -28.33
CA LYS H 162 -10.91 -37.84 -27.49
C LYS H 162 -11.45 -37.92 -26.06
N VAL H 163 -12.30 -36.96 -25.69
CA VAL H 163 -12.88 -36.94 -24.36
C VAL H 163 -14.10 -37.85 -24.35
N ARG H 164 -14.87 -37.79 -25.42
CA ARG H 164 -16.06 -38.61 -25.57
C ARG H 164 -15.59 -40.06 -25.72
N GLU H 165 -14.40 -40.22 -26.27
CA GLU H 165 -13.81 -41.54 -26.48
C GLU H 165 -13.31 -42.20 -25.20
N LEU H 166 -12.56 -41.45 -24.40
CA LEU H 166 -12.00 -41.96 -23.15
C LEU H 166 -13.00 -41.99 -22.00
N PHE H 167 -13.94 -41.04 -21.98
CA PHE H 167 -14.91 -41.00 -20.89
C PHE H 167 -16.33 -40.69 -21.33
N GLY H 168 -16.57 -40.76 -22.64
CA GLY H 168 -17.89 -40.45 -23.18
C GLY H 168 -19.07 -41.08 -22.48
N SER H 169 -18.83 -41.95 -21.51
CA SER H 169 -19.92 -42.60 -20.79
C SER H 169 -20.15 -42.02 -19.41
N ASP H 170 -19.15 -41.35 -18.86
CA ASP H 170 -19.26 -40.76 -17.54
C ASP H 170 -20.46 -39.83 -17.42
N LYS H 171 -21.20 -39.95 -16.31
CA LYS H 171 -22.38 -39.13 -16.08
C LYS H 171 -22.10 -37.63 -16.18
N ASN H 172 -20.99 -37.20 -15.61
CA ASN H 172 -20.60 -35.79 -15.61
C ASN H 172 -20.25 -35.30 -17.01
N VAL H 173 -19.47 -36.09 -17.75
CA VAL H 173 -19.07 -35.74 -19.10
C VAL H 173 -20.30 -35.60 -19.99
N LYS H 174 -21.31 -36.41 -19.72
CA LYS H 174 -22.53 -36.39 -20.51
C LYS H 174 -23.47 -35.24 -20.21
N GLU H 175 -23.61 -34.87 -18.94
CA GLU H 175 -24.54 -33.81 -18.55
C GLU H 175 -23.97 -32.41 -18.30
N LEU H 176 -22.66 -32.29 -18.17
CA LEU H 176 -22.07 -30.98 -17.90
C LEU H 176 -21.11 -30.45 -18.95
N TRP H 177 -21.59 -29.48 -19.71
CA TRP H 177 -20.80 -28.84 -20.74
C TRP H 177 -19.50 -28.33 -20.12
N TRP H 178 -19.60 -27.70 -18.95
CA TRP H 178 -18.41 -27.17 -18.31
C TRP H 178 -17.45 -28.26 -17.91
N PHE H 179 -17.97 -29.44 -17.62
CA PHE H 179 -17.09 -30.55 -17.23
C PHE H 179 -16.35 -30.96 -18.50
N ARG H 180 -17.09 -31.06 -19.58
CA ARG H 180 -16.48 -31.44 -20.85
C ARG H 180 -15.43 -30.41 -21.25
N SER H 181 -15.78 -29.14 -21.11
CA SER H 181 -14.88 -28.04 -21.45
C SER H 181 -13.53 -28.13 -20.74
N LEU H 182 -13.53 -28.57 -19.49
CA LEU H 182 -12.29 -28.71 -18.74
C LEU H 182 -11.48 -29.86 -19.30
N LEU H 183 -12.16 -30.98 -19.58
CA LEU H 183 -11.48 -32.15 -20.11
C LEU H 183 -10.79 -31.84 -21.43
N VAL H 184 -11.50 -31.19 -22.35
CA VAL H 184 -10.91 -30.86 -23.64
C VAL H 184 -9.72 -29.93 -23.46
N LYS H 185 -9.85 -28.97 -22.55
CA LYS H 185 -8.77 -28.03 -22.27
C LYS H 185 -7.56 -28.85 -21.84
N GLY H 186 -7.83 -29.93 -21.11
CA GLY H 186 -6.79 -30.79 -20.62
C GLY H 186 -6.03 -31.54 -21.70
N VAL H 187 -6.73 -31.97 -22.76
CA VAL H 187 -6.09 -32.69 -23.84
C VAL H 187 -5.11 -31.77 -24.56
N TYR H 188 -5.44 -30.48 -24.64
CA TYR H 188 -4.55 -29.52 -25.28
C TYR H 188 -3.34 -29.31 -24.38
N LEU H 189 -3.54 -29.44 -23.07
CA LEU H 189 -2.46 -29.27 -22.11
C LEU H 189 -1.56 -30.50 -22.07
N ILE H 190 -2.15 -31.69 -22.05
CA ILE H 190 -1.37 -32.92 -22.03
C ILE H 190 -0.41 -32.93 -23.22
N LYS H 191 -0.92 -32.63 -24.40
CA LYS H 191 -0.09 -32.62 -25.60
C LYS H 191 0.97 -31.53 -25.55
N ARG H 192 0.56 -30.29 -25.34
CA ARG H 192 1.48 -29.15 -25.30
C ARG H 192 2.60 -29.32 -24.28
N TYR H 193 2.32 -30.02 -23.19
CA TYR H 193 3.31 -30.23 -22.15
C TYR H 193 4.31 -31.28 -22.60
N TYR H 194 3.79 -32.39 -23.12
CA TYR H 194 4.65 -33.47 -23.55
C TYR H 194 5.42 -33.17 -24.84
N GLU H 195 5.20 -31.98 -25.39
CA GLU H 195 5.91 -31.54 -26.58
C GLU H 195 6.98 -30.53 -26.18
N GLY H 196 7.46 -30.66 -24.94
CA GLY H 196 8.50 -29.78 -24.44
C GLY H 196 8.03 -28.38 -24.10
N ASP H 197 7.15 -28.26 -23.11
CA ASP H 197 6.62 -26.97 -22.71
C ASP H 197 6.10 -27.04 -21.28
N ILE H 198 7.03 -27.14 -20.33
CA ILE H 198 6.69 -27.22 -18.91
C ILE H 198 6.04 -25.91 -18.44
N GLU H 199 6.02 -24.91 -19.33
CA GLU H 199 5.43 -23.62 -19.02
C GLU H 199 4.02 -23.82 -18.49
N LEU H 200 3.33 -24.81 -19.08
CA LEU H 200 1.97 -25.15 -18.70
C LEU H 200 1.76 -25.28 -17.20
N LYS H 201 2.78 -25.77 -16.48
CA LYS H 201 2.65 -25.93 -15.04
C LYS H 201 2.00 -24.72 -14.37
N THR H 202 2.50 -23.53 -14.67
CA THR H 202 1.94 -22.31 -14.07
C THR H 202 1.25 -21.39 -15.07
N THR H 203 0.23 -21.91 -15.74
CA THR H 203 -0.52 -21.14 -16.72
C THR H 203 -1.92 -20.91 -16.21
N SER H 204 -2.34 -21.78 -15.29
CA SER H 204 -3.68 -21.69 -14.72
C SER H 204 -3.78 -22.54 -13.48
N ASP H 205 -4.89 -22.43 -12.77
CA ASP H 205 -5.12 -23.22 -11.57
C ASP H 205 -5.38 -24.66 -11.96
N PHE H 206 -5.84 -24.85 -13.18
CA PHE H 206 -6.12 -26.20 -13.66
C PHE H 206 -4.81 -26.90 -14.06
N ALA H 207 -4.00 -26.21 -14.85
CA ALA H 207 -2.71 -26.75 -15.29
C ALA H 207 -1.83 -27.02 -14.08
N LYS H 208 -1.93 -26.16 -13.07
CA LYS H 208 -1.15 -26.28 -11.86
C LYS H 208 -1.60 -27.48 -11.00
N ALA H 209 -2.90 -27.76 -11.04
CA ALA H 209 -3.46 -28.88 -10.27
C ALA H 209 -3.16 -30.22 -10.94
N VAL H 210 -3.10 -30.21 -12.28
CA VAL H 210 -2.84 -31.43 -13.04
C VAL H 210 -1.36 -31.82 -13.06
N PHE H 211 -0.49 -30.85 -13.25
CA PHE H 211 0.94 -31.15 -13.30
C PHE H 211 1.65 -30.96 -11.97
N GLU H 212 1.21 -31.73 -10.98
CA GLU H 212 1.79 -31.74 -9.66
C GLU H 212 1.28 -32.97 -8.91
N ASP H 213 2.22 -33.84 -8.51
CA ASP H 213 1.89 -35.07 -7.80
C ASP H 213 0.95 -35.94 -8.64
N GLN I 1 6.51 19.16 27.97
CA GLN I 1 5.73 19.58 29.17
C GLN I 1 4.24 19.36 28.93
N SER I 2 3.88 18.14 28.55
CA SER I 2 2.49 17.77 28.29
C SER I 2 1.56 18.39 29.32
N VAL I 3 1.87 18.17 30.58
CA VAL I 3 1.06 18.69 31.68
C VAL I 3 1.72 19.92 32.31
N THR I 4 0.90 20.83 32.84
CA THR I 4 1.40 22.04 33.46
C THR I 4 0.64 22.47 34.72
N GLN I 5 1.40 22.91 35.72
CA GLN I 5 0.83 23.37 36.97
C GLN I 5 1.40 24.77 37.23
N PRO I 6 0.51 25.77 37.25
CA PRO I 6 0.90 27.17 37.49
C PRO I 6 1.11 27.55 38.95
N ASP I 7 0.57 26.75 39.85
CA ASP I 7 0.69 27.00 41.28
C ASP I 7 1.90 26.32 41.91
N ALA I 8 2.94 27.10 42.20
CA ALA I 8 4.15 26.57 42.81
C ALA I 8 3.88 26.09 44.24
N ARG I 9 3.56 27.03 45.12
CA ARG I 9 3.27 26.73 46.52
C ARG I 9 1.98 27.42 46.97
N VAL I 10 0.96 26.63 47.28
CA VAL I 10 -0.33 27.16 47.71
C VAL I 10 -0.67 26.78 49.16
N THR I 11 -0.74 27.79 50.02
CA THR I 11 -1.07 27.57 51.42
C THR I 11 -2.53 27.90 51.66
N VAL I 12 -3.18 27.09 52.50
CA VAL I 12 -4.59 27.30 52.81
C VAL I 12 -4.87 26.88 54.26
N SER I 13 -5.56 27.76 54.98
CA SER I 13 -5.89 27.50 56.39
C SER I 13 -6.85 26.32 56.51
N GLU I 14 -6.49 25.38 57.37
CA GLU I 14 -7.26 24.16 57.62
C GLU I 14 -8.77 24.34 57.52
N GLY I 15 -9.46 23.25 57.20
CA GLY I 15 -10.91 23.30 57.09
C GLY I 15 -11.40 23.92 55.79
N ALA I 16 -10.63 24.88 55.26
CA ALA I 16 -11.00 25.56 54.02
C ALA I 16 -11.05 24.60 52.83
N SER I 17 -11.18 25.15 51.63
CA SER I 17 -11.22 24.34 50.41
C SER I 17 -10.02 24.70 49.53
N LEU I 18 -9.49 23.70 48.83
CA LEU I 18 -8.33 23.91 47.96
C LEU I 18 -8.56 23.41 46.54
N GLN I 19 -7.89 24.05 45.58
CA GLN I 19 -8.00 23.66 44.18
C GLN I 19 -6.68 23.80 43.45
N LEU I 20 -6.05 22.66 43.13
CA LEU I 20 -4.79 22.67 42.40
C LEU I 20 -5.11 22.67 40.91
N ARG I 21 -4.58 23.67 40.21
CA ARG I 21 -4.81 23.82 38.77
C ARG I 21 -3.85 23.00 37.91
N CYS I 22 -4.41 22.25 36.95
CA CYS I 22 -3.60 21.41 36.06
C CYS I 22 -4.18 21.38 34.65
N LYS I 23 -3.37 21.78 33.68
CA LYS I 23 -3.80 21.78 32.28
C LYS I 23 -2.77 20.96 31.49
N TYR I 24 -3.25 20.06 30.64
CA TYR I 24 -2.36 19.21 29.84
C TYR I 24 -2.13 19.73 28.42
N SER I 25 -1.56 18.87 27.58
CA SER I 25 -1.28 19.25 26.19
C SER I 25 -1.49 18.13 25.17
N TYR I 26 -1.43 16.87 25.62
CA TYR I 26 -1.61 15.74 24.72
C TYR I 26 -2.91 15.88 23.91
N SER I 27 -3.87 16.60 24.47
CA SER I 27 -5.17 16.84 23.85
C SER I 27 -5.59 15.82 22.78
N ALA I 28 -5.68 14.56 23.20
CA ALA I 28 -6.09 13.48 22.31
C ALA I 28 -6.94 12.52 23.13
N THR I 29 -6.28 11.55 23.76
CA THR I 29 -6.93 10.57 24.60
C THR I 29 -6.21 10.60 25.94
N PRO I 30 -6.25 11.75 26.64
CA PRO I 30 -5.60 11.95 27.94
C PRO I 30 -5.88 10.91 29.02
N TYR I 31 -4.79 10.42 29.60
CA TYR I 31 -4.83 9.45 30.71
C TYR I 31 -4.28 10.29 31.84
N LEU I 32 -5.15 11.06 32.49
CA LEU I 32 -4.73 11.95 33.57
C LEU I 32 -4.72 11.34 34.96
N PHE I 33 -3.67 11.66 35.71
CA PHE I 33 -3.50 11.17 37.06
C PHE I 33 -3.12 12.30 38.01
N TRP I 34 -3.33 12.07 39.29
CA TRP I 34 -2.96 13.02 40.33
C TRP I 34 -2.18 12.19 41.34
N TYR I 35 -1.06 12.73 41.81
CA TYR I 35 -0.24 12.02 42.76
C TYR I 35 0.11 12.93 43.92
N VAL I 36 0.13 12.35 45.12
CA VAL I 36 0.47 13.09 46.32
C VAL I 36 1.73 12.50 46.93
N GLN I 37 2.64 13.37 47.36
CA GLN I 37 3.89 12.92 47.96
C GLN I 37 4.12 13.59 49.31
N TYR I 38 4.02 12.82 50.39
CA TYR I 38 4.26 13.37 51.72
C TYR I 38 5.75 13.25 51.98
N PRO I 39 6.32 14.18 52.76
CA PRO I 39 7.76 14.18 53.07
C PRO I 39 8.36 12.79 53.26
N ARG I 40 9.65 12.68 52.98
CA ARG I 40 10.39 11.42 53.12
C ARG I 40 9.73 10.22 52.43
N GLN I 41 8.83 10.49 51.50
CA GLN I 41 8.15 9.39 50.82
C GLN I 41 8.12 9.51 49.31
N GLY I 42 7.51 8.51 48.68
CA GLY I 42 7.40 8.50 47.24
C GLY I 42 5.98 8.78 46.82
N PRO I 43 5.77 9.49 45.69
CA PRO I 43 4.44 9.81 45.21
C PRO I 43 3.47 8.64 45.30
N GLN I 44 2.22 8.94 45.66
CA GLN I 44 1.18 7.94 45.78
C GLN I 44 0.04 8.31 44.84
N LEU I 45 -0.67 7.29 44.34
CA LEU I 45 -1.80 7.53 43.46
C LEU I 45 -2.83 8.27 44.29
N LEU I 46 -3.22 9.46 43.84
CA LEU I 46 -4.20 10.29 44.54
C LEU I 46 -5.57 10.06 43.91
N LEU I 47 -5.60 10.03 42.57
CA LEU I 47 -6.81 9.81 41.79
C LEU I 47 -6.46 9.82 40.31
N LYS I 48 -7.23 9.10 39.51
CA LYS I 48 -6.95 8.99 38.07
C LYS I 48 -8.18 9.06 37.18
N TYR I 49 -7.99 9.58 35.98
CA TYR I 49 -9.07 9.68 34.99
C TYR I 49 -8.75 8.83 33.76
N TYR I 50 -9.62 7.87 33.47
CA TYR I 50 -9.43 7.01 32.32
C TYR I 50 -10.09 7.65 31.12
N SER I 51 -11.39 7.45 31.01
CA SER I 51 -12.19 8.00 29.91
C SER I 51 -13.65 7.65 30.14
N GLY I 52 -14.36 8.54 30.83
CA GLY I 52 -15.77 8.30 31.11
C GLY I 52 -16.38 9.49 31.84
N ASP I 53 -16.49 9.37 33.16
CA ASP I 53 -17.07 10.43 33.97
C ASP I 53 -16.02 11.51 34.21
N PRO I 54 -16.15 12.67 33.54
CA PRO I 54 -15.20 13.78 33.68
C PRO I 54 -14.88 14.19 35.12
N VAL I 55 -15.74 13.82 36.05
CA VAL I 55 -15.54 14.13 37.46
C VAL I 55 -14.96 12.91 38.17
N VAL I 56 -13.65 12.95 38.42
CA VAL I 56 -12.95 11.85 39.06
C VAL I 56 -13.22 11.74 40.55
N GLN I 57 -13.68 10.56 40.95
CA GLN I 57 -13.99 10.29 42.35
C GLN I 57 -12.74 9.78 43.05
N GLY I 58 -11.97 10.70 43.62
CA GLY I 58 -10.76 10.31 44.31
C GLY I 58 -11.00 9.66 45.65
N VAL I 59 -10.02 9.79 46.55
CA VAL I 59 -10.11 9.22 47.89
C VAL I 59 -9.73 10.30 48.89
N ASN I 60 -10.17 10.13 50.14
CA ASN I 60 -9.87 11.08 51.21
C ASN I 60 -10.58 12.42 50.92
N GLY I 61 -11.72 12.33 50.25
CA GLY I 61 -12.48 13.53 49.93
C GLY I 61 -11.86 14.36 48.83
N PHE I 62 -11.25 13.69 47.86
CA PHE I 62 -10.61 14.38 46.74
C PHE I 62 -11.36 14.15 45.44
N GLU I 63 -11.31 15.13 44.55
CA GLU I 63 -11.99 15.02 43.27
C GLU I 63 -11.33 15.91 42.21
N ALA I 64 -11.33 15.44 40.97
CA ALA I 64 -10.74 16.19 39.87
C ALA I 64 -11.65 16.15 38.65
N GLU I 65 -11.75 17.28 37.95
CA GLU I 65 -12.61 17.37 36.77
C GLU I 65 -11.81 17.44 35.48
N PHE I 66 -12.17 16.59 34.53
CA PHE I 66 -11.50 16.55 33.24
C PHE I 66 -12.34 17.29 32.22
N SER I 67 -11.94 18.53 31.92
CA SER I 67 -12.66 19.34 30.95
C SER I 67 -11.90 19.41 29.64
N LYS I 68 -12.21 18.51 28.71
CA LYS I 68 -11.55 18.51 27.42
C LYS I 68 -11.65 19.93 26.87
N SER I 69 -12.73 20.61 27.23
CA SER I 69 -12.98 21.98 26.79
C SER I 69 -11.80 22.86 27.16
N ASN I 70 -11.69 23.20 28.44
CA ASN I 70 -10.61 24.05 28.92
C ASN I 70 -9.32 23.22 28.97
N SER I 71 -9.42 21.97 28.54
CA SER I 71 -8.29 21.04 28.52
C SER I 71 -7.50 21.12 29.82
N SER I 72 -8.20 20.87 30.93
CA SER I 72 -7.59 20.91 32.26
C SER I 72 -8.08 19.75 33.10
N PHE I 73 -7.33 19.47 34.16
CA PHE I 73 -7.66 18.39 35.08
C PHE I 73 -7.40 18.92 36.48
N HIS I 74 -8.18 19.92 36.88
CA HIS I 74 -8.03 20.54 38.19
C HIS I 74 -8.40 19.63 39.36
N LEU I 75 -7.72 19.83 40.47
CA LEU I 75 -7.95 19.04 41.68
C LEU I 75 -8.49 19.94 42.78
N ARG I 76 -9.56 19.50 43.43
CA ARG I 76 -10.15 20.27 44.52
C ARG I 76 -10.73 19.40 45.62
N LYS I 77 -10.70 19.92 46.85
CA LYS I 77 -11.21 19.21 48.01
C LYS I 77 -12.11 20.13 48.84
N ALA I 78 -13.13 19.54 49.47
CA ALA I 78 -14.06 20.31 50.29
C ALA I 78 -13.33 20.94 51.47
N SER I 79 -12.98 20.13 52.46
CA SER I 79 -12.29 20.60 53.65
C SER I 79 -10.81 20.20 53.66
N VAL I 80 -9.94 21.21 53.80
CA VAL I 80 -8.49 20.97 53.80
C VAL I 80 -7.95 20.54 55.17
N HIS I 81 -7.95 19.24 55.42
CA HIS I 81 -7.45 18.71 56.68
C HIS I 81 -5.96 19.01 56.77
N ARG I 82 -5.46 19.26 57.97
CA ARG I 82 -4.05 19.58 58.16
C ARG I 82 -3.18 18.35 57.85
N SER I 83 -3.82 17.21 57.65
CA SER I 83 -3.12 15.97 57.34
C SER I 83 -2.89 15.88 55.85
N ASP I 84 -2.97 17.04 55.18
CA ASP I 84 -2.78 17.10 53.74
C ASP I 84 -1.62 18.02 53.37
N SER I 85 -0.78 18.33 54.36
CA SER I 85 0.37 19.19 54.14
C SER I 85 1.46 18.46 53.36
N ALA I 86 1.35 18.47 52.04
CA ALA I 86 2.32 17.80 51.18
C ALA I 86 2.29 18.35 49.75
N VAL I 87 3.21 17.87 48.92
CA VAL I 87 3.29 18.31 47.52
C VAL I 87 2.43 17.45 46.61
N TYR I 88 1.81 18.11 45.63
CA TYR I 88 0.93 17.43 44.68
C TYR I 88 1.43 17.54 43.24
N PHE I 89 1.37 16.41 42.52
CA PHE I 89 1.82 16.35 41.14
C PHE I 89 0.74 15.80 40.24
N CYS I 90 0.49 16.45 39.12
CA CYS I 90 -0.48 15.93 38.18
C CYS I 90 0.37 15.46 37.01
N ALA I 91 -0.09 14.41 36.32
CA ALA I 91 0.69 13.88 35.23
C ALA I 91 -0.12 13.12 34.19
N VAL I 92 0.57 12.71 33.13
CA VAL I 92 -0.05 11.96 32.04
C VAL I 92 0.74 10.68 31.76
N SER I 93 0.03 9.67 31.30
CA SER I 93 0.62 8.38 30.97
C SER I 93 1.30 8.49 29.60
N GLY I 94 2.42 7.80 29.43
CA GLY I 94 3.14 7.84 28.17
C GLY I 94 2.91 6.61 27.31
N PHE I 95 3.68 6.50 26.23
CA PHE I 95 3.57 5.36 25.32
C PHE I 95 4.03 4.05 25.98
N ALA I 96 5.01 4.14 26.87
CA ALA I 96 5.53 2.98 27.57
C ALA I 96 4.91 2.87 28.95
N SER I 97 3.80 3.58 29.13
CA SER I 97 3.07 3.59 30.39
C SER I 97 3.90 4.29 31.48
N ALA I 98 4.60 5.35 31.10
CA ALA I 98 5.40 6.10 32.05
C ALA I 98 4.69 7.41 32.37
N LEU I 99 4.79 7.86 33.61
CA LEU I 99 4.15 9.10 34.00
C LEU I 99 5.04 10.29 33.77
N THR I 100 4.45 11.36 33.24
CA THR I 100 5.15 12.60 33.02
C THR I 100 4.51 13.60 33.98
N PHE I 101 5.21 13.90 35.06
CA PHE I 101 4.71 14.79 36.10
C PHE I 101 4.82 16.30 35.86
N GLY I 102 3.86 17.03 36.40
CA GLY I 102 3.87 18.47 36.27
C GLY I 102 4.82 19.08 37.28
N SER I 103 4.97 20.41 37.24
CA SER I 103 5.85 21.14 38.14
C SER I 103 5.74 20.70 39.60
N GLY I 104 4.51 20.57 40.08
CA GLY I 104 4.29 20.17 41.46
C GLY I 104 3.93 21.32 42.37
N THR I 105 2.79 21.21 43.06
CA THR I 105 2.33 22.25 43.98
C THR I 105 2.43 21.82 45.44
N LYS I 106 3.11 22.62 46.26
CA LYS I 106 3.27 22.32 47.68
C LYS I 106 2.18 22.99 48.50
N VAL I 107 1.46 22.18 49.28
CA VAL I 107 0.38 22.70 50.11
C VAL I 107 0.72 22.71 51.60
N ILE I 108 0.66 23.90 52.19
CA ILE I 108 0.93 24.08 53.62
C ILE I 108 -0.37 24.46 54.30
N VAL I 109 -0.96 23.50 55.03
CA VAL I 109 -2.21 23.73 55.74
C VAL I 109 -1.97 24.35 57.11
N LEU I 110 -2.64 25.47 57.39
CA LEU I 110 -2.51 26.19 58.65
C LEU I 110 -3.38 25.58 59.75
N GLU J 1 7.99 -6.12 54.69
CA GLU J 1 8.12 -6.18 53.20
C GLU J 1 7.32 -5.07 52.51
N ALA J 2 7.84 -4.61 51.38
CA ALA J 2 7.18 -3.58 50.59
C ALA J 2 6.98 -4.12 49.17
N ALA J 3 5.97 -3.60 48.45
CA ALA J 3 5.71 -4.03 47.09
C ALA J 3 6.95 -3.66 46.26
N VAL J 4 7.27 -2.37 46.28
CA VAL J 4 8.43 -1.83 45.58
C VAL J 4 9.53 -1.62 46.62
N THR J 5 10.62 -2.36 46.48
CA THR J 5 11.74 -2.28 47.42
C THR J 5 13.02 -1.69 46.82
N GLN J 6 13.38 -0.47 47.22
CA GLN J 6 14.59 0.13 46.71
C GLN J 6 15.71 -0.21 47.67
N SER J 7 16.93 0.16 47.34
CA SER J 7 18.09 -0.15 48.17
C SER J 7 19.37 0.25 47.44
N PRO J 8 20.29 0.93 48.15
CA PRO J 8 20.22 1.33 49.55
C PRO J 8 19.24 2.49 49.77
N ARG J 9 19.11 2.90 51.03
CA ARG J 9 18.23 4.00 51.42
C ARG J 9 18.99 5.31 51.31
N ASN J 10 20.25 5.26 51.75
CA ASN J 10 21.12 6.43 51.71
C ASN J 10 22.40 5.97 51.04
N LYS J 11 23.05 6.88 50.32
CA LYS J 11 24.31 6.56 49.67
C LYS J 11 25.15 7.80 49.51
N VAL J 12 26.39 7.70 49.98
CA VAL J 12 27.34 8.79 49.88
C VAL J 12 28.50 8.28 49.04
N ALA J 13 28.67 8.88 47.86
CA ALA J 13 29.73 8.46 46.96
C ALA J 13 30.71 9.56 46.60
N VAL J 14 31.96 9.18 46.41
CA VAL J 14 33.01 10.13 46.04
C VAL J 14 32.89 10.35 44.53
N THR J 15 33.03 11.59 44.10
CA THR J 15 32.93 11.89 42.68
C THR J 15 33.82 10.92 41.92
N GLY J 16 33.24 10.18 40.98
CA GLY J 16 34.01 9.23 40.21
C GLY J 16 33.74 7.78 40.57
N GLU J 17 33.14 7.57 41.75
CA GLU J 17 32.83 6.22 42.20
C GLU J 17 31.69 5.61 41.40
N LYS J 18 31.64 4.29 41.33
CA LYS J 18 30.57 3.59 40.60
C LYS J 18 29.43 3.31 41.58
N VAL J 19 28.26 3.85 41.28
CA VAL J 19 27.11 3.66 42.14
C VAL J 19 26.02 2.81 41.49
N THR J 20 25.54 1.83 42.24
CA THR J 20 24.47 0.95 41.78
C THR J 20 23.27 0.98 42.72
N LEU J 21 22.10 1.24 42.18
CA LEU J 21 20.88 1.27 42.97
C LEU J 21 20.02 0.07 42.58
N SER J 22 19.43 -0.60 43.56
CA SER J 22 18.62 -1.78 43.28
C SER J 22 17.14 -1.52 43.50
N CYS J 23 16.32 -2.28 42.79
CA CYS J 23 14.88 -2.16 42.92
C CYS J 23 14.21 -3.50 42.73
N ASN J 24 13.38 -3.87 43.69
CA ASN J 24 12.66 -5.13 43.65
C ASN J 24 11.16 -4.83 43.66
N GLN J 25 10.40 -5.59 42.89
CA GLN J 25 8.96 -5.40 42.82
C GLN J 25 8.34 -6.79 42.79
N THR J 26 7.48 -7.06 43.77
CA THR J 26 6.82 -8.36 43.87
C THR J 26 5.39 -8.30 43.36
N ASN J 27 5.05 -7.23 42.65
CA ASN J 27 3.70 -7.07 42.12
C ASN J 27 3.47 -7.84 40.84
N ASN J 28 4.49 -8.59 40.41
CA ASN J 28 4.36 -9.38 39.19
C ASN J 28 4.05 -8.44 38.01
N HIS J 29 4.56 -7.22 38.10
CA HIS J 29 4.35 -6.21 37.06
C HIS J 29 5.46 -6.34 35.98
N ASN J 30 5.14 -5.98 34.74
CA ASN J 30 6.11 -6.06 33.65
C ASN J 30 6.95 -4.81 33.51
N ASN J 31 6.32 -3.65 33.66
CA ASN J 31 7.04 -2.39 33.51
C ASN J 31 7.72 -1.92 34.78
N MET J 32 8.89 -1.31 34.62
CA MET J 32 9.63 -0.77 35.76
C MET J 32 10.33 0.50 35.33
N TYR J 33 10.35 1.50 36.20
CA TYR J 33 10.92 2.78 35.86
C TYR J 33 11.88 3.29 36.92
N TRP J 34 12.68 4.28 36.56
CA TRP J 34 13.61 4.89 37.47
C TRP J 34 13.52 6.39 37.27
N TYR J 35 13.19 7.11 38.33
CA TYR J 35 13.09 8.56 38.26
C TYR J 35 14.06 9.13 39.26
N ARG J 36 14.42 10.39 39.06
CA ARG J 36 15.30 11.09 39.98
C ARG J 36 14.57 12.39 40.24
N GLN J 37 14.53 12.82 41.49
CA GLN J 37 13.83 14.04 41.85
C GLN J 37 14.72 14.97 42.66
N ASP J 38 14.97 16.15 42.12
CA ASP J 38 15.77 17.15 42.80
C ASP J 38 14.83 17.84 43.77
N THR J 39 15.32 18.13 44.97
CA THR J 39 14.51 18.77 45.99
C THR J 39 13.68 19.94 45.44
N GLY J 40 12.37 19.87 45.66
CA GLY J 40 11.49 20.93 45.20
C GLY J 40 11.08 20.85 43.74
N HIS J 41 11.07 19.64 43.18
CA HIS J 41 10.68 19.47 41.79
C HIS J 41 9.90 18.18 41.55
N GLU J 42 9.64 17.90 40.29
CA GLU J 42 8.91 16.70 39.88
C GLU J 42 9.85 15.54 39.62
N LEU J 43 9.26 14.38 39.39
CA LEU J 43 10.00 13.16 39.09
C LEU J 43 10.26 13.15 37.59
N ARG J 44 11.50 12.90 37.20
CA ARG J 44 11.88 12.84 35.78
C ARG J 44 12.49 11.48 35.54
N LEU J 45 11.89 10.68 34.68
CA LEU J 45 12.45 9.35 34.45
C LEU J 45 13.77 9.34 33.68
N ILE J 46 14.63 8.43 34.13
CA ILE J 46 15.95 8.22 33.59
C ILE J 46 15.88 7.08 32.59
N HIS J 47 15.44 5.92 33.06
CA HIS J 47 15.30 4.74 32.21
C HIS J 47 14.06 3.96 32.58
N TYR J 48 13.56 3.16 31.65
CA TYR J 48 12.40 2.32 31.89
C TYR J 48 12.60 0.97 31.22
N SER J 49 11.79 -0.01 31.59
CA SER J 49 11.92 -1.35 31.04
C SER J 49 10.55 -1.98 30.98
N TYR J 50 10.27 -2.70 29.91
CA TYR J 50 8.97 -3.33 29.77
C TYR J 50 9.01 -4.83 30.01
N GLY J 51 10.09 -5.31 30.63
CA GLY J 51 10.19 -6.72 30.90
C GLY J 51 11.63 -7.13 31.12
N ALA J 52 11.85 -8.36 31.56
CA ALA J 52 13.20 -8.83 31.80
C ALA J 52 14.00 -8.74 30.49
N GLY J 53 15.25 -8.32 30.60
CA GLY J 53 16.10 -8.21 29.44
C GLY J 53 15.96 -6.90 28.69
N SER J 54 14.90 -6.16 28.97
CA SER J 54 14.67 -4.89 28.31
C SER J 54 15.04 -3.65 29.10
N THR J 55 15.44 -2.60 28.37
CA THR J 55 15.78 -1.31 28.95
C THR J 55 15.84 -0.27 27.84
N GLU J 56 15.14 0.83 28.06
CA GLU J 56 15.08 1.92 27.10
C GLU J 56 15.38 3.24 27.80
N LYS J 57 15.80 4.23 27.04
CA LYS J 57 16.14 5.53 27.61
C LYS J 57 14.91 6.36 27.93
N GLY J 58 15.03 7.23 28.92
CA GLY J 58 13.92 8.08 29.32
C GLY J 58 14.18 9.52 28.91
N ASP J 59 13.70 10.47 29.71
CA ASP J 59 13.87 11.89 29.43
C ASP J 59 15.27 12.38 29.79
N ILE J 60 15.90 11.76 30.78
CA ILE J 60 17.23 12.20 31.21
C ILE J 60 18.17 11.04 31.47
N PRO J 61 18.47 10.25 30.42
CA PRO J 61 19.38 9.10 30.56
C PRO J 61 20.86 9.41 30.72
N ASP J 62 21.30 10.53 30.15
CA ASP J 62 22.73 10.88 30.22
C ASP J 62 23.35 10.65 31.60
N GLY J 63 24.43 9.89 31.62
CA GLY J 63 25.12 9.63 32.87
C GLY J 63 24.69 8.35 33.57
N TYR J 64 23.53 7.82 33.18
CA TYR J 64 23.01 6.60 33.80
C TYR J 64 22.83 5.44 32.83
N LYS J 65 22.85 4.24 33.39
CA LYS J 65 22.65 3.00 32.64
C LYS J 65 21.79 2.09 33.53
N ALA J 66 20.74 1.51 32.96
CA ALA J 66 19.89 0.63 33.73
C ALA J 66 20.07 -0.82 33.25
N SER J 67 19.66 -1.76 34.08
CA SER J 67 19.77 -3.18 33.75
C SER J 67 18.56 -3.91 34.32
N ARG J 68 17.98 -4.79 33.51
CA ARG J 68 16.79 -5.55 33.91
C ARG J 68 17.05 -7.05 33.71
N PRO J 69 17.88 -7.66 34.56
CA PRO J 69 18.25 -9.08 34.52
C PRO J 69 17.14 -10.06 34.86
N SER J 70 16.09 -9.58 35.53
CA SER J 70 14.98 -10.45 35.88
C SER J 70 13.69 -9.67 35.98
N GLN J 71 12.57 -10.39 35.93
CA GLN J 71 11.26 -9.76 35.99
C GLN J 71 11.05 -8.90 37.23
N GLU J 72 11.75 -9.23 38.31
CA GLU J 72 11.58 -8.48 39.55
C GLU J 72 12.59 -7.39 39.82
N ASN J 73 13.78 -7.47 39.21
CA ASN J 73 14.79 -6.46 39.48
C ASN J 73 15.21 -5.56 38.33
N PHE J 74 15.33 -4.27 38.64
CA PHE J 74 15.72 -3.23 37.70
C PHE J 74 16.70 -2.34 38.43
N SER J 75 18.00 -2.51 38.18
CA SER J 75 18.97 -1.67 38.87
C SER J 75 19.40 -0.49 38.01
N LEU J 76 19.78 0.59 38.68
CA LEU J 76 20.23 1.80 38.01
C LEU J 76 21.73 1.89 38.26
N ILE J 77 22.50 2.11 37.19
CA ILE J 77 23.95 2.17 37.30
C ILE J 77 24.54 3.52 36.98
N LEU J 78 25.50 3.94 37.80
CA LEU J 78 26.23 5.18 37.64
C LEU J 78 27.70 4.80 37.53
N GLU J 79 28.20 4.76 36.30
CA GLU J 79 29.58 4.36 36.05
C GLU J 79 30.59 5.25 36.76
N SER J 80 30.49 6.55 36.53
CA SER J 80 31.41 7.52 37.14
C SER J 80 30.62 8.67 37.75
N ALA J 81 30.23 8.50 39.01
CA ALA J 81 29.43 9.48 39.74
C ALA J 81 29.88 10.94 39.68
N THR J 82 28.93 11.84 39.48
CA THR J 82 29.23 13.27 39.43
C THR J 82 28.32 14.03 40.40
N PRO J 83 28.80 15.16 40.95
CA PRO J 83 28.02 15.97 41.87
C PRO J 83 26.59 16.27 41.40
N SER J 84 26.41 16.44 40.09
CA SER J 84 25.10 16.74 39.54
C SER J 84 24.12 15.58 39.73
N GLN J 85 24.66 14.40 40.03
CA GLN J 85 23.81 13.23 40.22
C GLN J 85 23.27 13.16 41.65
N THR J 86 23.72 14.08 42.50
CA THR J 86 23.25 14.15 43.86
C THR J 86 21.76 14.44 43.75
N SER J 87 20.94 13.56 44.30
CA SER J 87 19.50 13.71 44.23
C SER J 87 18.83 12.52 44.90
N VAL J 88 17.50 12.47 44.82
CA VAL J 88 16.78 11.36 45.41
C VAL J 88 16.22 10.58 44.24
N TYR J 89 16.45 9.27 44.24
CA TYR J 89 15.98 8.43 43.15
C TYR J 89 14.81 7.54 43.55
N PHE J 90 13.80 7.48 42.69
CA PHE J 90 12.65 6.65 42.94
C PHE J 90 12.49 5.58 41.88
N CYS J 91 12.10 4.39 42.32
CA CYS J 91 11.86 3.28 41.44
C CYS J 91 10.36 3.11 41.39
N ALA J 92 9.83 2.61 40.29
CA ALA J 92 8.39 2.43 40.18
C ALA J 92 8.07 1.13 39.47
N SER J 93 6.89 0.60 39.73
CA SER J 93 6.43 -0.64 39.12
C SER J 93 5.17 -0.32 38.35
N GLY J 94 4.81 -1.20 37.41
CA GLY J 94 3.62 -0.97 36.61
C GLY J 94 3.16 -2.16 35.79
N GLY J 95 1.85 -2.33 35.73
CA GLY J 95 1.24 -3.41 34.97
C GLY J 95 -0.19 -2.96 34.74
N GLY J 96 -0.72 -2.30 35.77
CA GLY J 96 -2.06 -1.78 35.71
C GLY J 96 -1.95 -0.26 35.75
N GLY J 97 -2.47 0.38 34.70
CA GLY J 97 -2.47 1.83 34.56
C GLY J 97 -1.57 2.73 35.40
N THR J 98 -1.63 2.59 36.72
CA THR J 98 -0.85 3.42 37.62
C THR J 98 0.53 2.88 37.98
N LEU J 99 1.40 3.79 38.40
CA LEU J 99 2.76 3.44 38.79
C LEU J 99 2.92 3.43 40.31
N TYR J 100 3.48 2.32 40.81
CA TYR J 100 3.68 2.16 42.24
C TYR J 100 5.15 2.42 42.58
N PHE J 101 5.41 3.59 43.15
CA PHE J 101 6.76 3.99 43.51
C PHE J 101 7.31 3.31 44.76
N GLY J 102 8.59 3.54 45.03
CA GLY J 102 9.24 2.97 46.19
C GLY J 102 9.60 4.08 47.15
N ALA J 103 10.16 3.71 48.30
CA ALA J 103 10.55 4.67 49.34
C ALA J 103 11.40 5.82 48.83
N GLY J 104 12.40 5.50 48.01
CA GLY J 104 13.27 6.52 47.49
C GLY J 104 14.68 6.32 48.00
N THR J 105 15.66 6.92 47.34
CA THR J 105 17.04 6.78 47.77
C THR J 105 17.77 8.11 47.70
N ARG J 106 18.44 8.45 48.79
CA ARG J 106 19.19 9.70 48.84
C ARG J 106 20.64 9.45 48.48
N LEU J 107 21.09 10.12 47.42
CA LEU J 107 22.45 9.97 46.95
C LEU J 107 23.14 11.31 46.92
N SER J 108 24.33 11.35 47.51
CA SER J 108 25.12 12.56 47.54
C SER J 108 26.49 12.27 46.99
N VAL J 109 26.89 13.02 45.98
CA VAL J 109 28.19 12.85 45.37
C VAL J 109 29.04 14.01 45.87
N LEU J 110 30.07 13.70 46.65
CA LEU J 110 30.94 14.71 47.22
C LEU J 110 32.08 15.17 46.30
N SER J 111 33.19 15.53 46.91
CA SER J 111 34.40 15.99 46.24
C SER J 111 34.18 17.16 45.27
N SER J 112 35.27 17.57 44.62
CA SER J 112 35.27 18.68 43.65
C SER J 112 35.41 20.04 44.33
N ALA J 113 36.65 20.45 44.58
CA ALA J 113 36.93 21.74 45.21
C ALA J 113 36.79 22.89 44.22
N SER K 2 0.67 -5.85 -32.64
CA SER K 2 2.03 -6.15 -32.12
C SER K 2 2.91 -6.74 -33.22
N VAL K 3 2.36 -7.73 -33.91
CA VAL K 3 3.05 -8.44 -34.98
C VAL K 3 3.15 -7.63 -36.27
N THR K 4 4.24 -7.81 -37.01
CA THR K 4 4.44 -7.09 -38.27
C THR K 4 5.06 -7.94 -39.38
N GLN K 5 4.54 -7.78 -40.59
CA GLN K 5 5.01 -8.48 -41.77
C GLN K 5 5.35 -7.43 -42.82
N PRO K 6 6.63 -7.32 -43.19
CA PRO K 6 7.11 -6.35 -44.19
C PRO K 6 6.88 -6.77 -45.64
N ASP K 7 6.70 -8.06 -45.86
CA ASP K 7 6.50 -8.60 -47.20
C ASP K 7 5.03 -8.67 -47.61
N ALA K 8 4.59 -7.73 -48.46
CA ALA K 8 3.20 -7.71 -48.91
C ALA K 8 2.91 -8.92 -49.80
N ARG K 9 3.55 -8.97 -50.97
CA ARG K 9 3.36 -10.09 -51.90
C ARG K 9 4.70 -10.63 -52.38
N VAL K 10 5.00 -11.87 -52.02
CA VAL K 10 6.25 -12.53 -52.39
C VAL K 10 6.04 -13.71 -53.33
N THR K 11 6.54 -13.57 -54.56
CA THR K 11 6.43 -14.63 -55.56
C THR K 11 7.74 -15.41 -55.63
N VAL K 12 7.64 -16.73 -55.76
CA VAL K 12 8.82 -17.58 -55.84
C VAL K 12 8.56 -18.77 -56.78
N SER K 13 9.48 -19.00 -57.70
CA SER K 13 9.37 -20.10 -58.66
C SER K 13 9.41 -21.45 -57.95
N GLU K 14 8.42 -22.29 -58.25
CA GLU K 14 8.29 -23.61 -57.63
C GLU K 14 9.61 -24.32 -57.36
N GLY K 15 9.59 -25.22 -56.38
CA GLY K 15 10.78 -25.96 -56.02
C GLY K 15 11.77 -25.16 -55.19
N ALA K 16 11.82 -23.85 -55.41
CA ALA K 16 12.73 -22.97 -54.66
C ALA K 16 12.41 -22.95 -53.17
N SER K 17 13.04 -22.04 -52.44
CA SER K 17 12.80 -21.92 -51.00
C SER K 17 12.23 -20.55 -50.69
N LEU K 18 11.35 -20.48 -49.69
CA LEU K 18 10.72 -19.21 -49.32
C LEU K 18 10.86 -18.92 -47.83
N GLN K 19 10.86 -17.62 -47.50
CA GLN K 19 10.98 -17.18 -46.12
C GLN K 19 10.13 -15.95 -45.85
N LEU K 20 9.03 -16.14 -45.11
CA LEU K 20 8.15 -15.02 -44.76
C LEU K 20 8.67 -14.40 -43.48
N ARG K 21 8.95 -13.10 -43.52
CA ARG K 21 9.48 -12.41 -42.35
C ARG K 21 8.40 -11.88 -41.41
N CYS K 22 8.57 -12.16 -40.12
CA CYS K 22 7.62 -11.70 -39.11
C CYS K 22 8.31 -11.32 -37.81
N LYS K 23 8.08 -10.08 -37.37
CA LYS K 23 8.64 -9.59 -36.12
C LYS K 23 7.49 -9.11 -35.24
N TYR K 24 7.51 -9.49 -33.96
CA TYR K 24 6.47 -9.10 -33.03
C TYR K 24 6.82 -7.89 -32.18
N SER K 25 6.01 -7.65 -31.14
CA SER K 25 6.22 -6.51 -30.27
C SER K 25 5.94 -6.79 -28.79
N TYR K 26 5.10 -7.77 -28.51
CA TYR K 26 4.76 -8.08 -27.12
C TYR K 26 6.00 -8.32 -26.27
N SER K 27 7.09 -8.72 -26.94
CA SER K 27 8.37 -9.00 -26.28
C SER K 27 8.30 -9.29 -24.78
N ALA K 28 7.56 -10.34 -24.44
CA ALA K 28 7.40 -10.77 -23.04
C ALA K 28 7.39 -12.29 -23.06
N THR K 29 6.20 -12.86 -23.20
CA THR K 29 6.04 -14.31 -23.27
C THR K 29 5.23 -14.58 -24.52
N PRO K 30 5.80 -14.27 -25.69
CA PRO K 30 5.17 -14.45 -27.00
C PRO K 30 4.59 -15.82 -27.30
N TYR K 31 3.34 -15.84 -27.73
CA TYR K 31 2.67 -17.07 -28.13
C TYR K 31 2.46 -16.82 -29.62
N LEU K 32 3.48 -17.18 -30.40
CA LEU K 32 3.45 -16.96 -31.83
C LEU K 32 2.86 -18.08 -32.67
N PHE K 33 2.07 -17.69 -33.66
CA PHE K 33 1.42 -18.62 -34.56
C PHE K 33 1.62 -18.19 -36.01
N TRP K 34 1.42 -19.14 -36.91
CA TRP K 34 1.49 -18.89 -38.35
C TRP K 34 0.21 -19.49 -38.91
N TYR K 35 -0.45 -18.77 -39.79
CA TYR K 35 -1.68 -19.24 -40.36
C TYR K 35 -1.64 -19.11 -41.87
N VAL K 36 -2.20 -20.09 -42.56
CA VAL K 36 -2.25 -20.06 -44.01
C VAL K 36 -3.72 -20.05 -44.45
N GLN K 37 -4.01 -19.22 -45.44
CA GLN K 37 -5.37 -19.12 -45.94
C GLN K 37 -5.40 -19.28 -47.45
N TYR K 38 -5.96 -20.39 -47.92
CA TYR K 38 -6.06 -20.62 -49.36
C TYR K 38 -7.37 -19.98 -49.82
N PRO K 39 -7.43 -19.50 -51.07
CA PRO K 39 -8.64 -18.85 -51.61
C PRO K 39 -9.96 -19.47 -51.16
N ARG K 40 -11.00 -18.65 -51.12
CA ARG K 40 -12.35 -19.08 -50.72
C ARG K 40 -12.38 -19.85 -49.40
N GLN K 41 -11.34 -19.71 -48.59
CA GLN K 41 -11.29 -20.42 -47.31
C GLN K 41 -10.95 -19.55 -46.11
N GLY K 42 -10.94 -20.18 -44.94
CA GLY K 42 -10.62 -19.48 -43.72
C GLY K 42 -9.24 -19.89 -43.25
N PRO K 43 -8.46 -18.96 -42.67
CA PRO K 43 -7.12 -19.27 -42.18
C PRO K 43 -7.03 -20.60 -41.43
N GLN K 44 -5.93 -21.30 -41.63
CA GLN K 44 -5.71 -22.58 -40.98
C GLN K 44 -4.42 -22.53 -40.19
N LEU K 45 -4.37 -23.29 -39.10
CA LEU K 45 -3.19 -23.34 -38.27
C LEU K 45 -2.06 -23.89 -39.15
N LEU K 46 -1.00 -23.13 -39.32
CA LEU K 46 0.14 -23.57 -40.14
C LEU K 46 1.21 -24.14 -39.22
N LEU K 47 1.45 -23.47 -38.09
CA LEU K 47 2.44 -23.88 -37.09
C LEU K 47 2.42 -22.87 -35.94
N LYS K 48 2.75 -23.33 -34.74
CA LYS K 48 2.74 -22.47 -33.57
C LYS K 48 3.91 -22.66 -32.60
N TYR K 49 4.28 -21.58 -31.92
CA TYR K 49 5.37 -21.63 -30.94
C TYR K 49 4.83 -21.31 -29.56
N TYR K 50 5.03 -22.25 -28.64
CA TYR K 50 4.57 -22.07 -27.25
C TYR K 50 5.70 -21.38 -26.49
N SER K 51 6.63 -22.20 -26.02
CA SER K 51 7.78 -21.73 -25.27
C SER K 51 8.69 -22.91 -24.99
N GLY K 52 9.66 -23.13 -25.86
CA GLY K 52 10.59 -24.23 -25.70
C GLY K 52 11.63 -24.24 -26.80
N ASP K 53 11.42 -25.07 -27.80
CA ASP K 53 12.35 -25.18 -28.92
C ASP K 53 12.08 -24.03 -29.90
N PRO K 54 12.99 -23.03 -29.92
CA PRO K 54 12.86 -21.86 -30.82
C PRO K 54 12.59 -22.19 -32.28
N VAL K 55 12.90 -23.42 -32.70
CA VAL K 55 12.66 -23.85 -34.07
C VAL K 55 11.36 -24.66 -34.12
N VAL K 56 10.30 -24.02 -34.60
CA VAL K 56 8.99 -24.66 -34.69
C VAL K 56 8.88 -25.68 -35.81
N GLN K 57 8.50 -26.89 -35.44
CA GLN K 57 8.34 -27.99 -36.40
C GLN K 57 6.92 -27.96 -36.96
N GLY K 58 6.73 -27.24 -38.06
CA GLY K 58 5.41 -27.15 -38.65
C GLY K 58 5.01 -28.42 -39.38
N VAL K 59 4.14 -28.27 -40.38
CA VAL K 59 3.68 -29.40 -41.18
C VAL K 59 3.79 -29.03 -42.65
N ASN K 60 3.83 -30.05 -43.50
CA ASN K 60 3.95 -29.84 -44.94
C ASN K 60 5.34 -29.27 -45.27
N GLY K 61 6.32 -29.62 -44.44
CA GLY K 61 7.67 -29.15 -44.65
C GLY K 61 7.86 -27.68 -44.30
N PHE K 62 7.16 -27.23 -43.27
CA PHE K 62 7.26 -25.83 -42.85
C PHE K 62 7.94 -25.72 -41.49
N GLU K 63 8.62 -24.59 -41.28
CA GLU K 63 9.32 -24.36 -40.03
C GLU K 63 9.49 -22.88 -39.76
N ALA K 64 9.43 -22.50 -38.48
CA ALA K 64 9.58 -21.11 -38.07
C ALA K 64 10.51 -21.01 -36.88
N GLU K 65 11.36 -19.99 -36.87
CA GLU K 65 12.32 -19.78 -35.79
C GLU K 65 11.95 -18.60 -34.92
N PHE K 66 11.91 -18.83 -33.61
CA PHE K 66 11.58 -17.78 -32.66
C PHE K 66 12.86 -17.24 -32.03
N SER K 67 13.33 -16.10 -32.50
CA SER K 67 14.53 -15.51 -31.96
C SER K 67 14.20 -14.31 -31.08
N LYS K 68 14.09 -14.55 -29.78
CA LYS K 68 13.79 -13.47 -28.84
C LYS K 68 14.79 -12.36 -29.11
N SER K 69 15.98 -12.75 -29.56
CA SER K 69 17.05 -11.81 -29.88
C SER K 69 16.56 -10.77 -30.88
N ASN K 70 16.44 -11.19 -32.14
CA ASN K 70 15.97 -10.28 -33.19
C ASN K 70 14.46 -10.10 -33.06
N SER K 71 13.89 -10.70 -32.01
CA SER K 71 12.46 -10.62 -31.74
C SER K 71 11.65 -10.81 -33.03
N SER K 72 11.86 -11.96 -33.67
CA SER K 72 11.17 -12.29 -34.90
C SER K 72 10.73 -13.75 -34.90
N PHE K 73 9.78 -14.07 -35.76
CA PHE K 73 9.27 -15.42 -35.89
C PHE K 73 9.12 -15.69 -37.37
N HIS K 74 10.24 -15.73 -38.08
CA HIS K 74 10.26 -15.96 -39.52
C HIS K 74 9.82 -17.35 -39.93
N LEU K 75 9.18 -17.43 -41.10
CA LEU K 75 8.69 -18.70 -41.64
C LEU K 75 9.46 -19.04 -42.91
N ARG K 76 9.94 -20.27 -43.01
CA ARG K 76 10.68 -20.71 -44.18
C ARG K 76 10.43 -22.17 -44.53
N LYS K 77 10.49 -22.48 -45.82
CA LYS K 77 10.28 -23.84 -46.31
C LYS K 77 11.39 -24.21 -47.29
N ALA K 78 11.75 -25.50 -47.31
CA ALA K 78 12.78 -26.00 -48.21
C ALA K 78 12.36 -25.81 -49.67
N SER K 79 11.43 -26.65 -50.12
CA SER K 79 10.95 -26.58 -51.51
C SER K 79 9.54 -26.00 -51.58
N VAL K 80 9.39 -24.96 -52.41
CA VAL K 80 8.13 -24.26 -52.60
C VAL K 80 7.21 -24.97 -53.59
N HIS K 81 6.40 -25.92 -53.11
CA HIS K 81 5.47 -26.62 -53.99
C HIS K 81 4.43 -25.63 -54.50
N ARG K 82 3.97 -25.82 -55.74
CA ARG K 82 2.98 -24.92 -56.31
C ARG K 82 1.64 -25.04 -55.58
N SER K 83 1.53 -26.01 -54.70
CA SER K 83 0.30 -26.22 -53.93
C SER K 83 0.34 -25.35 -52.69
N ASP K 84 1.18 -24.32 -52.72
CA ASP K 84 1.32 -23.40 -51.61
C ASP K 84 1.00 -21.97 -52.02
N SER K 85 0.33 -21.83 -53.15
CA SER K 85 -0.05 -20.52 -53.68
C SER K 85 -1.20 -19.93 -52.86
N ALA K 86 -0.86 -19.28 -51.74
CA ALA K 86 -1.87 -18.69 -50.86
C ALA K 86 -1.28 -17.60 -49.98
N VAL K 87 -2.15 -16.92 -49.21
CA VAL K 87 -1.71 -15.85 -48.31
C VAL K 87 -1.35 -16.39 -46.93
N TYR K 88 -0.31 -15.80 -46.34
CA TYR K 88 0.19 -16.21 -45.04
C TYR K 88 0.08 -15.10 -43.98
N PHE K 89 -0.41 -15.47 -42.80
CA PHE K 89 -0.59 -14.53 -41.69
C PHE K 89 0.15 -15.02 -40.48
N CYS K 90 0.88 -14.12 -39.84
CA CYS K 90 1.62 -14.42 -38.63
C CYS K 90 0.84 -13.67 -37.54
N ALA K 91 0.73 -14.24 -36.34
CA ALA K 91 -0.03 -13.57 -35.30
C ALA K 91 0.39 -13.93 -33.89
N VAL K 92 -0.23 -13.25 -32.93
CA VAL K 92 0.03 -13.48 -31.51
C VAL K 92 -1.29 -13.67 -30.77
N SER K 93 -1.25 -14.47 -29.70
CA SER K 93 -2.43 -14.73 -28.89
C SER K 93 -2.64 -13.55 -27.94
N GLY K 94 -3.91 -13.25 -27.67
CA GLY K 94 -4.23 -12.14 -26.77
C GLY K 94 -4.60 -12.59 -25.37
N PHE K 95 -5.09 -11.64 -24.57
CA PHE K 95 -5.51 -11.92 -23.20
C PHE K 95 -6.74 -12.83 -23.14
N ALA K 96 -7.63 -12.68 -24.11
CA ALA K 96 -8.84 -13.49 -24.18
C ALA K 96 -8.65 -14.65 -25.16
N SER K 97 -7.38 -14.95 -25.45
CA SER K 97 -7.03 -16.02 -26.37
C SER K 97 -7.46 -15.69 -27.80
N ALA K 98 -7.36 -14.43 -28.17
CA ALA K 98 -7.72 -14.02 -29.52
C ALA K 98 -6.46 -13.76 -30.32
N LEU K 99 -6.50 -14.09 -31.60
CA LEU K 99 -5.34 -13.89 -32.47
C LEU K 99 -5.31 -12.51 -33.06
N THR K 100 -4.12 -11.92 -33.07
CA THR K 100 -3.90 -10.61 -33.67
C THR K 100 -2.99 -10.88 -34.87
N PHE K 101 -3.58 -10.85 -36.06
CA PHE K 101 -2.87 -11.13 -37.30
C PHE K 101 -2.04 -10.00 -37.89
N GLY K 102 -0.94 -10.39 -38.55
CA GLY K 102 -0.08 -9.41 -39.19
C GLY K 102 -0.67 -9.04 -40.54
N SER K 103 -0.02 -8.09 -41.23
CA SER K 103 -0.47 -7.62 -42.54
C SER K 103 -0.88 -8.74 -43.50
N GLY K 104 -0.06 -9.78 -43.58
CA GLY K 104 -0.36 -10.90 -44.47
C GLY K 104 0.44 -10.88 -45.76
N THR K 105 1.15 -11.97 -46.05
CA THR K 105 1.96 -12.08 -47.25
C THR K 105 1.37 -13.06 -48.26
N LYS K 106 1.14 -12.60 -49.49
CA LYS K 106 0.59 -13.47 -50.53
C LYS K 106 1.71 -14.11 -51.35
N VAL K 107 1.68 -15.44 -51.45
CA VAL K 107 2.70 -16.16 -52.18
C VAL K 107 2.18 -16.76 -53.49
N ILE K 108 2.80 -16.37 -54.59
CA ILE K 108 2.43 -16.86 -55.92
C ILE K 108 3.57 -17.75 -56.43
N VAL K 109 3.35 -19.05 -56.41
CA VAL K 109 4.35 -20.02 -56.86
C VAL K 109 4.28 -20.21 -58.38
N LEU K 110 5.41 -20.04 -59.06
CA LEU K 110 5.48 -20.20 -60.51
C LEU K 110 5.66 -21.67 -60.91
N ALA L 3 -16.86 -28.83 -37.90
CA ALA L 3 -16.37 -28.11 -36.70
C ALA L 3 -17.05 -26.74 -36.61
N VAL L 4 -16.47 -25.75 -37.27
CA VAL L 4 -16.99 -24.39 -37.28
C VAL L 4 -17.90 -24.23 -38.49
N THR L 5 -19.18 -23.99 -38.23
CA THR L 5 -20.20 -23.85 -39.27
C THR L 5 -20.76 -22.44 -39.39
N GLN L 6 -20.41 -21.70 -40.43
CA GLN L 6 -20.95 -20.36 -40.58
C GLN L 6 -22.20 -20.48 -41.46
N SER L 7 -22.90 -19.37 -41.65
CA SER L 7 -24.12 -19.36 -42.44
C SER L 7 -24.82 -18.02 -42.34
N PRO L 8 -25.28 -17.46 -43.46
CA PRO L 8 -25.18 -18.03 -44.81
C PRO L 8 -23.77 -17.95 -45.39
N ARG L 9 -23.60 -18.48 -46.60
CA ARG L 9 -22.30 -18.47 -47.27
C ARG L 9 -22.15 -17.16 -48.05
N ASN L 10 -23.24 -16.74 -48.68
CA ASN L 10 -23.28 -15.51 -49.45
C ASN L 10 -24.45 -14.71 -48.92
N LYS L 11 -24.33 -13.39 -48.96
CA LYS L 11 -25.41 -12.54 -48.52
C LYS L 11 -25.36 -11.19 -49.22
N VAL L 12 -26.48 -10.81 -49.83
CA VAL L 12 -26.59 -9.54 -50.53
C VAL L 12 -27.68 -8.76 -49.82
N ALA L 13 -27.30 -7.65 -49.22
CA ALA L 13 -28.26 -6.82 -48.49
C ALA L 13 -28.34 -5.39 -48.98
N VAL L 14 -29.54 -4.84 -48.91
CA VAL L 14 -29.80 -3.46 -49.31
C VAL L 14 -29.33 -2.56 -48.16
N THR L 15 -28.65 -1.47 -48.49
CA THR L 15 -28.17 -0.56 -47.46
C THR L 15 -29.33 -0.25 -46.53
N GLY L 16 -29.15 -0.54 -45.24
CA GLY L 16 -30.21 -0.27 -44.27
C GLY L 16 -30.89 -1.53 -43.76
N GLU L 17 -30.72 -2.63 -44.49
CA GLU L 17 -31.33 -3.90 -44.10
C GLU L 17 -30.63 -4.50 -42.87
N LYS L 18 -31.37 -5.30 -42.11
CA LYS L 18 -30.82 -5.94 -40.91
C LYS L 18 -30.20 -7.28 -41.31
N VAL L 19 -28.91 -7.43 -41.07
CA VAL L 19 -28.21 -8.66 -41.42
C VAL L 19 -27.76 -9.47 -40.21
N THR L 20 -28.04 -10.77 -40.23
CA THR L 20 -27.64 -11.65 -39.15
C THR L 20 -26.81 -12.82 -39.66
N LEU L 21 -25.63 -13.01 -39.09
CA LEU L 21 -24.76 -14.11 -39.49
C LEU L 21 -24.72 -15.11 -38.35
N SER L 22 -24.78 -16.39 -38.70
CA SER L 22 -24.77 -17.42 -37.66
C SER L 22 -23.49 -18.22 -37.65
N CYS L 23 -23.17 -18.78 -36.50
CA CYS L 23 -21.98 -19.58 -36.36
C CYS L 23 -22.17 -20.67 -35.34
N ASN L 24 -21.87 -21.89 -35.75
CA ASN L 24 -21.99 -23.02 -34.86
C ASN L 24 -20.63 -23.69 -34.72
N GLN L 25 -20.34 -24.19 -33.53
CA GLN L 25 -19.08 -24.86 -33.27
C GLN L 25 -19.38 -26.04 -32.38
N THR L 26 -19.00 -27.22 -32.84
CA THR L 26 -19.24 -28.46 -32.11
C THR L 26 -18.00 -28.96 -31.39
N ASN L 27 -17.00 -28.09 -31.27
CA ASN L 27 -15.75 -28.45 -30.62
C ASN L 27 -15.83 -28.34 -29.11
N ASN L 28 -17.01 -28.03 -28.59
CA ASN L 28 -17.21 -27.86 -27.16
C ASN L 28 -16.22 -26.83 -26.59
N HIS L 29 -15.91 -25.83 -27.40
CA HIS L 29 -15.00 -24.75 -27.03
C HIS L 29 -15.80 -23.65 -26.34
N ASN L 30 -15.16 -22.92 -25.43
CA ASN L 30 -15.82 -21.82 -24.72
C ASN L 30 -15.73 -20.50 -25.45
N ASN L 31 -14.56 -20.20 -26.00
CA ASN L 31 -14.39 -18.93 -26.70
C ASN L 31 -14.87 -18.96 -28.14
N MET L 32 -15.42 -17.83 -28.59
CA MET L 32 -15.90 -17.70 -29.95
C MET L 32 -15.62 -16.28 -30.42
N TYR L 33 -15.21 -16.14 -31.67
CA TYR L 33 -14.88 -14.82 -32.19
C TYR L 33 -15.50 -14.54 -33.53
N TRP L 34 -15.51 -13.28 -33.92
CA TRP L 34 -16.03 -12.88 -35.22
C TRP L 34 -15.06 -11.87 -35.82
N TYR L 35 -14.51 -12.21 -36.99
CA TYR L 35 -13.59 -11.31 -37.67
C TYR L 35 -14.19 -10.94 -39.01
N ARG L 36 -13.72 -9.84 -39.57
CA ARG L 36 -14.15 -9.44 -40.89
C ARG L 36 -12.84 -9.16 -41.62
N GLN L 37 -12.74 -9.61 -42.86
CA GLN L 37 -11.53 -9.43 -43.64
C GLN L 37 -11.82 -8.79 -44.98
N ASP L 38 -11.27 -7.60 -45.19
CA ASP L 38 -11.43 -6.92 -46.48
C ASP L 38 -10.41 -7.54 -47.41
N THR L 39 -10.81 -7.75 -48.67
CA THR L 39 -9.92 -8.37 -49.65
C THR L 39 -8.51 -7.78 -49.63
N GLY L 40 -7.53 -8.66 -49.48
CA GLY L 40 -6.15 -8.25 -49.46
C GLY L 40 -5.65 -7.74 -48.12
N HIS L 41 -6.25 -8.19 -47.04
CA HIS L 41 -5.83 -7.75 -45.71
C HIS L 41 -5.94 -8.86 -44.67
N GLU L 42 -5.68 -8.49 -43.41
CA GLU L 42 -5.75 -9.45 -42.31
C GLU L 42 -7.14 -9.49 -41.68
N LEU L 43 -7.30 -10.43 -40.76
CA LEU L 43 -8.56 -10.59 -40.04
C LEU L 43 -8.55 -9.65 -38.85
N ARG L 44 -9.63 -8.88 -38.70
CA ARG L 44 -9.76 -7.95 -37.57
C ARG L 44 -11.01 -8.34 -36.80
N LEU L 45 -10.86 -8.70 -35.53
CA LEU L 45 -12.04 -9.09 -34.77
C LEU L 45 -12.98 -7.95 -34.45
N ILE L 46 -14.26 -8.29 -34.54
CA ILE L 46 -15.36 -7.38 -34.28
C ILE L 46 -15.84 -7.58 -32.84
N HIS L 47 -16.21 -8.81 -32.51
CA HIS L 47 -16.68 -9.16 -31.18
C HIS L 47 -16.19 -10.54 -30.80
N TYR L 48 -16.12 -10.82 -29.50
CA TYR L 48 -15.70 -12.13 -29.03
C TYR L 48 -16.54 -12.48 -27.81
N SER L 49 -16.52 -13.76 -27.43
CA SER L 49 -17.30 -14.21 -26.28
C SER L 49 -16.59 -15.34 -25.60
N TYR L 50 -16.61 -15.37 -24.27
CA TYR L 50 -15.93 -16.42 -23.55
C TYR L 50 -16.87 -17.48 -23.00
N GLY L 51 -18.11 -17.49 -23.48
CA GLY L 51 -19.05 -18.47 -23.00
C GLY L 51 -20.46 -18.05 -23.29
N ALA L 52 -21.42 -18.94 -23.06
CA ALA L 52 -22.82 -18.61 -23.31
C ALA L 52 -23.20 -17.41 -22.45
N GLY L 53 -23.98 -16.50 -23.03
CA GLY L 53 -24.43 -15.32 -22.32
C GLY L 53 -23.44 -14.16 -22.37
N SER L 54 -22.21 -14.44 -22.74
CA SER L 54 -21.18 -13.41 -22.81
C SER L 54 -20.88 -12.86 -24.19
N THR L 55 -20.50 -11.58 -24.22
CA THR L 55 -20.11 -10.89 -25.44
C THR L 55 -19.36 -9.61 -25.08
N GLU L 56 -18.17 -9.44 -25.68
CA GLU L 56 -17.32 -8.28 -25.44
C GLU L 56 -16.93 -7.68 -26.78
N LYS L 57 -16.58 -6.39 -26.77
CA LYS L 57 -16.18 -5.70 -28.00
C LYS L 57 -14.75 -6.03 -28.40
N GLY L 58 -14.51 -5.98 -29.71
CA GLY L 58 -13.18 -6.27 -30.22
C GLY L 58 -12.51 -5.00 -30.71
N ASP L 59 -11.69 -5.12 -31.74
CA ASP L 59 -10.97 -3.99 -32.31
C ASP L 59 -11.86 -3.09 -33.16
N ILE L 60 -12.86 -3.68 -33.80
CA ILE L 60 -13.73 -2.89 -34.65
C ILE L 60 -15.21 -3.23 -34.47
N PRO L 61 -15.75 -2.97 -33.27
CA PRO L 61 -17.16 -3.27 -32.98
C PRO L 61 -18.18 -2.32 -33.61
N ASP L 62 -17.82 -1.05 -33.78
CA ASP L 62 -18.76 -0.09 -34.35
C ASP L 62 -19.58 -0.64 -35.52
N GLY L 63 -20.89 -0.54 -35.41
CA GLY L 63 -21.77 -1.00 -36.46
C GLY L 63 -22.27 -2.41 -36.27
N TYR L 64 -21.60 -3.17 -35.41
CA TYR L 64 -21.97 -4.56 -35.17
C TYR L 64 -22.36 -4.88 -33.72
N LYS L 65 -23.17 -5.92 -33.58
CA LYS L 65 -23.61 -6.41 -32.26
C LYS L 65 -23.61 -7.92 -32.32
N ALA L 66 -23.01 -8.56 -31.33
CA ALA L 66 -22.95 -10.01 -31.28
C ALA L 66 -23.87 -10.55 -30.19
N SER L 67 -24.20 -11.83 -30.29
CA SER L 67 -25.07 -12.46 -29.32
C SER L 67 -24.62 -13.91 -29.14
N ARG L 68 -24.53 -14.36 -27.89
CA ARG L 68 -24.09 -15.72 -27.58
C ARG L 68 -25.13 -16.39 -26.67
N PRO L 69 -26.29 -16.77 -27.24
CA PRO L 69 -27.40 -17.42 -26.53
C PRO L 69 -27.14 -18.86 -26.07
N SER L 70 -26.13 -19.49 -26.63
CA SER L 70 -25.80 -20.86 -26.25
C SER L 70 -24.32 -21.14 -26.44
N GLN L 71 -23.83 -22.18 -25.79
CA GLN L 71 -22.44 -22.55 -25.86
C GLN L 71 -21.95 -22.82 -27.28
N GLU L 72 -22.86 -23.22 -28.14
CA GLU L 72 -22.50 -23.53 -29.52
C GLU L 72 -22.70 -22.43 -30.55
N ASN L 73 -23.58 -21.48 -30.27
CA ASN L 73 -23.84 -20.43 -31.24
C ASN L 73 -23.48 -19.01 -30.86
N PHE L 74 -22.88 -18.31 -31.82
CA PHE L 74 -22.46 -16.93 -31.65
C PHE L 74 -22.84 -16.22 -32.93
N SER L 75 -23.92 -15.45 -32.92
CA SER L 75 -24.32 -14.76 -34.13
C SER L 75 -23.85 -13.32 -34.15
N LEU L 76 -23.63 -12.80 -35.35
CA LEU L 76 -23.19 -11.42 -35.55
C LEU L 76 -24.38 -10.67 -36.13
N ILE L 77 -24.69 -9.52 -35.54
CA ILE L 77 -25.84 -8.72 -35.97
C ILE L 77 -25.48 -7.37 -36.56
N LEU L 78 -26.12 -7.02 -37.68
CA LEU L 78 -25.92 -5.72 -38.32
C LEU L 78 -27.32 -5.11 -38.34
N GLU L 79 -27.58 -4.20 -37.42
CA GLU L 79 -28.90 -3.58 -37.35
C GLU L 79 -29.28 -2.80 -38.60
N SER L 80 -28.40 -1.93 -39.06
CA SER L 80 -28.67 -1.12 -40.25
C SER L 80 -27.46 -1.19 -41.19
N ALA L 81 -27.45 -2.20 -42.05
CA ALA L 81 -26.32 -2.42 -42.98
C ALA L 81 -25.84 -1.22 -43.78
N THR L 82 -24.53 -1.07 -43.89
CA THR L 82 -23.92 0.01 -44.64
C THR L 82 -22.90 -0.54 -45.64
N PRO L 83 -22.70 0.15 -46.78
CA PRO L 83 -21.75 -0.28 -47.81
C PRO L 83 -20.37 -0.64 -47.25
N SER L 84 -19.94 0.07 -46.23
CA SER L 84 -18.63 -0.19 -45.64
C SER L 84 -18.54 -1.56 -44.97
N GLN L 85 -19.70 -2.17 -44.74
CA GLN L 85 -19.72 -3.48 -44.10
C GLN L 85 -19.55 -4.60 -45.13
N THR L 86 -19.51 -4.23 -46.40
CA THR L 86 -19.30 -5.21 -47.45
C THR L 86 -17.93 -5.79 -47.17
N SER L 87 -17.87 -7.10 -47.01
CA SER L 87 -16.61 -7.77 -46.69
C SER L 87 -16.87 -9.25 -46.49
N VAL L 88 -15.83 -9.99 -46.09
CA VAL L 88 -15.96 -11.41 -45.84
C VAL L 88 -15.80 -11.57 -44.34
N TYR L 89 -16.74 -12.26 -43.72
CA TYR L 89 -16.70 -12.46 -42.27
C TYR L 89 -16.36 -13.87 -41.88
N PHE L 90 -15.47 -14.00 -40.91
CA PHE L 90 -15.08 -15.31 -40.43
C PHE L 90 -15.39 -15.48 -38.95
N CYS L 91 -15.83 -16.68 -38.62
CA CYS L 91 -16.16 -17.05 -37.26
C CYS L 91 -15.04 -17.97 -36.81
N ALA L 92 -14.74 -17.96 -35.51
CA ALA L 92 -13.68 -18.81 -35.00
C ALA L 92 -14.07 -19.42 -33.67
N SER L 93 -13.48 -20.55 -33.35
CA SER L 93 -13.74 -21.26 -32.12
C SER L 93 -12.43 -21.33 -31.36
N GLY L 94 -12.51 -21.57 -30.05
CA GLY L 94 -11.30 -21.65 -29.24
C GLY L 94 -11.50 -22.21 -27.84
N GLY L 95 -10.53 -23.00 -27.40
CA GLY L 95 -10.57 -23.60 -26.08
C GLY L 95 -9.14 -24.00 -25.81
N GLY L 96 -8.49 -24.46 -26.88
CA GLY L 96 -7.10 -24.86 -26.82
C GLY L 96 -6.31 -23.86 -27.65
N GLY L 97 -5.36 -23.17 -27.01
CA GLY L 97 -4.50 -22.19 -27.65
C GLY L 97 -4.83 -21.57 -29.01
N THR L 98 -5.04 -22.41 -30.01
CA THR L 98 -5.33 -21.95 -31.37
C THR L 98 -6.81 -21.71 -31.67
N LEU L 99 -7.04 -20.88 -32.69
CA LEU L 99 -8.38 -20.54 -33.15
C LEU L 99 -8.75 -21.31 -34.42
N TYR L 100 -9.91 -21.95 -34.39
CA TYR L 100 -10.39 -22.72 -35.52
C TYR L 100 -11.46 -21.92 -36.26
N PHE L 101 -11.08 -21.36 -37.40
CA PHE L 101 -11.99 -20.56 -38.20
C PHE L 101 -13.01 -21.36 -39.00
N GLY L 102 -13.95 -20.65 -39.60
CA GLY L 102 -14.97 -21.28 -40.42
C GLY L 102 -14.76 -20.91 -41.89
N ALA L 103 -15.58 -21.45 -42.77
CA ALA L 103 -15.44 -21.20 -44.20
C ALA L 103 -15.41 -19.72 -44.57
N GLY L 104 -16.27 -18.93 -43.95
CA GLY L 104 -16.31 -17.52 -44.25
C GLY L 104 -17.62 -17.14 -44.89
N THR L 105 -17.96 -15.85 -44.86
CA THR L 105 -19.21 -15.39 -45.43
C THR L 105 -19.01 -14.13 -46.23
N ARG L 106 -19.49 -14.13 -47.47
CA ARG L 106 -19.38 -12.96 -48.33
C ARG L 106 -20.64 -12.12 -48.21
N LEU L 107 -20.45 -10.87 -47.79
CA LEU L 107 -21.55 -9.95 -47.64
C LEU L 107 -21.31 -8.71 -48.48
N SER L 108 -22.32 -8.34 -49.25
CA SER L 108 -22.26 -7.15 -50.09
C SER L 108 -23.46 -6.27 -49.78
N VAL L 109 -23.18 -5.02 -49.42
CA VAL L 109 -24.22 -4.07 -49.11
C VAL L 109 -24.31 -3.14 -50.33
N LEU L 110 -25.42 -3.19 -51.03
CA LEU L 110 -25.63 -2.38 -52.23
C LEU L 110 -26.14 -0.97 -51.96
N SER L 111 -26.91 -0.44 -52.91
CA SER L 111 -27.51 0.89 -52.83
C SER L 111 -26.50 2.01 -52.60
N SER L 112 -27.01 3.24 -52.52
CA SER L 112 -26.22 4.44 -52.30
C SER L 112 -25.65 5.02 -53.61
N ALA L 113 -26.46 5.83 -54.30
CA ALA L 113 -26.04 6.44 -55.56
C ALA L 113 -25.12 7.64 -55.32
#